data_7Q4G
#
_entry.id   7Q4G
#
_cell.length_a   61.117
_cell.length_b   123.517
_cell.length_c   78.300
_cell.angle_alpha   90.000
_cell.angle_beta   98.020
_cell.angle_gamma   90.000
#
_symmetry.space_group_name_H-M   'P 1 21 1'
#
loop_
_entity.id
_entity.type
_entity.pdbx_description
1 polymer 'Coproheme decarboxylase from Corynebacterium diphtheriae Y135A mutant in complex with coproheme'
2 non-polymer '1,3,5,8-TETRAMETHYL-PORPHINE-2,4,6,7-TETRAPROPIONIC ACID FERROUS COMPLEX'
3 non-polymer DI(HYDROXYETHYL)ETHER
4 water water
#
_entity_poly.entity_id   1
_entity_poly.type   'polypeptide(L)'
_entity_poly.pdbx_seq_one_letter_code
;GPMAEKLNFEELNSMQRYSQFAVFRAIPGALGSDRAEIVAQAQSFFDGLETAGKVEVRGIYDLAGCRAEADFMIWWIAEE
FEEIQAAFARFRRETVLGQVSEVAWLGNSLHRPAEFNRSHLPSFIMGEIPGDWITVAPFVRSYDWYIMDPQKRRKILAEH
GQAARDFPDVRANTVPAFALGDYEWMLAFEAPRLDRIVDLMHKMRYTEARLHVREETPFFTGRRVSEVSELVNVLPG
;
_entity_poly.pdbx_strand_id   A,B,C,D,E
#
loop_
_chem_comp.id
_chem_comp.type
_chem_comp.name
_chem_comp.formula
FEC non-polymer '1,3,5,8-TETRAMETHYL-PORPHINE-2,4,6,7-TETRAPROPIONIC ACID FERROUS COMPLEX' 'C36 H36 Fe N4 O8 2'
PEG non-polymer DI(HYDROXYETHYL)ETHER 'C4 H10 O3'
#
# COMPACT_ATOMS: atom_id res chain seq x y z
N ASN A 8 -8.91 -36.36 -22.90
CA ASN A 8 -9.40 -35.70 -24.11
C ASN A 8 -10.43 -34.62 -23.78
N PHE A 9 -11.59 -35.03 -23.28
CA PHE A 9 -12.63 -34.11 -22.81
C PHE A 9 -12.80 -32.92 -23.75
N GLU A 10 -12.96 -33.21 -25.05
CA GLU A 10 -13.02 -32.14 -26.03
C GLU A 10 -14.03 -31.06 -25.64
N GLU A 11 -15.26 -31.47 -25.32
CA GLU A 11 -16.33 -30.50 -25.07
C GLU A 11 -16.11 -29.73 -23.79
N LEU A 12 -15.69 -30.42 -22.72
CA LEU A 12 -15.44 -29.72 -21.46
C LEU A 12 -14.26 -28.75 -21.60
N ASN A 13 -13.27 -29.08 -22.43
CA ASN A 13 -12.13 -28.17 -22.61
C ASN A 13 -12.45 -26.96 -23.48
N SER A 14 -13.32 -27.11 -24.47
CA SER A 14 -13.66 -26.03 -25.39
C SER A 14 -14.79 -25.14 -24.90
N MET A 15 -15.52 -25.58 -23.92
CA MET A 15 -16.56 -24.81 -23.24
C MET A 15 -16.13 -23.40 -22.88
N GLN A 16 -17.04 -22.43 -23.04
CA GLN A 16 -16.80 -21.06 -22.64
C GLN A 16 -17.52 -20.78 -21.32
N ARG A 17 -16.76 -20.52 -20.24
CA ARG A 17 -17.35 -20.13 -18.96
C ARG A 17 -16.46 -19.10 -18.29
N TYR A 18 -17.04 -17.94 -17.97
CA TYR A 18 -16.42 -16.98 -17.09
C TYR A 18 -16.82 -17.31 -15.66
N SER A 19 -15.85 -17.11 -14.73
CA SER A 19 -16.09 -17.34 -13.33
C SER A 19 -15.68 -16.10 -12.54
N GLN A 20 -16.51 -15.70 -11.59
CA GLN A 20 -16.16 -14.59 -10.72
C GLN A 20 -16.30 -14.93 -9.23
N PHE A 21 -15.28 -14.60 -8.47
CA PHE A 21 -15.33 -14.56 -7.01
C PHE A 21 -15.58 -13.12 -6.60
N ALA A 22 -16.76 -12.85 -6.11
CA ALA A 22 -17.15 -11.47 -5.75
C ALA A 22 -17.12 -11.41 -4.22
N VAL A 23 -16.08 -10.78 -3.68
CA VAL A 23 -15.87 -10.67 -2.23
C VAL A 23 -16.40 -9.32 -1.75
N PHE A 24 -17.29 -9.36 -0.76
CA PHE A 24 -17.87 -8.17 -0.19
C PHE A 24 -17.48 -8.03 1.28
N ARG A 25 -17.55 -6.80 1.76
CA ARG A 25 -17.32 -6.46 3.14
C ARG A 25 -18.55 -5.74 3.67
N ALA A 26 -18.83 -5.96 4.94
CA ALA A 26 -19.99 -5.32 5.58
C ALA A 26 -19.67 -3.90 5.99
N ILE A 27 -20.66 -3.02 5.83
CA ILE A 27 -20.54 -1.62 6.26
C ILE A 27 -21.12 -1.52 7.67
N PRO A 28 -20.31 -1.36 8.70
CA PRO A 28 -20.87 -1.29 10.06
C PRO A 28 -21.91 -0.19 10.16
N GLY A 29 -23.00 -0.49 10.88
CA GLY A 29 -24.09 0.45 11.05
C GLY A 29 -25.13 0.41 9.95
N ALA A 30 -24.84 -0.27 8.83
CA ALA A 30 -25.77 -0.26 7.69
C ALA A 30 -26.88 -1.29 7.84
N LEU A 31 -26.55 -2.51 8.27
CA LEU A 31 -27.52 -3.58 8.22
C LEU A 31 -28.53 -3.47 9.35
N GLY A 32 -28.06 -3.20 10.56
CA GLY A 32 -28.99 -3.15 11.68
C GLY A 32 -29.48 -4.54 12.10
N SER A 33 -30.48 -4.53 12.96
CA SER A 33 -31.06 -5.75 13.50
C SER A 33 -32.35 -6.20 12.78
N ASP A 34 -32.87 -5.43 11.81
CA ASP A 34 -34.03 -5.82 11.01
C ASP A 34 -33.55 -6.47 9.72
N ARG A 35 -33.63 -7.79 9.63
CA ARG A 35 -32.98 -8.53 8.57
C ARG A 35 -33.84 -9.53 7.82
N ALA A 36 -34.98 -9.95 8.36
CA ALA A 36 -35.79 -10.99 7.71
C ALA A 36 -36.17 -10.56 6.28
N GLU A 37 -36.65 -9.32 6.11
CA GLU A 37 -37.04 -8.89 4.74
C GLU A 37 -35.84 -8.75 3.83
N ILE A 38 -34.69 -8.36 4.38
CA ILE A 38 -33.47 -8.29 3.56
C ILE A 38 -33.10 -9.67 3.06
N VAL A 39 -33.23 -10.68 3.93
CA VAL A 39 -32.97 -12.06 3.51
C VAL A 39 -33.95 -12.48 2.41
N ALA A 40 -35.24 -12.22 2.62
CA ALA A 40 -36.25 -12.62 1.65
C ALA A 40 -36.01 -11.96 0.29
N GLN A 41 -35.59 -10.68 0.30
CA GLN A 41 -35.34 -10.00 -0.96
C GLN A 41 -34.11 -10.57 -1.64
N ALA A 42 -33.06 -10.83 -0.89
CA ALA A 42 -31.86 -11.43 -1.48
C ALA A 42 -32.17 -12.82 -2.01
N GLN A 43 -32.91 -13.63 -1.25
CA GLN A 43 -33.26 -14.96 -1.72
C GLN A 43 -34.02 -14.88 -3.04
N SER A 44 -34.94 -13.91 -3.15
CA SER A 44 -35.68 -13.75 -4.40
C SER A 44 -34.80 -13.22 -5.52
N PHE A 45 -33.73 -12.48 -5.19
CA PHE A 45 -32.77 -12.10 -6.21
C PHE A 45 -32.01 -13.32 -6.74
N PHE A 46 -31.57 -14.22 -5.87
CA PHE A 46 -30.88 -15.41 -6.33
C PHE A 46 -31.84 -16.38 -6.98
N ASP A 47 -33.06 -16.54 -6.44
CA ASP A 47 -34.04 -17.35 -7.13
C ASP A 47 -34.24 -16.86 -8.56
N GLY A 48 -34.35 -15.54 -8.74
CA GLY A 48 -34.51 -15.00 -10.08
C GLY A 48 -33.34 -15.31 -11.00
N LEU A 49 -32.11 -15.24 -10.48
CA LEU A 49 -30.96 -15.58 -11.29
C LEU A 49 -31.04 -17.04 -11.74
N GLU A 50 -31.46 -17.93 -10.84
CA GLU A 50 -31.60 -19.34 -11.21
C GLU A 50 -32.61 -19.52 -12.34
N THR A 51 -33.77 -18.91 -12.21
CA THR A 51 -34.81 -19.12 -13.21
C THR A 51 -34.42 -18.55 -14.56
N ALA A 52 -33.67 -17.44 -14.58
CA ALA A 52 -33.19 -16.92 -15.85
C ALA A 52 -32.16 -17.84 -16.49
N GLY A 53 -31.49 -18.68 -15.69
CA GLY A 53 -30.63 -19.71 -16.25
C GLY A 53 -29.32 -19.24 -16.89
N LYS A 54 -28.95 -17.96 -16.73
CA LYS A 54 -27.73 -17.44 -17.34
C LYS A 54 -26.54 -17.45 -16.38
N VAL A 55 -26.78 -17.09 -15.13
CA VAL A 55 -25.71 -16.99 -14.12
C VAL A 55 -25.95 -18.09 -13.12
N GLU A 56 -24.93 -18.93 -12.92
CA GLU A 56 -24.99 -20.07 -12.01
C GLU A 56 -24.20 -19.72 -10.75
N VAL A 57 -24.89 -19.69 -9.62
CA VAL A 57 -24.27 -19.42 -8.33
C VAL A 57 -23.77 -20.76 -7.77
N ARG A 58 -22.46 -20.93 -7.73
CA ARG A 58 -21.87 -22.14 -7.18
C ARG A 58 -21.89 -22.12 -5.67
N GLY A 59 -21.84 -20.95 -5.06
CA GLY A 59 -21.89 -20.90 -3.61
C GLY A 59 -21.90 -19.46 -3.12
N ILE A 60 -22.43 -19.29 -1.92
CA ILE A 60 -22.27 -18.08 -1.14
C ILE A 60 -21.51 -18.49 0.13
N TYR A 61 -20.50 -17.75 0.48
CA TYR A 61 -19.55 -18.18 1.50
C TYR A 61 -19.47 -17.19 2.65
N ASP A 62 -19.50 -17.74 3.86
CA ASP A 62 -19.26 -16.95 5.09
C ASP A 62 -17.75 -16.87 5.32
N LEU A 63 -17.15 -15.71 5.12
CA LEU A 63 -15.72 -15.49 5.32
C LEU A 63 -15.41 -14.92 6.71
N ALA A 64 -16.38 -14.87 7.58
CA ALA A 64 -16.18 -14.26 8.89
C ALA A 64 -14.91 -14.77 9.54
N GLY A 65 -14.01 -13.86 9.89
CA GLY A 65 -12.81 -14.24 10.64
C GLY A 65 -11.62 -14.63 9.81
N CYS A 66 -11.74 -14.67 8.48
CA CYS A 66 -10.60 -14.96 7.63
C CYS A 66 -9.60 -13.80 7.58
N ARG A 67 -10.09 -12.58 7.35
CA ARG A 67 -9.19 -11.45 7.11
C ARG A 67 -9.96 -10.15 7.36
N ALA A 68 -9.21 -9.12 7.68
CA ALA A 68 -9.80 -7.80 7.84
C ALA A 68 -10.38 -7.36 6.50
N GLU A 69 -11.50 -6.67 6.58
CA GLU A 69 -12.07 -5.98 5.40
C GLU A 69 -12.69 -6.93 4.37
N ALA A 70 -13.04 -8.17 4.78
CA ALA A 70 -13.86 -9.04 3.95
C ALA A 70 -14.80 -9.79 4.86
N ASP A 71 -16.00 -10.05 4.40
CA ASP A 71 -17.03 -10.76 5.20
C ASP A 71 -17.76 -11.85 4.43
N PHE A 72 -17.96 -11.67 3.11
CA PHE A 72 -18.62 -12.76 2.40
C PHE A 72 -18.28 -12.74 0.94
N MET A 73 -18.59 -13.86 0.27
CA MET A 73 -18.22 -14.06 -1.12
C MET A 73 -19.33 -14.75 -1.88
N ILE A 74 -19.52 -14.32 -3.14
CA ILE A 74 -20.38 -15.00 -4.09
C ILE A 74 -19.47 -15.62 -5.15
N TRP A 75 -19.66 -16.89 -5.47
CA TRP A 75 -18.98 -17.54 -6.59
C TRP A 75 -20.04 -17.88 -7.62
N TRP A 76 -20.01 -17.15 -8.76
CA TRP A 76 -20.96 -17.37 -9.81
C TRP A 76 -20.27 -17.44 -11.15
N ILE A 77 -20.95 -18.08 -12.09
CA ILE A 77 -20.40 -18.56 -13.35
C ILE A 77 -21.42 -18.31 -14.47
N ALA A 78 -20.93 -17.85 -15.62
CA ALA A 78 -21.83 -17.58 -16.74
C ALA A 78 -21.06 -17.77 -18.04
N GLU A 79 -21.80 -18.06 -19.09
CA GLU A 79 -21.15 -18.27 -20.38
C GLU A 79 -20.52 -16.96 -20.89
N GLU A 80 -21.15 -15.84 -20.60
CA GLU A 80 -20.69 -14.54 -21.08
C GLU A 80 -20.39 -13.62 -19.90
N PHE A 81 -19.24 -12.96 -19.96
CA PHE A 81 -18.89 -12.05 -18.88
C PHE A 81 -19.92 -10.95 -18.66
N GLU A 82 -20.56 -10.48 -19.73
CA GLU A 82 -21.56 -9.43 -19.57
C GLU A 82 -22.72 -9.89 -18.71
N GLU A 83 -23.03 -11.18 -18.71
CA GLU A 83 -24.08 -11.71 -17.83
C GLU A 83 -23.62 -11.65 -16.35
N ILE A 84 -22.36 -11.87 -16.07
CA ILE A 84 -21.85 -11.67 -14.71
C ILE A 84 -21.91 -10.18 -14.33
N GLN A 85 -21.42 -9.30 -15.22
CA GLN A 85 -21.50 -7.88 -14.95
C GLN A 85 -22.92 -7.48 -14.59
N ALA A 86 -23.91 -8.01 -15.33
CA ALA A 86 -25.28 -7.56 -15.12
C ALA A 86 -25.81 -8.02 -13.79
N ALA A 87 -25.47 -9.25 -13.42
CA ALA A 87 -25.89 -9.81 -12.13
C ALA A 87 -25.18 -9.11 -10.99
N PHE A 88 -23.87 -8.90 -11.14
CA PHE A 88 -23.10 -8.16 -10.15
C PHE A 88 -23.68 -6.78 -9.96
N ALA A 89 -23.89 -6.06 -11.07
CA ALA A 89 -24.43 -4.72 -10.95
C ALA A 89 -25.83 -4.73 -10.36
N ARG A 90 -26.65 -5.72 -10.76
N ARG A 90 -26.66 -5.72 -10.77
CA ARG A 90 -28.01 -5.78 -10.24
CA ARG A 90 -28.02 -5.78 -10.25
C ARG A 90 -28.02 -6.08 -8.75
C ARG A 90 -28.03 -6.09 -8.76
N PHE A 91 -27.08 -6.91 -8.29
CA PHE A 91 -26.99 -7.19 -6.86
C PHE A 91 -26.72 -5.90 -6.08
N ARG A 92 -25.74 -5.10 -6.54
CA ARG A 92 -25.37 -3.88 -5.82
C ARG A 92 -26.44 -2.84 -5.89
N ARG A 93 -27.21 -2.80 -7.00
CA ARG A 93 -28.15 -1.73 -7.24
C ARG A 93 -29.55 -2.02 -6.69
N GLU A 94 -30.02 -3.26 -6.73
CA GLU A 94 -31.45 -3.54 -6.52
C GLU A 94 -31.76 -4.46 -5.35
N THR A 95 -30.75 -4.90 -4.59
CA THR A 95 -31.01 -5.59 -3.32
C THR A 95 -30.43 -4.76 -2.19
N VAL A 96 -31.15 -4.71 -1.07
CA VAL A 96 -30.65 -3.99 0.10
C VAL A 96 -29.33 -4.57 0.55
N LEU A 97 -29.17 -5.90 0.46
CA LEU A 97 -27.93 -6.52 0.88
C LEU A 97 -26.78 -5.99 0.04
N GLY A 98 -27.00 -5.89 -1.29
CA GLY A 98 -25.96 -5.33 -2.15
C GLY A 98 -25.65 -3.89 -1.80
N GLN A 99 -26.65 -3.14 -1.36
CA GLN A 99 -26.50 -1.70 -1.11
C GLN A 99 -25.83 -1.38 0.22
N VAL A 100 -25.84 -2.31 1.17
CA VAL A 100 -25.22 -2.12 2.47
C VAL A 100 -23.87 -2.86 2.54
N SER A 101 -23.38 -3.37 1.42
CA SER A 101 -22.09 -4.02 1.32
C SER A 101 -21.16 -3.18 0.46
N GLU A 102 -19.87 -3.31 0.72
CA GLU A 102 -18.84 -2.71 -0.10
C GLU A 102 -18.16 -3.82 -0.87
N VAL A 103 -17.76 -3.54 -2.09
CA VAL A 103 -16.96 -4.45 -2.90
C VAL A 103 -15.54 -4.42 -2.39
N ALA A 104 -15.02 -5.57 -1.95
CA ALA A 104 -13.68 -5.65 -1.45
C ALA A 104 -12.69 -6.11 -2.48
N TRP A 105 -13.05 -7.12 -3.27
CA TRP A 105 -12.10 -7.74 -4.21
C TRP A 105 -12.88 -8.56 -5.20
N LEU A 106 -12.46 -8.55 -6.44
CA LEU A 106 -13.09 -9.32 -7.47
C LEU A 106 -12.07 -10.19 -8.16
N GLY A 107 -12.41 -11.45 -8.32
CA GLY A 107 -11.51 -12.43 -8.87
C GLY A 107 -12.10 -13.12 -10.06
N ASN A 108 -11.70 -12.65 -11.25
CA ASN A 108 -12.32 -13.01 -12.51
C ASN A 108 -11.48 -13.98 -13.31
N SER A 109 -12.10 -14.94 -13.95
CA SER A 109 -11.35 -15.91 -14.74
C SER A 109 -12.19 -16.45 -15.87
N LEU A 110 -11.50 -17.06 -16.84
CA LEU A 110 -12.10 -17.62 -18.04
C LEU A 110 -11.49 -18.99 -18.26
N HIS A 111 -12.36 -20.02 -18.30
CA HIS A 111 -11.87 -21.39 -18.37
C HIS A 111 -11.14 -21.61 -19.70
N ARG A 112 -10.04 -22.36 -19.62
CA ARG A 112 -9.32 -22.75 -20.84
C ARG A 112 -8.71 -24.13 -20.62
N PRO A 113 -8.37 -24.84 -21.70
CA PRO A 113 -7.68 -26.14 -21.54
C PRO A 113 -6.32 -25.94 -20.90
N ALA A 114 -5.87 -26.93 -20.14
CA ALA A 114 -4.52 -26.91 -19.61
C ALA A 114 -3.52 -27.05 -20.76
N GLU A 115 -2.31 -26.55 -20.53
CA GLU A 115 -1.30 -26.52 -21.56
C GLU A 115 -0.91 -27.93 -21.97
N PHE A 116 -0.68 -28.80 -20.98
CA PHE A 116 -0.17 -30.13 -21.24
C PHE A 116 -1.13 -31.25 -20.91
N ASN A 117 -1.77 -31.21 -19.77
CA ASN A 117 -2.64 -32.30 -19.32
C ASN A 117 -4.10 -31.90 -19.48
N ARG A 118 -4.71 -32.30 -20.61
CA ARG A 118 -6.08 -31.90 -20.89
C ARG A 118 -7.11 -32.72 -20.11
N SER A 119 -6.67 -33.65 -19.27
CA SER A 119 -7.54 -34.27 -18.27
C SER A 119 -7.69 -33.44 -17.03
N HIS A 120 -6.89 -32.37 -16.88
CA HIS A 120 -6.95 -31.48 -15.74
C HIS A 120 -7.96 -30.39 -16.05
N LEU A 121 -9.08 -30.42 -15.35
CA LEU A 121 -10.19 -29.50 -15.60
C LEU A 121 -10.73 -28.99 -14.28
N PRO A 122 -11.26 -27.75 -14.26
CA PRO A 122 -11.84 -27.22 -13.01
C PRO A 122 -13.01 -28.06 -12.49
N SER A 123 -13.09 -28.16 -11.18
CA SER A 123 -14.13 -28.94 -10.53
C SER A 123 -15.52 -28.43 -10.98
N PHE A 124 -15.66 -27.11 -11.16
CA PHE A 124 -16.97 -26.58 -11.60
C PHE A 124 -17.23 -26.92 -13.04
N ILE A 125 -16.20 -26.99 -13.88
CA ILE A 125 -16.42 -27.45 -15.24
C ILE A 125 -16.82 -28.91 -15.27
N MET A 126 -16.33 -29.72 -14.33
CA MET A 126 -16.65 -31.13 -14.30
C MET A 126 -18.04 -31.40 -13.77
N GLY A 127 -18.75 -30.36 -13.35
CA GLY A 127 -20.07 -30.58 -12.77
C GLY A 127 -20.04 -31.13 -11.38
N GLU A 128 -18.92 -31.01 -10.71
CA GLU A 128 -18.76 -31.57 -9.38
C GLU A 128 -19.47 -30.72 -8.34
N ILE A 129 -20.10 -31.39 -7.38
CA ILE A 129 -20.80 -30.68 -6.31
C ILE A 129 -19.80 -29.77 -5.59
N PRO A 130 -20.16 -28.52 -5.27
CA PRO A 130 -19.24 -27.64 -4.56
C PRO A 130 -18.88 -28.15 -3.17
N GLY A 131 -17.67 -27.79 -2.73
CA GLY A 131 -17.20 -28.16 -1.41
C GLY A 131 -17.76 -27.30 -0.29
N ASP A 132 -17.85 -27.92 0.91
CA ASP A 132 -18.37 -27.21 2.09
C ASP A 132 -17.43 -26.10 2.57
N TRP A 133 -16.12 -26.20 2.24
CA TRP A 133 -15.12 -25.24 2.62
C TRP A 133 -14.33 -24.90 1.38
N ILE A 134 -13.96 -23.63 1.27
CA ILE A 134 -13.26 -23.12 0.11
C ILE A 134 -12.11 -22.22 0.52
N THR A 135 -11.05 -22.20 -0.29
N THR A 135 -11.14 -22.10 -0.39
CA THR A 135 -10.07 -21.14 -0.29
CA THR A 135 -10.02 -21.16 -0.26
C THR A 135 -9.92 -20.65 -1.72
C THR A 135 -9.69 -20.63 -1.65
N VAL A 136 -9.95 -19.35 -1.88
CA VAL A 136 -9.81 -18.70 -3.20
C VAL A 136 -8.61 -17.77 -3.16
N ALA A 137 -7.83 -17.71 -4.23
CA ALA A 137 -6.72 -16.78 -4.29
C ALA A 137 -6.33 -16.58 -5.75
N PRO A 138 -5.68 -15.47 -6.07
CA PRO A 138 -5.07 -15.27 -7.38
C PRO A 138 -3.68 -15.87 -7.44
N PHE A 139 -3.13 -15.91 -8.66
CA PHE A 139 -1.78 -16.40 -8.83
C PHE A 139 -1.11 -15.65 -9.95
N VAL A 140 0.19 -15.35 -9.75
CA VAL A 140 1.06 -14.82 -10.77
C VAL A 140 2.36 -15.60 -10.74
N ARG A 141 2.72 -16.21 -11.86
CA ARG A 141 3.97 -16.93 -12.03
C ARG A 141 5.16 -15.98 -12.25
N SER A 142 6.35 -16.54 -12.12
CA SER A 142 7.58 -15.77 -12.34
C SER A 142 7.64 -15.35 -13.80
N TYR A 143 8.42 -14.31 -14.10
CA TYR A 143 8.50 -13.84 -15.49
C TYR A 143 9.01 -14.94 -16.42
N ASP A 144 9.84 -15.87 -15.93
CA ASP A 144 10.47 -16.88 -16.78
C ASP A 144 9.63 -18.14 -17.00
N TRP A 145 8.50 -18.25 -16.36
CA TRP A 145 7.76 -19.51 -16.33
C TRP A 145 7.35 -19.96 -17.72
N TYR A 146 6.76 -19.06 -18.49
CA TYR A 146 6.13 -19.50 -19.75
C TYR A 146 7.13 -19.66 -20.88
N ILE A 147 8.31 -19.04 -20.81
CA ILE A 147 9.33 -19.21 -21.84
C ILE A 147 10.27 -20.32 -21.50
N MET A 148 10.18 -20.91 -20.30
CA MET A 148 10.96 -22.09 -20.00
C MET A 148 10.73 -23.15 -21.06
N ASP A 149 11.75 -23.98 -21.30
CA ASP A 149 11.58 -25.11 -22.20
C ASP A 149 10.28 -25.84 -21.88
N PRO A 150 9.42 -26.09 -22.87
CA PRO A 150 8.09 -26.69 -22.54
C PRO A 150 8.20 -28.02 -21.78
N GLN A 151 9.16 -28.87 -22.12
CA GLN A 151 9.24 -30.16 -21.45
C GLN A 151 9.68 -30.03 -20.00
N LYS A 152 10.48 -28.99 -19.69
CA LYS A 152 10.81 -28.70 -18.29
C LYS A 152 9.58 -28.26 -17.54
N ARG A 153 8.83 -27.31 -18.10
CA ARG A 153 7.60 -26.85 -17.43
C ARG A 153 6.61 -28.00 -17.27
N ARG A 154 6.46 -28.83 -18.29
CA ARG A 154 5.60 -30.00 -18.21
C ARG A 154 6.02 -30.89 -17.04
N LYS A 155 7.31 -31.22 -16.96
CA LYS A 155 7.82 -32.02 -15.85
C LYS A 155 7.52 -31.37 -14.51
N ILE A 156 7.72 -30.05 -14.40
CA ILE A 156 7.50 -29.36 -13.12
C ILE A 156 6.04 -29.47 -12.72
N LEU A 157 5.13 -29.23 -13.67
CA LEU A 157 3.71 -29.35 -13.35
C LEU A 157 3.28 -30.81 -13.06
N ALA A 158 3.89 -31.78 -13.72
CA ALA A 158 3.56 -33.18 -13.40
C ALA A 158 3.97 -33.50 -11.96
N GLU A 159 5.16 -33.00 -11.53
CA GLU A 159 5.61 -33.23 -10.15
C GLU A 159 4.73 -32.47 -9.16
N HIS A 160 4.27 -31.27 -9.57
CA HIS A 160 3.33 -30.51 -8.79
C HIS A 160 2.05 -31.28 -8.58
N GLY A 161 1.49 -31.87 -9.67
CA GLY A 161 0.28 -32.64 -9.52
C GLY A 161 0.50 -33.86 -8.64
N GLN A 162 1.66 -34.50 -8.79
CA GLN A 162 1.97 -35.71 -8.02
C GLN A 162 1.96 -35.41 -6.52
N ALA A 163 2.44 -34.22 -6.14
CA ALA A 163 2.53 -33.85 -4.73
C ALA A 163 1.19 -33.78 -4.06
N ALA A 164 0.11 -33.60 -4.83
CA ALA A 164 -1.25 -33.52 -4.29
C ALA A 164 -1.97 -34.83 -4.35
N ARG A 165 -1.25 -35.94 -4.62
CA ARG A 165 -1.92 -37.23 -4.83
C ARG A 165 -2.67 -37.69 -3.59
N ASP A 166 -2.22 -37.30 -2.40
CA ASP A 166 -2.91 -37.75 -1.18
C ASP A 166 -4.15 -36.94 -0.87
N PHE A 167 -4.50 -36.00 -1.72
CA PHE A 167 -5.58 -35.08 -1.41
C PHE A 167 -6.66 -35.12 -2.48
N PRO A 168 -7.12 -36.31 -2.87
CA PRO A 168 -8.20 -36.35 -3.90
C PRO A 168 -9.48 -35.72 -3.39
N ASP A 169 -9.60 -35.52 -2.06
CA ASP A 169 -10.79 -34.91 -1.49
C ASP A 169 -10.85 -33.39 -1.68
N VAL A 170 -9.73 -32.76 -2.02
CA VAL A 170 -9.65 -31.32 -2.22
C VAL A 170 -9.69 -31.11 -3.72
N ARG A 171 -10.76 -30.50 -4.19
CA ARG A 171 -10.97 -30.34 -5.64
C ARG A 171 -10.45 -28.98 -6.08
N ALA A 172 -9.62 -28.99 -7.12
CA ALA A 172 -8.95 -27.79 -7.60
C ALA A 172 -9.71 -27.13 -8.72
N ASN A 173 -9.60 -25.80 -8.78
CA ASN A 173 -10.04 -25.00 -9.93
C ASN A 173 -8.91 -24.02 -10.27
N THR A 174 -8.20 -24.29 -11.36
CA THR A 174 -7.14 -23.39 -11.84
C THR A 174 -7.57 -22.84 -13.20
N VAL A 175 -7.73 -21.51 -13.27
CA VAL A 175 -8.47 -20.85 -14.33
C VAL A 175 -7.73 -19.59 -14.79
N PRO A 176 -7.43 -19.44 -16.07
CA PRO A 176 -6.79 -18.21 -16.57
C PRO A 176 -7.53 -16.95 -16.18
N ALA A 177 -6.74 -15.94 -15.78
CA ALA A 177 -7.29 -14.66 -15.32
C ALA A 177 -6.69 -13.46 -16.06
N PHE A 178 -5.85 -13.70 -17.06
CA PHE A 178 -5.19 -12.65 -17.81
C PHE A 178 -6.19 -11.62 -18.36
N ALA A 179 -5.88 -10.34 -18.12
CA ALA A 179 -6.66 -9.21 -18.54
C ALA A 179 -8.01 -9.02 -17.81
N LEU A 180 -8.33 -9.85 -16.83
CA LEU A 180 -9.60 -9.76 -16.13
C LEU A 180 -9.43 -9.16 -14.73
N GLY A 181 -8.36 -8.38 -14.57
CA GLY A 181 -7.87 -7.91 -13.32
C GLY A 181 -6.37 -7.93 -13.35
N ASP A 182 -5.74 -7.95 -12.15
CA ASP A 182 -4.30 -7.82 -12.05
C ASP A 182 -3.51 -9.13 -12.03
N TYR A 183 -4.14 -10.26 -12.29
CA TYR A 183 -3.51 -11.54 -12.09
C TYR A 183 -3.43 -12.40 -13.35
N GLU A 184 -2.76 -13.55 -13.21
CA GLU A 184 -2.62 -14.51 -14.29
C GLU A 184 -3.60 -15.69 -14.16
N TRP A 185 -3.84 -16.19 -12.95
CA TRP A 185 -4.76 -17.32 -12.71
C TRP A 185 -5.66 -16.99 -11.52
N MET A 186 -6.82 -17.62 -11.51
CA MET A 186 -7.69 -17.68 -10.36
C MET A 186 -7.67 -19.08 -9.82
N LEU A 187 -7.51 -19.21 -8.53
CA LEU A 187 -7.46 -20.51 -7.87
C LEU A 187 -8.64 -20.68 -6.90
N ALA A 188 -9.25 -21.84 -6.91
CA ALA A 188 -10.21 -22.19 -5.85
C ALA A 188 -10.03 -23.66 -5.51
N PHE A 189 -9.97 -23.94 -4.21
CA PHE A 189 -9.79 -25.29 -3.67
C PHE A 189 -10.94 -25.56 -2.73
N GLU A 190 -11.69 -26.62 -3.02
CA GLU A 190 -12.93 -26.93 -2.33
C GLU A 190 -12.80 -28.28 -1.67
N ALA A 191 -13.28 -28.40 -0.42
CA ALA A 191 -13.07 -29.64 0.33
C ALA A 191 -14.13 -29.80 1.39
N PRO A 192 -14.34 -31.04 1.86
CA PRO A 192 -15.28 -31.25 2.97
C PRO A 192 -14.80 -30.66 4.25
N ARG A 193 -13.48 -30.52 4.43
CA ARG A 193 -12.87 -30.05 5.66
C ARG A 193 -11.80 -29.02 5.39
N LEU A 194 -11.82 -27.93 6.15
CA LEU A 194 -10.81 -26.88 6.03
C LEU A 194 -9.38 -27.38 6.30
N ASP A 195 -9.21 -28.27 7.27
CA ASP A 195 -7.86 -28.69 7.63
C ASP A 195 -7.17 -29.35 6.45
N ARG A 196 -7.93 -30.04 5.58
CA ARG A 196 -7.33 -30.67 4.40
C ARG A 196 -6.82 -29.67 3.41
N ILE A 197 -7.48 -28.51 3.29
CA ILE A 197 -6.94 -27.45 2.41
C ILE A 197 -5.63 -26.89 2.95
N VAL A 198 -5.57 -26.65 4.27
CA VAL A 198 -4.34 -26.20 4.89
C VAL A 198 -3.23 -27.22 4.67
N ASP A 199 -3.53 -28.49 4.91
CA ASP A 199 -2.51 -29.52 4.72
C ASP A 199 -2.07 -29.63 3.26
N LEU A 200 -3.02 -29.53 2.32
CA LEU A 200 -2.64 -29.55 0.91
C LEU A 200 -1.69 -28.42 0.59
N MET A 201 -2.03 -27.20 1.03
CA MET A 201 -1.14 -26.05 0.69
C MET A 201 0.23 -26.22 1.27
N HIS A 202 0.32 -26.71 2.52
CA HIS A 202 1.60 -27.01 3.15
C HIS A 202 2.39 -27.96 2.30
N LYS A 203 1.78 -29.09 1.94
CA LYS A 203 2.48 -30.11 1.17
C LYS A 203 2.95 -29.58 -0.17
N MET A 204 2.13 -28.74 -0.84
CA MET A 204 2.46 -28.29 -2.17
C MET A 204 3.63 -27.31 -2.15
N ARG A 205 4.07 -26.81 -0.97
CA ARG A 205 5.28 -26.03 -0.91
C ARG A 205 6.51 -26.86 -1.26
N TYR A 206 6.39 -28.19 -1.21
CA TYR A 206 7.53 -29.07 -1.43
C TYR A 206 7.65 -29.46 -2.89
N THR A 207 7.64 -28.45 -3.79
CA THR A 207 7.71 -28.70 -5.22
C THR A 207 8.60 -27.69 -5.91
N GLU A 208 9.24 -28.11 -6.98
CA GLU A 208 10.07 -27.18 -7.76
C GLU A 208 9.27 -26.04 -8.35
N ALA A 209 7.96 -26.21 -8.54
CA ALA A 209 7.15 -25.11 -9.08
C ALA A 209 7.22 -23.87 -8.20
N ARG A 210 7.56 -24.05 -6.92
CA ARG A 210 7.60 -22.92 -5.98
C ARG A 210 8.71 -21.95 -6.32
N LEU A 211 9.70 -22.36 -7.13
CA LEU A 211 10.78 -21.46 -7.55
C LEU A 211 10.36 -20.57 -8.70
N HIS A 212 9.09 -20.62 -9.08
CA HIS A 212 8.57 -19.90 -10.24
C HIS A 212 7.29 -19.20 -9.93
N VAL A 213 7.30 -18.48 -8.81
CA VAL A 213 6.12 -17.82 -8.26
C VAL A 213 6.44 -16.35 -7.96
N ARG A 214 5.51 -15.45 -8.28
CA ARG A 214 5.65 -14.02 -7.99
C ARG A 214 4.60 -13.44 -7.04
N GLU A 215 3.34 -13.85 -7.16
CA GLU A 215 2.24 -13.34 -6.33
C GLU A 215 1.21 -14.45 -6.11
N GLU A 216 0.58 -14.45 -4.93
CA GLU A 216 -0.42 -15.47 -4.65
C GLU A 216 -1.42 -15.03 -3.58
N THR A 217 -1.49 -13.76 -3.24
CA THR A 217 -2.43 -13.21 -2.27
C THR A 217 -3.22 -12.07 -2.89
N PRO A 218 -4.36 -11.70 -2.34
CA PRO A 218 -5.03 -12.21 -1.10
C PRO A 218 -5.73 -13.54 -1.17
N PHE A 219 -5.77 -14.26 -0.01
CA PHE A 219 -6.52 -15.50 0.17
C PHE A 219 -7.86 -15.18 0.81
N PHE A 220 -8.88 -15.88 0.38
CA PHE A 220 -10.23 -15.74 0.97
C PHE A 220 -10.76 -17.13 1.27
N THR A 221 -11.07 -17.38 2.55
CA THR A 221 -11.35 -18.75 3.03
C THR A 221 -12.62 -18.68 3.85
N GLY A 222 -13.52 -19.63 3.62
CA GLY A 222 -14.72 -19.70 4.44
C GLY A 222 -15.62 -20.83 4.08
N ARG A 223 -16.83 -20.74 4.60
CA ARG A 223 -17.76 -21.88 4.65
C ARG A 223 -18.93 -21.63 3.72
N ARG A 224 -19.24 -22.62 2.88
CA ARG A 224 -20.40 -22.49 2.00
C ARG A 224 -21.67 -22.57 2.83
N VAL A 225 -22.58 -21.55 2.68
CA VAL A 225 -23.85 -21.55 3.41
C VAL A 225 -24.88 -22.32 2.60
N SER A 226 -25.85 -22.91 3.29
CA SER A 226 -26.91 -23.61 2.60
C SER A 226 -27.98 -22.64 2.10
N GLU A 227 -28.13 -21.49 2.77
CA GLU A 227 -29.09 -20.49 2.33
C GLU A 227 -28.61 -19.13 2.78
N VAL A 228 -29.15 -18.09 2.13
CA VAL A 228 -28.72 -16.71 2.36
C VAL A 228 -28.88 -16.34 3.84
N SER A 229 -29.93 -16.81 4.47
CA SER A 229 -30.21 -16.41 5.85
C SER A 229 -29.05 -16.77 6.78
N GLU A 230 -28.33 -17.84 6.47
CA GLU A 230 -27.19 -18.21 7.30
C GLU A 230 -26.10 -17.18 7.23
N LEU A 231 -25.94 -16.55 6.07
CA LEU A 231 -24.95 -15.50 5.91
C LEU A 231 -25.43 -14.21 6.55
N VAL A 232 -26.63 -13.76 6.18
CA VAL A 232 -27.06 -12.41 6.55
C VAL A 232 -27.11 -12.26 8.06
N ASN A 233 -27.52 -13.30 8.76
CA ASN A 233 -27.69 -13.21 10.20
C ASN A 233 -26.36 -13.19 10.99
N VAL A 234 -25.25 -13.53 10.38
CA VAL A 234 -23.98 -13.43 11.09
C VAL A 234 -23.28 -12.08 10.86
N LEU A 235 -23.69 -11.32 9.85
CA LEU A 235 -22.94 -10.13 9.48
C LEU A 235 -23.07 -9.06 10.56
N PRO A 236 -22.06 -8.18 10.67
CA PRO A 236 -22.14 -7.09 11.65
C PRO A 236 -23.22 -6.10 11.27
N GLY A 237 -23.90 -5.59 12.26
CA GLY A 237 -25.06 -4.73 12.02
C GLY A 237 -24.65 -3.32 11.61
N ASN B 8 5.19 4.32 -44.96
CA ASN B 8 6.10 5.10 -44.14
C ASN B 8 5.32 5.80 -43.03
N PHE B 9 4.02 5.98 -43.23
CA PHE B 9 3.14 6.58 -42.25
C PHE B 9 3.80 7.81 -41.59
N GLU B 10 4.45 8.63 -42.39
CA GLU B 10 5.19 9.76 -41.83
C GLU B 10 4.26 10.74 -41.12
N GLU B 11 3.16 11.12 -41.77
CA GLU B 11 2.24 12.06 -41.14
C GLU B 11 1.64 11.47 -39.86
N LEU B 12 1.19 10.23 -39.93
CA LEU B 12 0.56 9.62 -38.75
C LEU B 12 1.58 9.45 -37.62
N ASN B 13 2.83 9.18 -37.96
CA ASN B 13 3.85 9.05 -36.93
C ASN B 13 4.22 10.40 -36.32
N SER B 14 3.93 11.50 -37.01
CA SER B 14 4.37 12.83 -36.61
C SER B 14 3.29 13.62 -35.88
N MET B 15 2.03 13.18 -35.90
CA MET B 15 0.96 13.99 -35.33
C MET B 15 1.04 13.98 -33.80
N GLN B 16 0.43 15.00 -33.19
CA GLN B 16 0.39 15.16 -31.73
C GLN B 16 -1.02 14.87 -31.22
N ARG B 17 -1.17 13.82 -30.39
CA ARG B 17 -2.43 13.51 -29.78
C ARG B 17 -2.13 12.96 -28.38
N TYR B 18 -2.69 13.61 -27.36
CA TYR B 18 -2.68 13.10 -26.00
C TYR B 18 -3.91 12.21 -25.81
N SER B 19 -3.76 11.15 -25.02
CA SER B 19 -4.85 10.23 -24.79
C SER B 19 -4.94 9.99 -23.27
N GLN B 20 -6.17 9.98 -22.74
CA GLN B 20 -6.38 9.81 -21.33
C GLN B 20 -7.48 8.80 -21.11
N PHE B 21 -7.20 7.82 -20.26
CA PHE B 21 -8.16 6.89 -19.69
C PHE B 21 -8.52 7.41 -18.30
N ALA B 22 -9.73 7.96 -18.16
CA ALA B 22 -10.19 8.52 -16.88
C ALA B 22 -11.11 7.49 -16.26
N VAL B 23 -10.65 6.87 -15.18
CA VAL B 23 -11.41 5.78 -14.53
C VAL B 23 -12.05 6.38 -13.29
N PHE B 24 -13.33 6.12 -13.11
CA PHE B 24 -14.14 6.69 -12.05
C PHE B 24 -14.81 5.57 -11.25
N ARG B 25 -15.10 5.88 -9.98
CA ARG B 25 -15.79 4.99 -9.07
C ARG B 25 -17.07 5.66 -8.62
N ALA B 26 -18.15 4.88 -8.57
CA ALA B 26 -19.43 5.41 -8.12
C ALA B 26 -19.45 5.49 -6.61
N ILE B 27 -20.05 6.55 -6.08
CA ILE B 27 -20.19 6.72 -4.63
C ILE B 27 -21.55 6.15 -4.23
N PRO B 28 -21.60 5.01 -3.54
CA PRO B 28 -22.91 4.39 -3.24
C PRO B 28 -23.80 5.35 -2.45
N GLY B 29 -25.05 5.41 -2.88
CA GLY B 29 -26.03 6.31 -2.27
C GLY B 29 -26.06 7.71 -2.84
N ALA B 30 -25.12 8.05 -3.72
CA ALA B 30 -25.02 9.41 -4.22
C ALA B 30 -25.95 9.65 -5.40
N LEU B 31 -26.08 8.69 -6.30
CA LEU B 31 -26.84 8.89 -7.53
C LEU B 31 -28.35 8.88 -7.30
N GLY B 32 -28.82 8.11 -6.32
CA GLY B 32 -30.25 7.94 -6.16
C GLY B 32 -30.80 7.09 -7.29
N SER B 33 -32.13 7.05 -7.37
CA SER B 33 -32.83 6.24 -8.35
C SER B 33 -33.52 7.04 -9.45
N ASP B 34 -33.73 8.35 -9.25
CA ASP B 34 -34.28 9.21 -10.32
C ASP B 34 -33.10 9.85 -11.04
N ARG B 35 -32.67 9.21 -12.13
CA ARG B 35 -31.43 9.58 -12.79
C ARG B 35 -31.67 10.26 -14.11
N ALA B 36 -32.91 10.59 -14.42
CA ALA B 36 -33.26 11.19 -15.71
C ALA B 36 -32.54 12.52 -15.93
N GLU B 37 -32.64 13.45 -14.98
CA GLU B 37 -31.95 14.72 -15.14
C GLU B 37 -30.43 14.53 -15.19
N ILE B 38 -29.91 13.57 -14.39
CA ILE B 38 -28.48 13.34 -14.36
C ILE B 38 -28.00 12.84 -15.72
N VAL B 39 -28.82 12.03 -16.39
CA VAL B 39 -28.43 11.51 -17.69
C VAL B 39 -28.49 12.62 -18.75
N ALA B 40 -29.58 13.38 -18.77
CA ALA B 40 -29.69 14.49 -19.74
C ALA B 40 -28.49 15.43 -19.63
N GLN B 41 -28.15 15.85 -18.40
CA GLN B 41 -27.01 16.74 -18.20
C GLN B 41 -25.72 16.13 -18.71
N ALA B 42 -25.41 14.91 -18.30
CA ALA B 42 -24.19 14.25 -18.76
C ALA B 42 -24.17 14.15 -20.28
N GLN B 43 -25.29 13.79 -20.88
CA GLN B 43 -25.34 13.71 -22.33
C GLN B 43 -25.07 15.07 -22.94
N SER B 44 -25.63 16.13 -22.34
CA SER B 44 -25.37 17.47 -22.85
C SER B 44 -23.88 17.79 -22.81
N PHE B 45 -23.22 17.41 -21.71
CA PHE B 45 -21.81 17.72 -21.57
C PHE B 45 -21.01 17.06 -22.70
N PHE B 46 -21.30 15.79 -23.01
CA PHE B 46 -20.58 15.11 -24.09
C PHE B 46 -20.94 15.70 -25.44
N ASP B 47 -22.22 16.07 -25.63
CA ASP B 47 -22.61 16.75 -26.86
C ASP B 47 -21.71 17.96 -27.09
N GLY B 48 -21.55 18.79 -26.05
CA GLY B 48 -20.78 20.01 -26.21
C GLY B 48 -19.33 19.72 -26.61
N LEU B 49 -18.74 18.69 -26.02
CA LEU B 49 -17.36 18.35 -26.37
C LEU B 49 -17.25 18.01 -27.84
N GLU B 50 -18.18 17.22 -28.35
CA GLU B 50 -18.15 16.85 -29.77
C GLU B 50 -18.19 18.08 -30.66
N THR B 51 -19.07 19.04 -30.36
CA THR B 51 -19.22 20.18 -31.24
C THR B 51 -18.03 21.13 -31.15
N ALA B 52 -17.45 21.29 -29.97
CA ALA B 52 -16.28 22.15 -29.84
C ALA B 52 -15.08 21.59 -30.60
N GLY B 53 -15.02 20.29 -30.84
CA GLY B 53 -14.07 19.73 -31.77
C GLY B 53 -12.66 19.54 -31.24
N LYS B 54 -12.43 19.76 -29.93
CA LYS B 54 -11.10 19.66 -29.38
C LYS B 54 -10.85 18.32 -28.72
N VAL B 55 -11.82 17.79 -27.97
CA VAL B 55 -11.68 16.55 -27.25
C VAL B 55 -12.58 15.51 -27.91
N GLU B 56 -11.98 14.39 -28.32
CA GLU B 56 -12.70 13.30 -28.97
C GLU B 56 -12.86 12.15 -27.95
N VAL B 57 -14.12 11.80 -27.69
CA VAL B 57 -14.44 10.69 -26.81
C VAL B 57 -14.44 9.42 -27.65
N ARG B 58 -13.39 8.63 -27.52
CA ARG B 58 -13.31 7.37 -28.24
C ARG B 58 -14.31 6.36 -27.69
N GLY B 59 -14.52 6.36 -26.36
CA GLY B 59 -15.52 5.48 -25.79
C GLY B 59 -15.78 5.81 -24.33
N ILE B 60 -16.96 5.40 -23.87
CA ILE B 60 -17.30 5.30 -22.45
C ILE B 60 -17.58 3.83 -22.16
N TYR B 61 -17.05 3.34 -21.03
CA TYR B 61 -16.95 1.92 -20.76
C TYR B 61 -17.54 1.57 -19.41
N ASP B 62 -18.33 0.53 -19.41
CA ASP B 62 -18.93 -0.02 -18.20
C ASP B 62 -17.92 -1.06 -17.63
N LEU B 63 -17.28 -0.71 -16.54
CA LEU B 63 -16.31 -1.58 -15.92
C LEU B 63 -16.92 -2.44 -14.80
N ALA B 64 -18.26 -2.54 -14.72
CA ALA B 64 -18.88 -3.25 -13.64
C ALA B 64 -18.30 -4.66 -13.52
N GLY B 65 -17.83 -4.99 -12.34
CA GLY B 65 -17.40 -6.36 -12.10
C GLY B 65 -15.93 -6.63 -12.45
N CYS B 66 -15.21 -5.65 -12.96
CA CYS B 66 -13.79 -5.88 -13.23
C CYS B 66 -12.96 -5.89 -11.96
N ARG B 67 -13.12 -4.84 -11.14
CA ARG B 67 -12.29 -4.75 -9.93
C ARG B 67 -13.00 -3.91 -8.90
N ALA B 68 -12.58 -4.08 -7.66
CA ALA B 68 -13.09 -3.22 -6.61
C ALA B 68 -12.62 -1.77 -6.88
N GLU B 69 -13.44 -0.83 -6.52
CA GLU B 69 -13.08 0.60 -6.54
C GLU B 69 -12.96 1.19 -7.96
N ALA B 70 -13.61 0.59 -8.95
CA ALA B 70 -13.79 1.26 -10.23
C ALA B 70 -15.12 0.79 -10.83
N ASP B 71 -15.78 1.69 -11.54
CA ASP B 71 -17.10 1.39 -12.14
C ASP B 71 -17.24 1.81 -13.59
N PHE B 72 -16.56 2.91 -14.01
CA PHE B 72 -16.68 3.32 -15.41
C PHE B 72 -15.45 4.12 -15.83
N MET B 73 -15.29 4.23 -17.15
CA MET B 73 -14.10 4.88 -17.70
C MET B 73 -14.46 5.67 -18.94
N ILE B 74 -13.83 6.83 -19.08
CA ILE B 74 -13.89 7.67 -20.30
C ILE B 74 -12.49 7.64 -20.95
N TRP B 75 -12.45 7.26 -22.21
CA TRP B 75 -11.26 7.39 -23.08
C TRP B 75 -11.50 8.60 -24.02
N TRP B 76 -10.76 9.67 -23.79
CA TRP B 76 -10.83 10.83 -24.69
C TRP B 76 -9.41 11.24 -25.08
N ILE B 77 -9.33 11.93 -26.18
CA ILE B 77 -8.12 12.21 -26.94
C ILE B 77 -8.19 13.67 -27.40
N ALA B 78 -7.05 14.36 -27.41
CA ALA B 78 -6.99 15.74 -27.84
C ALA B 78 -5.59 16.08 -28.30
N GLU B 79 -5.51 17.07 -29.21
CA GLU B 79 -4.21 17.52 -29.69
C GLU B 79 -3.35 18.12 -28.56
N GLU B 80 -4.01 18.70 -27.55
CA GLU B 80 -3.33 19.41 -26.47
C GLU B 80 -3.81 18.85 -25.15
N PHE B 81 -2.88 18.67 -24.23
CA PHE B 81 -3.25 18.11 -22.93
C PHE B 81 -4.09 19.07 -22.11
N GLU B 82 -3.83 20.37 -22.21
CA GLU B 82 -4.67 21.31 -21.47
C GLU B 82 -6.12 21.24 -21.87
N GLU B 83 -6.43 20.70 -23.06
CA GLU B 83 -7.81 20.51 -23.48
C GLU B 83 -8.43 19.34 -22.71
N ILE B 84 -7.68 18.27 -22.54
CA ILE B 84 -8.15 17.19 -21.67
C ILE B 84 -8.28 17.67 -20.25
N GLN B 85 -7.32 18.46 -19.75
CA GLN B 85 -7.40 18.99 -18.39
C GLN B 85 -8.72 19.69 -18.21
N ALA B 86 -9.05 20.63 -19.12
CA ALA B 86 -10.28 21.41 -19.00
C ALA B 86 -11.52 20.53 -18.96
N ALA B 87 -11.61 19.56 -19.90
CA ALA B 87 -12.81 18.73 -19.98
C ALA B 87 -12.93 17.85 -18.74
N PHE B 88 -11.83 17.20 -18.38
CA PHE B 88 -11.80 16.40 -17.14
C PHE B 88 -12.29 17.21 -15.96
N ALA B 89 -11.69 18.36 -15.71
CA ALA B 89 -12.11 19.23 -14.62
C ALA B 89 -13.56 19.66 -14.77
N ARG B 90 -13.99 19.92 -16.01
N ARG B 90 -13.99 19.93 -16.00
CA ARG B 90 -15.37 20.34 -16.23
CA ARG B 90 -15.38 20.34 -16.22
C ARG B 90 -16.34 19.21 -15.86
C ARG B 90 -16.33 19.21 -15.85
N PHE B 91 -16.04 18.00 -16.33
CA PHE B 91 -16.86 16.84 -15.94
C PHE B 91 -17.03 16.78 -14.44
N ARG B 92 -15.92 16.91 -13.68
CA ARG B 92 -16.02 16.74 -12.24
C ARG B 92 -16.73 17.88 -11.56
N ARG B 93 -16.63 19.08 -12.13
CA ARG B 93 -17.06 20.28 -11.45
C ARG B 93 -18.50 20.67 -11.82
N GLU B 94 -18.91 20.42 -13.05
CA GLU B 94 -20.14 20.99 -13.59
C GLU B 94 -21.15 19.95 -14.05
N THR B 95 -20.99 18.69 -13.63
CA THR B 95 -22.02 17.66 -13.87
C THR B 95 -22.22 16.84 -12.60
N VAL B 96 -23.49 16.58 -12.29
CA VAL B 96 -23.82 15.77 -11.12
C VAL B 96 -23.11 14.44 -11.18
N LEU B 97 -23.05 13.83 -12.36
CA LEU B 97 -22.37 12.56 -12.51
C LEU B 97 -20.93 12.68 -12.06
N GLY B 98 -20.25 13.77 -12.47
CA GLY B 98 -18.89 13.98 -12.01
C GLY B 98 -18.83 14.33 -10.54
N GLN B 99 -19.85 15.02 -10.02
CA GLN B 99 -19.87 15.35 -8.59
C GLN B 99 -20.12 14.12 -7.72
N VAL B 100 -20.80 13.12 -8.24
CA VAL B 100 -21.16 11.94 -7.47
C VAL B 100 -20.24 10.77 -7.78
N SER B 101 -19.17 11.01 -8.53
CA SER B 101 -18.17 9.99 -8.81
C SER B 101 -16.81 10.42 -8.23
N GLU B 102 -15.96 9.45 -7.95
CA GLU B 102 -14.63 9.66 -7.44
C GLU B 102 -13.65 9.25 -8.51
N VAL B 103 -12.52 9.96 -8.61
CA VAL B 103 -11.46 9.60 -9.56
C VAL B 103 -10.69 8.42 -8.98
N ALA B 104 -10.70 7.31 -9.71
CA ALA B 104 -9.98 6.12 -9.28
C ALA B 104 -8.57 6.06 -9.82
N TRP B 105 -8.39 6.36 -11.10
CA TRP B 105 -7.08 6.22 -11.75
C TRP B 105 -7.10 6.96 -13.09
N LEU B 106 -5.96 7.56 -13.43
CA LEU B 106 -5.80 8.28 -14.66
C LEU B 106 -4.60 7.72 -15.43
N GLY B 107 -4.85 7.26 -16.67
CA GLY B 107 -3.83 6.76 -17.54
C GLY B 107 -3.60 7.72 -18.72
N ASN B 108 -2.52 8.52 -18.66
CA ASN B 108 -2.22 9.54 -19.66
C ASN B 108 -1.11 9.09 -20.58
N SER B 109 -1.17 9.53 -21.83
CA SER B 109 -0.16 9.16 -22.82
C SER B 109 -0.10 10.14 -23.98
N LEU B 110 0.99 10.07 -24.72
CA LEU B 110 1.25 10.96 -25.84
C LEU B 110 1.81 10.13 -26.97
N HIS B 111 1.10 10.10 -28.10
CA HIS B 111 1.49 9.22 -29.20
C HIS B 111 2.86 9.61 -29.76
N ARG B 112 3.69 8.59 -30.01
CA ARG B 112 5.00 8.78 -30.64
C ARG B 112 5.29 7.63 -31.59
N PRO B 113 6.20 7.85 -32.55
CA PRO B 113 6.59 6.74 -33.45
C PRO B 113 7.26 5.61 -32.68
N ALA B 114 7.04 4.37 -33.16
CA ALA B 114 7.77 3.23 -32.60
C ALA B 114 9.27 3.37 -32.92
N GLU B 115 10.09 2.69 -32.14
CA GLU B 115 11.55 2.84 -32.31
C GLU B 115 12.04 2.14 -33.56
N PHE B 116 11.47 0.99 -33.87
CA PHE B 116 11.95 0.13 -34.98
C PHE B 116 10.91 -0.09 -36.06
N ASN B 117 9.65 -0.29 -35.71
CA ASN B 117 8.62 -0.61 -36.72
C ASN B 117 7.69 0.58 -36.87
N ARG B 118 7.95 1.40 -37.89
CA ARG B 118 7.16 2.61 -38.11
C ARG B 118 5.74 2.32 -38.63
N SER B 119 5.43 1.08 -38.96
CA SER B 119 4.06 0.68 -39.26
C SER B 119 3.24 0.36 -38.01
N HIS B 120 3.87 0.30 -36.84
CA HIS B 120 3.17 0.04 -35.58
C HIS B 120 2.64 1.38 -35.06
N LEU B 121 1.33 1.53 -35.08
CA LEU B 121 0.66 2.76 -34.72
C LEU B 121 -0.59 2.43 -33.92
N PRO B 122 -0.94 3.26 -32.95
CA PRO B 122 -2.14 2.96 -32.16
C PRO B 122 -3.40 2.89 -33.02
N SER B 123 -4.30 1.99 -32.63
CA SER B 123 -5.58 1.89 -33.31
C SER B 123 -6.27 3.25 -33.43
N PHE B 124 -6.27 4.04 -32.36
CA PHE B 124 -7.00 5.32 -32.42
C PHE B 124 -6.31 6.30 -33.35
N ILE B 125 -4.97 6.20 -33.49
CA ILE B 125 -4.28 7.06 -34.43
C ILE B 125 -4.61 6.68 -35.85
N MET B 126 -4.78 5.39 -36.12
CA MET B 126 -5.17 4.89 -37.44
C MET B 126 -6.62 5.15 -37.76
N GLY B 127 -7.38 5.70 -36.83
CA GLY B 127 -8.79 6.00 -37.11
C GLY B 127 -9.66 4.77 -37.21
N GLU B 128 -9.27 3.68 -36.57
CA GLU B 128 -10.06 2.46 -36.57
C GLU B 128 -11.25 2.61 -35.64
N ILE B 129 -12.37 2.00 -36.03
CA ILE B 129 -13.55 1.99 -35.17
C ILE B 129 -13.18 1.35 -33.84
N PRO B 130 -13.59 1.90 -32.69
CA PRO B 130 -13.20 1.30 -31.39
C PRO B 130 -13.86 -0.04 -31.18
N GLY B 131 -13.18 -0.91 -30.41
CA GLY B 131 -13.70 -2.23 -30.17
C GLY B 131 -14.80 -2.23 -29.10
N ASP B 132 -15.68 -3.23 -29.20
CA ASP B 132 -16.77 -3.41 -28.25
C ASP B 132 -16.26 -3.72 -26.86
N TRP B 133 -15.13 -4.39 -26.75
CA TRP B 133 -14.50 -4.72 -25.46
C TRP B 133 -13.11 -4.12 -25.40
N ILE B 134 -12.71 -3.70 -24.20
CA ILE B 134 -11.40 -3.10 -24.01
C ILE B 134 -10.77 -3.59 -22.72
N THR B 135 -9.44 -3.62 -22.71
N THR B 135 -9.43 -3.63 -22.71
CA THR B 135 -8.63 -3.70 -21.49
CA THR B 135 -8.65 -3.69 -21.47
C THR B 135 -7.57 -2.60 -21.58
C THR B 135 -7.57 -2.61 -21.57
N VAL B 136 -7.43 -1.84 -20.51
CA VAL B 136 -6.45 -0.77 -20.40
C VAL B 136 -5.56 -1.11 -19.22
N ALA B 137 -4.27 -0.80 -19.35
CA ALA B 137 -3.33 -0.96 -18.26
C ALA B 137 -2.08 -0.15 -18.56
N PRO B 138 -1.35 0.26 -17.53
CA PRO B 138 -0.03 0.87 -17.74
C PRO B 138 1.04 -0.20 -17.93
N PHE B 139 2.23 0.25 -18.28
CA PHE B 139 3.37 -0.65 -18.42
C PHE B 139 4.64 0.10 -18.07
N VAL B 140 5.56 -0.64 -17.51
CA VAL B 140 6.90 -0.17 -17.08
C VAL B 140 7.89 -1.30 -17.40
N ARG B 141 8.85 -1.03 -18.26
CA ARG B 141 9.81 -1.97 -18.66
C ARG B 141 10.89 -2.14 -17.57
N SER B 142 11.64 -3.22 -17.69
CA SER B 142 12.81 -3.41 -16.83
C SER B 142 13.81 -2.24 -17.01
N TYR B 143 14.69 -2.08 -16.01
CA TYR B 143 15.62 -0.95 -16.06
C TYR B 143 16.58 -1.09 -17.24
N ASP B 144 16.89 -2.33 -17.62
CA ASP B 144 17.89 -2.56 -18.69
C ASP B 144 17.31 -2.43 -20.12
N TRP B 145 16.03 -2.16 -20.24
CA TRP B 145 15.34 -2.40 -21.53
C TRP B 145 15.83 -1.46 -22.63
N TYR B 146 16.00 -0.18 -22.31
CA TYR B 146 16.29 0.84 -23.33
C TYR B 146 17.77 0.98 -23.61
N ILE B 147 18.64 0.69 -22.60
CA ILE B 147 20.09 0.77 -22.83
C ILE B 147 20.61 -0.51 -23.44
N MET B 148 19.78 -1.56 -23.49
CA MET B 148 20.15 -2.79 -24.16
C MET B 148 20.56 -2.52 -25.60
N ASP B 149 21.48 -3.33 -26.10
CA ASP B 149 21.91 -3.23 -27.50
C ASP B 149 20.69 -3.13 -28.42
N PRO B 150 20.63 -2.15 -29.33
CA PRO B 150 19.40 -1.97 -30.13
C PRO B 150 19.02 -3.18 -30.97
N GLN B 151 19.96 -3.88 -31.58
CA GLN B 151 19.58 -5.04 -32.38
C GLN B 151 18.96 -6.12 -31.50
N LYS B 152 19.36 -6.19 -30.22
CA LYS B 152 18.77 -7.17 -29.32
C LYS B 152 17.33 -6.80 -29.01
N ARG B 153 17.10 -5.53 -28.70
CA ARG B 153 15.75 -5.09 -28.40
C ARG B 153 14.85 -5.23 -29.62
N ARG B 154 15.38 -4.90 -30.79
CA ARG B 154 14.67 -5.05 -32.06
C ARG B 154 14.20 -6.49 -32.24
N LYS B 155 15.12 -7.47 -32.02
CA LYS B 155 14.77 -8.89 -32.18
C LYS B 155 13.68 -9.29 -31.18
N ILE B 156 13.78 -8.82 -29.94
CA ILE B 156 12.79 -9.17 -28.94
C ILE B 156 11.42 -8.63 -29.33
N LEU B 157 11.38 -7.35 -29.74
CA LEU B 157 10.10 -6.79 -30.17
C LEU B 157 9.57 -7.47 -31.44
N ALA B 158 10.45 -7.92 -32.32
CA ALA B 158 9.95 -8.64 -33.49
C ALA B 158 9.27 -9.95 -33.09
N GLU B 159 9.85 -10.71 -32.12
CA GLU B 159 9.19 -11.91 -31.64
C GLU B 159 7.85 -11.58 -31.00
N HIS B 160 7.84 -10.54 -30.15
CA HIS B 160 6.64 -10.11 -29.45
C HIS B 160 5.48 -9.85 -30.43
N GLY B 161 5.74 -9.12 -31.48
CA GLY B 161 4.72 -8.93 -32.51
C GLY B 161 4.30 -10.23 -33.18
N GLN B 162 5.28 -11.09 -33.48
CA GLN B 162 4.95 -12.37 -34.12
C GLN B 162 4.02 -13.20 -33.24
N ALA B 163 4.21 -13.13 -31.91
CA ALA B 163 3.39 -13.90 -31.00
C ALA B 163 1.92 -13.53 -31.09
N ALA B 164 1.60 -12.36 -31.64
CA ALA B 164 0.24 -11.89 -31.80
C ALA B 164 -0.36 -12.18 -33.15
N ARG B 165 0.33 -12.98 -33.98
CA ARG B 165 -0.08 -13.18 -35.35
C ARG B 165 -1.53 -13.68 -35.49
N ASP B 166 -2.01 -14.50 -34.55
CA ASP B 166 -3.33 -15.12 -34.68
C ASP B 166 -4.47 -14.25 -34.16
N PHE B 167 -4.19 -13.02 -33.76
CA PHE B 167 -5.15 -12.15 -33.12
C PHE B 167 -5.23 -10.82 -33.91
N PRO B 168 -5.40 -10.86 -35.23
CA PRO B 168 -5.53 -9.62 -35.97
C PRO B 168 -6.77 -8.82 -35.56
N ASP B 169 -7.72 -9.48 -34.91
CA ASP B 169 -8.96 -8.85 -34.48
C ASP B 169 -8.80 -8.05 -33.18
N VAL B 170 -7.68 -8.22 -32.48
CA VAL B 170 -7.39 -7.46 -31.28
C VAL B 170 -6.48 -6.32 -31.68
N ARG B 171 -6.92 -5.10 -31.39
CA ARG B 171 -6.26 -3.88 -31.87
C ARG B 171 -5.47 -3.28 -30.71
N ALA B 172 -4.15 -3.14 -30.90
CA ALA B 172 -3.24 -2.62 -29.90
C ALA B 172 -3.15 -1.10 -29.95
N ASN B 173 -2.93 -0.51 -28.77
CA ASN B 173 -2.64 0.92 -28.63
C ASN B 173 -1.49 1.00 -27.64
N THR B 174 -0.25 1.25 -28.12
CA THR B 174 0.89 1.30 -27.20
C THR B 174 1.45 2.70 -27.30
N VAL B 175 1.33 3.45 -26.21
CA VAL B 175 1.55 4.92 -26.24
C VAL B 175 2.46 5.35 -25.08
N PRO B 176 3.53 6.11 -25.35
CA PRO B 176 4.37 6.63 -24.27
C PRO B 176 3.58 7.36 -23.21
N ALA B 177 3.95 7.08 -21.94
CA ALA B 177 3.32 7.74 -20.81
C ALA B 177 4.33 8.41 -19.88
N PHE B 178 5.60 8.44 -20.29
CA PHE B 178 6.66 9.06 -19.49
C PHE B 178 6.26 10.43 -19.00
N ALA B 179 6.47 10.69 -17.70
CA ALA B 179 6.21 12.01 -17.11
C ALA B 179 4.71 12.40 -17.05
N LEU B 180 3.80 11.60 -17.55
CA LEU B 180 2.38 11.90 -17.46
C LEU B 180 1.69 11.08 -16.34
N GLY B 181 2.45 10.71 -15.33
CA GLY B 181 2.02 9.80 -14.30
C GLY B 181 3.20 8.94 -13.89
N ASP B 182 2.90 7.78 -13.32
CA ASP B 182 3.94 6.92 -12.75
C ASP B 182 4.46 5.84 -13.71
N TYR B 183 4.11 5.91 -14.96
CA TYR B 183 4.38 4.77 -15.86
C TYR B 183 5.22 5.19 -17.06
N GLU B 184 5.58 4.20 -17.88
CA GLU B 184 6.32 4.43 -19.10
C GLU B 184 5.45 4.34 -20.37
N TRP B 185 4.42 3.50 -20.34
CA TRP B 185 3.52 3.29 -21.46
C TRP B 185 2.09 3.16 -20.95
N MET B 186 1.13 3.54 -21.82
CA MET B 186 -0.30 3.22 -21.69
C MET B 186 -0.66 2.15 -22.71
N LEU B 187 -1.40 1.14 -22.30
CA LEU B 187 -1.79 0.07 -23.19
C LEU B 187 -3.31 0.04 -23.27
N ALA B 188 -3.82 -0.22 -24.47
CA ALA B 188 -5.27 -0.40 -24.67
C ALA B 188 -5.43 -1.40 -25.77
N PHE B 189 -6.15 -2.48 -25.47
CA PHE B 189 -6.43 -3.57 -26.42
C PHE B 189 -7.92 -3.63 -26.67
N GLU B 190 -8.33 -3.44 -27.91
CA GLU B 190 -9.72 -3.41 -28.29
C GLU B 190 -10.05 -4.64 -29.11
N ALA B 191 -11.23 -5.23 -28.87
CA ALA B 191 -11.60 -6.42 -29.64
C ALA B 191 -13.12 -6.58 -29.63
N PRO B 192 -13.67 -7.34 -30.55
CA PRO B 192 -15.13 -7.59 -30.55
C PRO B 192 -15.58 -8.51 -29.45
N ARG B 193 -14.65 -9.26 -28.85
CA ARG B 193 -14.99 -10.25 -27.84
C ARG B 193 -13.93 -10.25 -26.75
N LEU B 194 -14.37 -10.27 -25.49
CA LEU B 194 -13.41 -10.23 -24.38
C LEU B 194 -12.47 -11.41 -24.40
N ASP B 195 -12.99 -12.60 -24.76
CA ASP B 195 -12.15 -13.80 -24.71
C ASP B 195 -10.93 -13.68 -25.62
N ARG B 196 -11.03 -12.89 -26.66
CA ARG B 196 -9.88 -12.71 -27.56
C ARG B 196 -8.73 -11.96 -26.87
N ILE B 197 -9.06 -11.00 -26.00
CA ILE B 197 -8.06 -10.26 -25.28
C ILE B 197 -7.39 -11.16 -24.24
N VAL B 198 -8.20 -11.95 -23.52
CA VAL B 198 -7.66 -12.91 -22.54
C VAL B 198 -6.67 -13.85 -23.24
N ASP B 199 -7.10 -14.42 -24.34
CA ASP B 199 -6.26 -15.39 -25.05
C ASP B 199 -5.00 -14.73 -25.63
N LEU B 200 -5.10 -13.50 -26.14
CA LEU B 200 -3.92 -12.75 -26.57
C LEU B 200 -2.93 -12.59 -25.43
N MET B 201 -3.38 -12.11 -24.29
CA MET B 201 -2.49 -11.85 -23.16
C MET B 201 -1.81 -13.15 -22.71
N HIS B 202 -2.56 -14.25 -22.68
CA HIS B 202 -2.01 -15.54 -22.31
C HIS B 202 -0.90 -15.96 -23.27
N LYS B 203 -1.15 -15.80 -24.58
CA LYS B 203 -0.17 -16.20 -25.58
C LYS B 203 1.07 -15.32 -25.49
N MET B 204 0.89 -14.04 -25.18
CA MET B 204 1.99 -13.11 -25.16
C MET B 204 2.91 -13.34 -23.98
N ARG B 205 2.55 -14.24 -23.08
CA ARG B 205 3.47 -14.62 -22.01
C ARG B 205 4.63 -15.46 -22.54
N TYR B 206 4.47 -16.03 -23.72
CA TYR B 206 5.46 -16.90 -24.31
C TYR B 206 6.43 -16.12 -25.19
N THR B 207 6.99 -15.04 -24.65
CA THR B 207 7.86 -14.15 -25.40
C THR B 207 9.05 -13.74 -24.54
N GLU B 208 10.21 -13.57 -25.18
CA GLU B 208 11.40 -13.14 -24.43
C GLU B 208 11.18 -11.80 -23.79
N ALA B 209 10.37 -10.93 -24.44
CA ALA B 209 10.06 -9.63 -23.86
C ALA B 209 9.53 -9.71 -22.42
N ARG B 210 9.00 -10.87 -21.99
CA ARG B 210 8.50 -10.99 -20.63
C ARG B 210 9.61 -10.93 -19.60
N LEU B 211 10.84 -11.18 -20.03
CA LEU B 211 12.01 -11.06 -19.16
C LEU B 211 12.46 -9.64 -18.93
N HIS B 212 11.70 -8.68 -19.41
CA HIS B 212 12.10 -7.27 -19.31
C HIS B 212 10.91 -6.40 -18.91
N VAL B 213 10.26 -6.78 -17.81
CA VAL B 213 9.03 -6.18 -17.33
C VAL B 213 9.15 -5.88 -15.84
N ARG B 214 8.65 -4.74 -15.43
CA ARG B 214 8.67 -4.36 -14.02
C ARG B 214 7.29 -4.12 -13.47
N GLU B 215 6.35 -3.60 -14.23
CA GLU B 215 5.01 -3.27 -13.70
C GLU B 215 4.05 -3.22 -14.85
N GLU B 216 2.82 -3.65 -14.58
CA GLU B 216 1.80 -3.72 -15.64
C GLU B 216 0.38 -3.71 -15.08
N THR B 217 0.18 -3.28 -13.85
CA THR B 217 -1.12 -3.14 -13.21
C THR B 217 -1.27 -1.72 -12.69
N PRO B 218 -2.49 -1.23 -12.52
CA PRO B 218 -3.81 -1.96 -12.64
C PRO B 218 -4.38 -2.12 -14.01
N PHE B 219 -5.10 -3.23 -14.21
CA PHE B 219 -5.89 -3.48 -15.39
C PHE B 219 -7.31 -2.98 -15.21
N PHE B 220 -7.87 -2.42 -16.31
CA PHE B 220 -9.26 -1.95 -16.35
C PHE B 220 -9.89 -2.54 -17.60
N THR B 221 -10.87 -3.42 -17.40
CA THR B 221 -11.51 -4.15 -18.50
C THR B 221 -13.00 -3.93 -18.48
N GLY B 222 -13.58 -3.67 -19.67
CA GLY B 222 -15.01 -3.39 -19.66
C GLY B 222 -15.58 -3.28 -21.05
N ARG B 223 -16.88 -2.98 -21.09
CA ARG B 223 -17.70 -3.00 -22.28
C ARG B 223 -17.99 -1.56 -22.74
N ARG B 224 -17.77 -1.29 -24.02
CA ARG B 224 -18.19 -0.01 -24.57
C ARG B 224 -19.70 0.14 -24.61
N VAL B 225 -20.21 1.26 -24.12
CA VAL B 225 -21.63 1.57 -24.18
C VAL B 225 -21.89 2.49 -25.37
N SER B 226 -23.15 2.51 -25.84
CA SER B 226 -23.53 3.37 -26.96
C SER B 226 -23.85 4.79 -26.53
N GLU B 227 -24.17 4.99 -25.25
CA GLU B 227 -24.60 6.30 -24.78
C GLU B 227 -24.56 6.31 -23.27
N VAL B 228 -24.46 7.52 -22.70
CA VAL B 228 -24.28 7.66 -21.25
C VAL B 228 -25.41 6.99 -20.49
N SER B 229 -26.63 7.06 -21.03
CA SER B 229 -27.80 6.50 -20.33
C SER B 229 -27.60 5.03 -19.98
N GLU B 230 -26.94 4.28 -20.87
CA GLU B 230 -26.73 2.86 -20.64
C GLU B 230 -25.78 2.62 -19.45
N LEU B 231 -24.83 3.51 -19.25
CA LEU B 231 -23.90 3.35 -18.13
C LEU B 231 -24.52 3.83 -16.83
N VAL B 232 -25.07 5.04 -16.83
CA VAL B 232 -25.64 5.60 -15.61
C VAL B 232 -26.69 4.67 -15.02
N ASN B 233 -27.54 4.08 -15.86
CA ASN B 233 -28.57 3.18 -15.34
C ASN B 233 -27.98 1.97 -14.63
N VAL B 234 -26.76 1.58 -14.96
CA VAL B 234 -26.16 0.39 -14.35
C VAL B 234 -25.62 0.67 -12.95
N LEU B 235 -25.22 1.90 -12.67
CA LEU B 235 -24.45 2.20 -11.49
C LEU B 235 -25.23 1.96 -10.22
N PRO B 236 -24.53 1.76 -9.11
CA PRO B 236 -25.22 1.69 -7.80
C PRO B 236 -25.82 3.05 -7.49
N GLY B 237 -27.03 3.03 -6.94
CA GLY B 237 -27.66 4.27 -6.51
C GLY B 237 -26.86 5.03 -5.46
N LEU C 7 4.90 -35.47 29.10
CA LEU C 7 3.66 -35.19 28.38
C LEU C 7 3.38 -36.30 27.37
N ASN C 8 2.13 -36.40 26.91
CA ASN C 8 1.80 -37.36 25.85
C ASN C 8 2.00 -36.65 24.53
N PHE C 9 3.23 -36.71 24.04
CA PHE C 9 3.58 -35.98 22.82
C PHE C 9 2.71 -36.39 21.63
N GLU C 10 2.32 -37.66 21.57
CA GLU C 10 1.55 -38.12 20.41
C GLU C 10 0.17 -37.47 20.41
N GLU C 11 -0.50 -37.45 21.56
CA GLU C 11 -1.81 -36.79 21.63
C GLU C 11 -1.68 -35.30 21.35
N LEU C 12 -0.66 -34.66 21.90
CA LEU C 12 -0.51 -33.20 21.70
C LEU C 12 -0.23 -32.89 20.22
N ASN C 13 0.50 -33.76 19.54
CA ASN C 13 0.81 -33.52 18.15
C ASN C 13 -0.40 -33.77 17.24
N SER C 14 -1.27 -34.72 17.61
CA SER C 14 -2.36 -35.10 16.72
C SER C 14 -3.64 -34.30 16.95
N MET C 15 -3.76 -33.58 18.06
CA MET C 15 -5.00 -32.88 18.36
C MET C 15 -5.24 -31.73 17.38
N GLN C 16 -6.50 -31.41 17.13
CA GLN C 16 -6.86 -30.37 16.17
C GLN C 16 -7.26 -29.10 16.93
N ARG C 17 -6.52 -28.01 16.70
CA ARG C 17 -6.83 -26.73 17.32
C ARG C 17 -6.54 -25.64 16.31
N TYR C 18 -7.55 -24.83 16.01
CA TYR C 18 -7.36 -23.56 15.31
C TYR C 18 -7.08 -22.46 16.30
N SER C 19 -6.22 -21.52 15.89
CA SER C 19 -5.84 -20.39 16.71
C SER C 19 -6.05 -19.11 15.88
N GLN C 20 -6.63 -18.07 16.53
CA GLN C 20 -6.82 -16.78 15.87
C GLN C 20 -6.35 -15.67 16.77
N PHE C 21 -5.50 -14.78 16.23
CA PHE C 21 -5.18 -13.50 16.84
C PHE C 21 -6.09 -12.48 16.17
N ALA C 22 -7.04 -11.97 16.92
CA ALA C 22 -8.00 -10.98 16.37
C ALA C 22 -7.60 -9.60 16.90
N VAL C 23 -7.02 -8.77 16.02
CA VAL C 23 -6.53 -7.46 16.40
C VAL C 23 -7.54 -6.39 16.02
N PHE C 24 -7.90 -5.54 16.99
CA PHE C 24 -8.93 -4.54 16.82
C PHE C 24 -8.35 -3.14 17.06
N ARG C 25 -9.00 -2.14 16.46
CA ARG C 25 -8.62 -0.74 16.67
C ARG C 25 -9.86 -0.01 17.17
N ALA C 26 -9.68 0.84 18.17
CA ALA C 26 -10.78 1.62 18.71
C ALA C 26 -11.14 2.77 17.77
N ILE C 27 -12.43 2.93 17.49
CA ILE C 27 -12.91 4.03 16.67
C ILE C 27 -12.92 5.31 17.49
N PRO C 28 -12.14 6.32 17.13
CA PRO C 28 -12.11 7.56 17.95
C PRO C 28 -13.50 8.16 18.11
N GLY C 29 -13.80 8.60 19.33
CA GLY C 29 -15.07 9.19 19.64
C GLY C 29 -16.21 8.23 19.84
N ALA C 30 -15.99 6.93 19.63
CA ALA C 30 -17.09 5.98 19.68
C ALA C 30 -17.37 5.49 21.10
N LEU C 31 -16.34 5.30 21.91
CA LEU C 31 -16.56 4.74 23.25
C LEU C 31 -17.27 5.72 24.15
N GLY C 32 -16.85 6.97 24.14
CA GLY C 32 -17.40 7.94 25.04
C GLY C 32 -16.77 7.85 26.41
N SER C 33 -17.42 8.49 27.37
CA SER C 33 -16.98 8.50 28.75
C SER C 33 -17.80 7.61 29.66
N ASP C 34 -18.93 7.06 29.18
CA ASP C 34 -19.80 6.17 29.95
C ASP C 34 -19.62 4.76 29.40
N ARG C 35 -18.77 3.96 30.07
CA ARG C 35 -18.32 2.69 29.56
C ARG C 35 -18.71 1.50 30.42
N ALA C 36 -19.44 1.71 31.53
CA ALA C 36 -19.75 0.61 32.42
C ALA C 36 -20.62 -0.44 31.72
N GLU C 37 -21.67 0.01 31.03
CA GLU C 37 -22.55 -0.92 30.33
C GLU C 37 -21.78 -1.70 29.28
N ILE C 38 -20.84 -1.04 28.61
CA ILE C 38 -20.03 -1.72 27.59
C ILE C 38 -19.16 -2.79 28.24
N VAL C 39 -18.63 -2.50 29.43
CA VAL C 39 -17.76 -3.44 30.12
C VAL C 39 -18.56 -4.65 30.61
N ALA C 40 -19.72 -4.39 31.24
CA ALA C 40 -20.58 -5.46 31.71
C ALA C 40 -21.04 -6.35 30.56
N GLN C 41 -21.43 -5.72 29.43
CA GLN C 41 -21.86 -6.51 28.29
C GLN C 41 -20.74 -7.33 27.72
N ALA C 42 -19.56 -6.73 27.53
CA ALA C 42 -18.45 -7.49 26.98
C ALA C 42 -18.04 -8.61 27.94
N GLN C 43 -18.01 -8.33 29.23
CA GLN C 43 -17.64 -9.36 30.19
C GLN C 43 -18.66 -10.49 30.16
N SER C 44 -19.94 -10.15 30.00
CA SER C 44 -20.94 -11.19 29.87
C SER C 44 -20.72 -12.01 28.61
N PHE C 45 -20.17 -11.40 27.56
CA PHE C 45 -19.93 -12.15 26.32
C PHE C 45 -18.85 -13.20 26.53
N PHE C 46 -17.75 -12.79 27.16
CA PHE C 46 -16.64 -13.73 27.37
C PHE C 46 -17.01 -14.77 28.41
N ASP C 47 -17.81 -14.40 29.41
CA ASP C 47 -18.37 -15.40 30.32
C ASP C 47 -19.12 -16.47 29.53
N GLY C 48 -19.96 -16.05 28.57
CA GLY C 48 -20.74 -17.02 27.81
C GLY C 48 -19.86 -17.98 27.02
N LEU C 49 -18.80 -17.46 26.42
CA LEU C 49 -17.91 -18.33 25.65
C LEU C 49 -17.26 -19.37 26.54
N GLU C 50 -16.78 -18.94 27.72
CA GLU C 50 -16.19 -19.89 28.65
C GLU C 50 -17.21 -20.94 29.05
N THR C 51 -18.47 -20.53 29.27
CA THR C 51 -19.50 -21.47 29.69
C THR C 51 -19.80 -22.49 28.61
N ALA C 52 -19.86 -22.04 27.36
CA ALA C 52 -20.20 -22.94 26.26
C ALA C 52 -19.13 -24.00 26.02
N GLY C 53 -17.88 -23.71 26.38
CA GLY C 53 -16.83 -24.71 26.31
C GLY C 53 -16.22 -24.97 24.97
N LYS C 54 -16.54 -24.18 23.95
CA LYS C 54 -16.05 -24.38 22.60
C LYS C 54 -14.85 -23.51 22.26
N VAL C 55 -14.90 -22.20 22.56
CA VAL C 55 -13.84 -21.26 22.24
C VAL C 55 -13.13 -20.90 23.53
N GLU C 56 -11.81 -21.08 23.53
CA GLU C 56 -10.97 -20.80 24.69
C GLU C 56 -10.20 -19.52 24.47
N VAL C 57 -10.45 -18.53 25.33
CA VAL C 57 -9.73 -17.26 25.27
C VAL C 57 -8.42 -17.41 26.04
N ARG C 58 -7.30 -17.44 25.31
CA ARG C 58 -6.00 -17.50 26.00
C ARG C 58 -5.65 -16.15 26.63
N GLY C 59 -6.06 -15.07 26.01
CA GLY C 59 -5.85 -13.77 26.65
C GLY C 59 -6.42 -12.66 25.81
N ILE C 60 -6.69 -11.53 26.49
CA ILE C 60 -6.98 -10.25 25.86
C ILE C 60 -5.77 -9.35 26.16
N TYR C 61 -5.31 -8.66 25.16
CA TYR C 61 -4.06 -7.91 25.23
C TYR C 61 -4.25 -6.44 24.90
N ASP C 62 -3.60 -5.60 25.70
CA ASP C 62 -3.58 -4.15 25.50
C ASP C 62 -2.36 -3.83 24.65
N LEU C 63 -2.58 -3.40 23.37
CA LEU C 63 -1.48 -3.12 22.48
C LEU C 63 -1.12 -1.63 22.49
N ALA C 64 -1.52 -0.90 23.51
CA ALA C 64 -1.24 0.52 23.57
C ALA C 64 0.26 0.80 23.37
N GLY C 65 0.53 1.67 22.42
CA GLY C 65 1.90 2.17 22.19
C GLY C 65 2.68 1.32 21.22
N CYS C 66 2.13 0.19 20.77
CA CYS C 66 2.89 -0.64 19.83
C CYS C 66 2.94 -0.06 18.44
N ARG C 67 1.78 0.32 17.90
CA ARG C 67 1.76 0.78 16.51
C ARG C 67 0.47 1.56 16.24
N ALA C 68 0.54 2.38 15.21
CA ALA C 68 -0.65 3.14 14.83
C ALA C 68 -1.66 2.13 14.29
N GLU C 69 -2.91 2.41 14.51
CA GLU C 69 -4.01 1.62 13.89
C GLU C 69 -4.21 0.26 14.51
N ALA C 70 -3.73 0.03 15.73
CA ALA C 70 -4.10 -1.16 16.49
C ALA C 70 -4.16 -0.82 17.96
N ASP C 71 -5.20 -1.28 18.66
CA ASP C 71 -5.32 -0.98 20.10
C ASP C 71 -5.46 -2.21 20.99
N PHE C 72 -6.06 -3.30 20.52
CA PHE C 72 -6.16 -4.50 21.37
C PHE C 72 -6.29 -5.73 20.51
N MET C 73 -6.17 -6.89 21.16
CA MET C 73 -6.09 -8.15 20.47
C MET C 73 -6.76 -9.22 21.33
N ILE C 74 -7.53 -10.09 20.71
CA ILE C 74 -8.06 -11.28 21.36
C ILE C 74 -7.36 -12.49 20.77
N TRP C 75 -6.86 -13.38 21.66
CA TRP C 75 -6.31 -14.68 21.26
C TRP C 75 -7.26 -15.74 21.75
N TRP C 76 -7.99 -16.41 20.82
CA TRP C 76 -8.85 -17.53 21.21
C TRP C 76 -8.59 -18.72 20.29
N ILE C 77 -8.94 -19.90 20.83
CA ILE C 77 -8.56 -21.20 20.29
C ILE C 77 -9.79 -22.10 20.30
N ALA C 78 -9.96 -22.89 19.23
CA ALA C 78 -11.08 -23.82 19.21
C ALA C 78 -10.72 -25.05 18.40
N GLU C 79 -11.42 -26.16 18.66
CA GLU C 79 -11.23 -27.36 17.85
C GLU C 79 -11.65 -27.13 16.40
N GLU C 80 -12.67 -26.30 16.16
CA GLU C 80 -13.23 -26.11 14.82
C GLU C 80 -13.17 -24.63 14.47
N PHE C 81 -12.69 -24.34 13.29
CA PHE C 81 -12.61 -22.95 12.83
C PHE C 81 -13.96 -22.28 12.80
N GLU C 82 -15.01 -23.04 12.44
CA GLU C 82 -16.35 -22.47 12.43
C GLU C 82 -16.75 -21.92 13.78
N GLU C 83 -16.18 -22.49 14.86
CA GLU C 83 -16.50 -22.01 16.19
C GLU C 83 -15.84 -20.67 16.44
N ILE C 84 -14.64 -20.44 15.89
CA ILE C 84 -14.03 -19.12 15.95
C ILE C 84 -14.82 -18.13 15.08
N GLN C 85 -15.22 -18.56 13.89
CA GLN C 85 -16.06 -17.71 13.04
C GLN C 85 -17.27 -17.25 13.80
N ALA C 86 -17.86 -18.15 14.60
CA ALA C 86 -19.11 -17.82 15.27
C ALA C 86 -18.85 -16.82 16.39
N ALA C 87 -17.80 -17.07 17.19
CA ALA C 87 -17.52 -16.17 18.31
C ALA C 87 -17.03 -14.82 17.81
N PHE C 88 -16.21 -14.82 16.78
CA PHE C 88 -15.73 -13.58 16.18
C PHE C 88 -16.88 -12.74 15.67
N ALA C 89 -17.77 -13.37 14.89
CA ALA C 89 -18.94 -12.65 14.38
C ALA C 89 -19.85 -12.18 15.50
N ARG C 90 -20.10 -13.04 16.49
CA ARG C 90 -20.96 -12.62 17.61
C ARG C 90 -20.35 -11.42 18.38
N PHE C 91 -19.03 -11.45 18.62
CA PHE C 91 -18.38 -10.31 19.26
C PHE C 91 -18.66 -9.01 18.51
N ARG C 92 -18.42 -9.03 17.19
CA ARG C 92 -18.61 -7.81 16.40
C ARG C 92 -20.08 -7.43 16.31
N ARG C 93 -20.96 -8.42 16.24
CA ARG C 93 -22.38 -8.15 15.95
C ARG C 93 -23.14 -7.79 17.22
N GLU C 94 -22.83 -8.44 18.35
CA GLU C 94 -23.73 -8.44 19.50
C GLU C 94 -23.15 -7.74 20.75
N THR C 95 -22.00 -7.09 20.63
CA THR C 95 -21.48 -6.29 21.74
C THR C 95 -21.18 -4.90 21.24
N VAL C 96 -21.44 -3.90 22.09
CA VAL C 96 -21.09 -2.54 21.72
C VAL C 96 -19.59 -2.43 21.51
N LEU C 97 -18.80 -3.09 22.35
CA LEU C 97 -17.36 -3.07 22.16
C LEU C 97 -16.99 -3.47 20.73
N GLY C 98 -17.59 -4.56 20.26
CA GLY C 98 -17.32 -5.00 18.90
C GLY C 98 -17.94 -4.09 17.85
N GLN C 99 -19.05 -3.44 18.19
CA GLN C 99 -19.70 -2.55 17.23
C GLN C 99 -18.94 -1.26 17.06
N VAL C 100 -18.19 -0.84 18.09
CA VAL C 100 -17.45 0.42 18.04
C VAL C 100 -15.95 0.21 17.81
N SER C 101 -15.56 -0.97 17.39
CA SER C 101 -14.18 -1.28 17.05
C SER C 101 -14.11 -1.69 15.57
N GLU C 102 -12.90 -1.56 15.00
N GLU C 102 -12.91 -1.57 15.02
CA GLU C 102 -12.63 -1.94 13.64
CA GLU C 102 -12.63 -1.95 13.64
C GLU C 102 -11.66 -3.12 13.63
C GLU C 102 -11.67 -3.14 13.65
N VAL C 103 -11.84 -4.05 12.70
CA VAL C 103 -10.92 -5.16 12.54
C VAL C 103 -9.66 -4.65 11.85
N ALA C 104 -8.53 -4.74 12.54
CA ALA C 104 -7.27 -4.33 11.96
C ALA C 104 -6.56 -5.45 11.21
N TRP C 105 -6.61 -6.66 11.73
CA TRP C 105 -5.75 -7.74 11.25
C TRP C 105 -6.18 -9.01 11.95
N LEU C 106 -6.19 -10.11 11.20
CA LEU C 106 -6.52 -11.43 11.72
C LEU C 106 -5.41 -12.42 11.42
N GLY C 107 -4.88 -13.08 12.46
CA GLY C 107 -3.86 -14.06 12.26
C GLY C 107 -4.34 -15.47 12.63
N ASN C 108 -4.68 -16.26 11.63
CA ASN C 108 -5.29 -17.58 11.81
C ASN C 108 -4.26 -18.68 11.58
N SER C 109 -4.41 -19.79 12.33
CA SER C 109 -3.45 -20.88 12.22
C SER C 109 -4.12 -22.19 12.68
N LEU C 110 -3.47 -23.29 12.33
CA LEU C 110 -3.94 -24.65 12.64
C LEU C 110 -2.73 -25.44 13.12
N HIS C 111 -2.80 -25.93 14.35
CA HIS C 111 -1.66 -26.61 14.92
C HIS C 111 -1.35 -27.87 14.13
N ARG C 112 -0.08 -28.09 13.85
CA ARG C 112 0.39 -29.34 13.26
C ARG C 112 1.71 -29.75 13.92
N PRO C 113 2.07 -31.04 13.84
CA PRO C 113 3.38 -31.44 14.29
C PRO C 113 4.47 -30.73 13.52
N ALA C 114 5.60 -30.50 14.22
CA ALA C 114 6.79 -29.98 13.56
C ALA C 114 7.36 -31.02 12.60
N GLU C 115 8.13 -30.53 11.62
CA GLU C 115 8.63 -31.40 10.55
C GLU C 115 9.68 -32.36 11.03
N PHE C 116 10.56 -31.89 11.94
CA PHE C 116 11.66 -32.72 12.42
C PHE C 116 11.62 -32.99 13.92
N ASN C 117 11.30 -32.00 14.73
CA ASN C 117 11.39 -32.18 16.21
C ASN C 117 9.98 -32.18 16.78
N ARG C 118 9.42 -33.35 16.92
CA ARG C 118 8.05 -33.49 17.42
C ARG C 118 7.88 -33.17 18.89
N SER C 119 8.96 -32.84 19.59
N SER C 119 8.96 -32.85 19.61
CA SER C 119 8.87 -32.29 20.94
CA SER C 119 8.86 -32.30 20.94
C SER C 119 8.70 -30.78 20.95
C SER C 119 8.73 -30.77 20.96
N HIS C 120 8.85 -30.12 19.79
CA HIS C 120 8.56 -28.71 19.66
C HIS C 120 7.05 -28.53 19.50
N LEU C 121 6.41 -27.94 20.52
CA LEU C 121 4.95 -27.78 20.51
C LEU C 121 4.59 -26.39 20.98
N PRO C 122 3.53 -25.82 20.45
CA PRO C 122 3.12 -24.49 20.91
C PRO C 122 2.85 -24.48 22.40
N SER C 123 3.26 -23.38 23.05
CA SER C 123 2.98 -23.23 24.45
C SER C 123 1.50 -23.41 24.74
N PHE C 124 0.63 -22.96 23.82
CA PHE C 124 -0.81 -23.09 24.09
C PHE C 124 -1.26 -24.57 23.99
N ILE C 125 -0.63 -25.36 23.13
CA ILE C 125 -0.97 -26.79 23.10
C ILE C 125 -0.49 -27.50 24.38
N MET C 126 0.68 -27.09 24.88
CA MET C 126 1.20 -27.69 26.10
C MET C 126 0.37 -27.29 27.31
N GLY C 127 -0.61 -26.40 27.15
CA GLY C 127 -1.42 -25.98 28.29
C GLY C 127 -0.68 -25.11 29.28
N GLU C 128 0.36 -24.39 28.85
CA GLU C 128 1.15 -23.55 29.74
C GLU C 128 0.41 -22.27 30.10
N ILE C 129 0.68 -21.76 31.29
CA ILE C 129 0.11 -20.45 31.67
C ILE C 129 0.52 -19.43 30.61
N PRO C 130 -0.38 -18.61 30.10
CA PRO C 130 0.04 -17.59 29.12
C PRO C 130 0.93 -16.52 29.75
N GLY C 131 1.83 -16.00 28.93
CA GLY C 131 2.75 -14.98 29.41
C GLY C 131 2.09 -13.64 29.60
N ASP C 132 2.68 -12.85 30.49
CA ASP C 132 2.20 -11.49 30.75
C ASP C 132 2.43 -10.54 29.58
N TRP C 133 3.44 -10.79 28.77
CA TRP C 133 3.73 -9.99 27.58
C TRP C 133 3.73 -10.91 26.37
N ILE C 134 3.28 -10.39 25.22
CA ILE C 134 3.18 -11.18 24.01
C ILE C 134 3.60 -10.33 22.80
N THR C 135 4.19 -11.00 21.82
N THR C 135 4.13 -11.01 21.80
CA THR C 135 4.40 -10.48 20.50
CA THR C 135 4.39 -10.43 20.50
C THR C 135 3.87 -11.51 19.53
C THR C 135 3.99 -11.46 19.45
N VAL C 136 3.06 -11.09 18.57
CA VAL C 136 2.54 -11.97 17.55
C VAL C 136 2.83 -11.36 16.20
N ALA C 137 3.09 -12.21 15.23
CA ALA C 137 3.44 -11.79 13.88
C ALA C 137 3.26 -12.97 12.95
N PRO C 138 3.04 -12.73 11.71
CA PRO C 138 3.02 -13.82 10.72
C PRO C 138 4.43 -14.12 10.24
N PHE C 139 4.54 -15.10 9.36
CA PHE C 139 5.84 -15.42 8.82
C PHE C 139 5.64 -16.10 7.48
N VAL C 140 6.56 -15.81 6.56
CA VAL C 140 6.56 -16.40 5.24
C VAL C 140 8.00 -16.70 4.89
N ARG C 141 8.28 -17.97 4.59
CA ARG C 141 9.63 -18.38 4.28
C ARG C 141 9.99 -18.03 2.82
N SER C 142 11.30 -18.07 2.51
CA SER C 142 11.76 -17.97 1.15
C SER C 142 11.11 -19.05 0.29
N TYR C 143 11.08 -18.81 -1.01
CA TYR C 143 10.48 -19.76 -1.93
C TYR C 143 11.15 -21.12 -1.90
N ASP C 144 12.47 -21.13 -1.68
CA ASP C 144 13.30 -22.32 -1.82
C ASP C 144 13.32 -23.17 -0.56
N TRP C 145 12.61 -22.73 0.49
CA TRP C 145 12.85 -23.30 1.83
C TRP C 145 12.40 -24.73 1.96
N TYR C 146 11.26 -25.05 1.39
CA TYR C 146 10.63 -26.36 1.62
C TYR C 146 11.19 -27.42 0.68
N ILE C 147 11.56 -27.04 -0.55
CA ILE C 147 12.20 -27.96 -1.50
C ILE C 147 13.65 -28.19 -1.19
N MET C 148 14.24 -27.38 -0.30
CA MET C 148 15.61 -27.62 0.15
C MET C 148 15.82 -29.07 0.60
N ASP C 149 17.05 -29.52 0.49
CA ASP C 149 17.49 -30.82 1.03
C ASP C 149 17.04 -30.95 2.49
N PRO C 150 16.22 -31.95 2.83
CA PRO C 150 15.68 -31.99 4.20
C PRO C 150 16.75 -32.02 5.28
N GLN C 151 17.86 -32.68 5.01
CA GLN C 151 18.96 -32.72 5.99
C GLN C 151 19.47 -31.32 6.27
N LYS C 152 19.48 -30.46 5.25
CA LYS C 152 19.95 -29.10 5.40
C LYS C 152 18.94 -28.26 6.16
N ARG C 153 17.65 -28.35 5.79
CA ARG C 153 16.63 -27.62 6.53
C ARG C 153 16.63 -28.03 8.00
N ARG C 154 16.76 -29.33 8.28
CA ARG C 154 16.80 -29.82 9.66
C ARG C 154 17.94 -29.18 10.42
N LYS C 155 19.13 -29.21 9.87
CA LYS C 155 20.29 -28.61 10.54
C LYS C 155 20.06 -27.14 10.81
N ILE C 156 19.51 -26.41 9.82
CA ILE C 156 19.29 -24.99 9.99
C ILE C 156 18.31 -24.76 11.13
N LEU C 157 17.23 -25.58 11.20
CA LEU C 157 16.25 -25.37 12.28
C LEU C 157 16.81 -25.81 13.64
N ALA C 158 17.69 -26.77 13.65
CA ALA C 158 18.32 -27.14 14.92
C ALA C 158 19.20 -26.00 15.43
N GLU C 159 19.94 -25.34 14.53
CA GLU C 159 20.76 -24.19 14.97
C GLU C 159 19.88 -23.03 15.38
N HIS C 160 18.75 -22.84 14.66
CA HIS C 160 17.78 -21.81 15.01
C HIS C 160 17.30 -22.00 16.44
N GLY C 161 16.88 -23.20 16.78
CA GLY C 161 16.45 -23.48 18.13
C GLY C 161 17.58 -23.31 19.13
N GLN C 162 18.79 -23.75 18.75
CA GLN C 162 19.94 -23.56 19.64
C GLN C 162 20.18 -22.09 19.96
N ALA C 163 19.97 -21.21 18.96
CA ALA C 163 20.21 -19.79 19.19
C ALA C 163 19.34 -19.25 20.32
N ALA C 164 18.20 -19.90 20.61
CA ALA C 164 17.32 -19.45 21.67
C ALA C 164 17.61 -20.11 23.02
N ARG C 165 18.77 -20.74 23.17
CA ARG C 165 19.08 -21.51 24.39
C ARG C 165 18.93 -20.67 25.66
N ASP C 166 19.25 -19.37 25.60
CA ASP C 166 19.25 -18.54 26.80
C ASP C 166 17.89 -17.92 27.10
N PHE C 167 16.83 -18.31 26.36
CA PHE C 167 15.54 -17.69 26.53
C PHE C 167 14.45 -18.71 26.85
N PRO C 168 14.69 -19.61 27.81
CA PRO C 168 13.66 -20.62 28.12
C PRO C 168 12.41 -20.02 28.71
N ASP C 169 12.50 -18.80 29.23
CA ASP C 169 11.35 -18.09 29.78
C ASP C 169 10.45 -17.49 28.71
N VAL C 170 10.92 -17.40 27.48
CA VAL C 170 10.10 -16.95 26.38
C VAL C 170 9.52 -18.20 25.71
N ARG C 171 8.20 -18.38 25.80
CA ARG C 171 7.55 -19.56 25.24
C ARG C 171 7.09 -19.29 23.80
N ALA C 172 7.48 -20.16 22.89
CA ALA C 172 7.13 -20.02 21.48
C ALA C 172 5.82 -20.74 21.16
N ASN C 173 5.15 -20.22 20.12
CA ASN C 173 4.01 -20.87 19.46
C ASN C 173 4.26 -20.68 17.97
N THR C 174 4.65 -21.75 17.26
CA THR C 174 4.86 -21.66 15.81
C THR C 174 3.86 -22.56 15.12
N VAL C 175 3.00 -21.97 14.29
CA VAL C 175 1.77 -22.65 13.90
C VAL C 175 1.44 -22.43 12.43
N PRO C 176 1.21 -23.47 11.66
CA PRO C 176 0.91 -23.28 10.22
C PRO C 176 -0.29 -22.40 9.98
N ALA C 177 -0.18 -21.57 8.95
CA ALA C 177 -1.21 -20.61 8.59
C ALA C 177 -1.56 -20.69 7.10
N PHE C 178 -1.09 -21.72 6.38
CA PHE C 178 -1.37 -21.82 4.95
C PHE C 178 -2.87 -21.82 4.70
N ALA C 179 -3.32 -20.99 3.77
CA ALA C 179 -4.70 -20.91 3.30
C ALA C 179 -5.65 -20.29 4.32
N LEU C 180 -5.14 -19.76 5.41
CA LEU C 180 -6.00 -19.11 6.41
C LEU C 180 -5.79 -17.60 6.44
N GLY C 181 -5.32 -17.05 5.32
CA GLY C 181 -4.81 -15.70 5.23
C GLY C 181 -3.65 -15.69 4.27
N ASP C 182 -2.89 -14.63 4.31
CA ASP C 182 -1.83 -14.39 3.32
C ASP C 182 -0.49 -14.95 3.72
N TYR C 183 -0.44 -15.82 4.74
CA TYR C 183 0.86 -16.17 5.34
C TYR C 183 1.07 -17.67 5.40
N GLU C 184 2.29 -18.04 5.82
CA GLU C 184 2.65 -19.44 5.95
C GLU C 184 2.67 -19.93 7.42
N TRP C 185 2.99 -19.05 8.37
CA TRP C 185 3.02 -19.40 9.76
C TRP C 185 2.42 -18.27 10.57
N MET C 186 1.86 -18.61 11.71
CA MET C 186 1.53 -17.66 12.77
C MET C 186 2.53 -17.87 13.90
N LEU C 187 3.00 -16.77 14.50
CA LEU C 187 3.99 -16.80 15.57
C LEU C 187 3.47 -16.02 16.76
N ALA C 188 3.69 -16.58 17.98
CA ALA C 188 3.38 -15.87 19.20
C ALA C 188 4.45 -16.24 20.19
N PHE C 189 5.04 -15.24 20.80
CA PHE C 189 6.09 -15.43 21.83
C PHE C 189 5.64 -14.79 23.12
N GLU C 190 5.67 -15.57 24.20
CA GLU C 190 5.06 -15.20 25.47
C GLU C 190 6.13 -15.12 26.54
N ALA C 191 6.16 -14.02 27.29
CA ALA C 191 7.25 -13.87 28.27
C ALA C 191 6.76 -13.10 29.47
N PRO C 192 7.49 -13.15 30.58
CA PRO C 192 7.10 -12.34 31.75
C PRO C 192 7.48 -10.88 31.63
N ARG C 193 8.45 -10.53 30.77
CA ARG C 193 8.84 -9.15 30.55
C ARG C 193 9.13 -8.91 29.10
N LEU C 194 8.82 -7.70 28.64
CA LEU C 194 8.94 -7.38 27.22
C LEU C 194 10.38 -7.45 26.72
N ASP C 195 11.34 -7.02 27.55
CA ASP C 195 12.72 -6.99 27.07
C ASP C 195 13.24 -8.37 26.68
N ARG C 196 12.69 -9.44 27.29
CA ARG C 196 13.10 -10.79 26.93
C ARG C 196 12.75 -11.12 25.49
N ILE C 197 11.59 -10.64 25.01
CA ILE C 197 11.20 -10.86 23.62
C ILE C 197 12.06 -10.07 22.67
N VAL C 198 12.30 -8.79 22.99
CA VAL C 198 13.19 -7.96 22.17
C VAL C 198 14.56 -8.61 22.05
N ASP C 199 15.12 -9.05 23.19
CA ASP C 199 16.48 -9.62 23.18
C ASP C 199 16.48 -10.94 22.42
N LEU C 200 15.42 -11.75 22.56
CA LEU C 200 15.37 -13.01 21.84
C LEU C 200 15.39 -12.77 20.36
N MET C 201 14.59 -11.81 19.90
CA MET C 201 14.53 -11.57 18.46
C MET C 201 15.87 -11.10 17.93
N HIS C 202 16.53 -10.21 18.65
CA HIS C 202 17.84 -9.73 18.26
C HIS C 202 18.82 -10.87 18.11
N LYS C 203 18.89 -11.74 19.15
CA LYS C 203 19.78 -12.89 19.09
C LYS C 203 19.43 -13.80 17.92
N MET C 204 18.14 -14.03 17.65
CA MET C 204 17.74 -14.96 16.61
C MET C 204 18.11 -14.48 15.20
N ARG C 205 18.50 -13.23 15.04
CA ARG C 205 18.99 -12.79 13.74
C ARG C 205 20.30 -13.46 13.38
N TYR C 206 21.03 -13.97 14.37
CA TYR C 206 22.35 -14.54 14.13
C TYR C 206 22.23 -16.04 13.80
N THR C 207 21.48 -16.33 12.76
CA THR C 207 21.17 -17.71 12.36
C THR C 207 21.07 -17.79 10.84
N GLU C 208 21.39 -18.98 10.32
CA GLU C 208 21.32 -19.24 8.89
C GLU C 208 19.88 -19.23 8.38
N ALA C 209 18.91 -19.54 9.25
CA ALA C 209 17.50 -19.49 8.84
C ALA C 209 17.12 -18.12 8.30
N ARG C 210 17.82 -17.05 8.72
CA ARG C 210 17.53 -15.70 8.27
C ARG C 210 17.75 -15.52 6.78
N LEU C 211 18.59 -16.37 6.18
CA LEU C 211 18.76 -16.37 4.73
C LEU C 211 17.61 -17.02 3.99
N HIS C 212 16.49 -17.36 4.65
CA HIS C 212 15.38 -18.03 3.96
C HIS C 212 14.06 -17.48 4.47
N VAL C 213 13.95 -16.16 4.42
CA VAL C 213 12.80 -15.41 4.90
C VAL C 213 12.32 -14.46 3.81
N ARG C 214 10.97 -14.29 3.73
CA ARG C 214 10.35 -13.40 2.78
C ARG C 214 9.53 -12.31 3.43
N GLU C 215 8.86 -12.60 4.53
CA GLU C 215 7.95 -11.63 5.15
C GLU C 215 7.72 -12.00 6.60
N GLU C 216 7.66 -10.98 7.47
CA GLU C 216 7.46 -11.27 8.89
C GLU C 216 6.71 -10.18 9.62
N THR C 217 6.05 -9.27 8.89
CA THR C 217 5.30 -8.16 9.48
C THR C 217 3.83 -8.21 9.03
N PRO C 218 2.90 -7.61 9.77
CA PRO C 218 3.08 -6.73 10.96
C PRO C 218 3.26 -7.48 12.31
N PHE C 219 3.96 -6.80 13.25
CA PHE C 219 4.09 -7.27 14.62
C PHE C 219 3.07 -6.59 15.51
N PHE C 220 2.58 -7.34 16.49
CA PHE C 220 1.59 -6.83 17.44
C PHE C 220 2.07 -7.21 18.82
N THR C 221 2.40 -6.24 19.64
CA THR C 221 3.03 -6.47 20.93
C THR C 221 2.25 -5.75 22.03
N GLY C 222 2.03 -6.43 23.16
CA GLY C 222 1.28 -5.83 24.23
C GLY C 222 1.20 -6.70 25.46
N ARG C 223 0.38 -6.26 26.39
CA ARG C 223 0.31 -6.80 27.72
C ARG C 223 -1.03 -7.48 27.97
N ARG C 224 -0.98 -8.69 28.55
CA ARG C 224 -2.20 -9.42 28.85
C ARG C 224 -2.94 -8.72 29.99
N VAL C 225 -4.25 -8.56 29.86
CA VAL C 225 -5.07 -8.00 30.92
C VAL C 225 -5.75 -9.13 31.67
N SER C 226 -6.12 -8.86 32.94
CA SER C 226 -6.78 -9.87 33.76
C SER C 226 -8.27 -9.97 33.47
N GLU C 227 -8.87 -8.93 32.90
CA GLU C 227 -10.31 -8.92 32.67
C GLU C 227 -10.63 -7.81 31.68
N VAL C 228 -11.85 -7.86 31.13
CA VAL C 228 -12.21 -6.95 30.05
C VAL C 228 -12.20 -5.51 30.53
N SER C 229 -12.54 -5.28 31.81
CA SER C 229 -12.60 -3.91 32.31
C SER C 229 -11.27 -3.21 32.14
N GLU C 230 -10.17 -3.88 32.50
CA GLU C 230 -8.85 -3.26 32.43
C GLU C 230 -8.54 -2.77 31.03
N LEU C 231 -9.07 -3.42 30.00
CA LEU C 231 -8.82 -2.99 28.64
C LEU C 231 -9.73 -1.83 28.25
N VAL C 232 -11.04 -2.02 28.41
CA VAL C 232 -12.01 -1.04 27.94
C VAL C 232 -11.73 0.34 28.53
N ASN C 233 -11.26 0.40 29.77
CA ASN C 233 -11.03 1.68 30.44
C ASN C 233 -9.75 2.36 30.01
N VAL C 234 -8.84 1.65 29.34
CA VAL C 234 -7.64 2.29 28.80
C VAL C 234 -7.87 2.83 27.39
N LEU C 235 -8.87 2.31 26.67
CA LEU C 235 -8.99 2.57 25.26
C LEU C 235 -9.17 4.06 24.98
N PRO C 236 -8.69 4.55 23.83
CA PRO C 236 -8.91 5.95 23.49
C PRO C 236 -10.38 6.27 23.27
N GLY C 237 -10.79 7.41 23.78
CA GLY C 237 -12.19 7.81 23.71
C GLY C 237 -12.68 8.06 22.29
N ASN D 8 29.45 5.69 34.60
CA ASN D 8 30.56 5.11 33.83
C ASN D 8 30.02 4.45 32.54
N PHE D 9 30.93 3.86 31.75
CA PHE D 9 30.53 3.26 30.49
C PHE D 9 29.76 1.95 30.71
N GLU D 10 30.22 1.10 31.64
CA GLU D 10 29.48 -0.12 31.93
C GLU D 10 28.06 0.21 32.35
N GLU D 11 27.90 1.20 33.23
CA GLU D 11 26.57 1.56 33.72
C GLU D 11 25.68 2.01 32.57
N LEU D 12 26.24 2.75 31.62
CA LEU D 12 25.43 3.28 30.53
C LEU D 12 25.06 2.17 29.56
N ASN D 13 25.95 1.22 29.32
CA ASN D 13 25.61 0.10 28.43
C ASN D 13 24.50 -0.77 29.04
N SER D 14 24.54 -1.00 30.35
CA SER D 14 23.59 -1.89 31.00
C SER D 14 22.27 -1.23 31.38
N MET D 15 22.17 0.10 31.28
CA MET D 15 20.94 0.81 31.60
C MET D 15 19.78 0.27 30.81
N GLN D 16 18.58 0.27 31.44
CA GLN D 16 17.36 -0.12 30.76
C GLN D 16 16.56 1.14 30.46
N ARG D 17 16.38 1.47 29.18
CA ARG D 17 15.65 2.64 28.76
C ARG D 17 14.89 2.30 27.50
N TYR D 18 13.54 2.46 27.54
CA TYR D 18 12.74 2.41 26.31
C TYR D 18 12.61 3.80 25.77
N SER D 19 12.52 3.89 24.47
CA SER D 19 12.39 5.14 23.77
C SER D 19 11.25 5.05 22.73
N GLN D 20 10.45 6.09 22.66
CA GLN D 20 9.37 6.11 21.69
C GLN D 20 9.31 7.45 20.99
N PHE D 21 9.26 7.39 19.64
CA PHE D 21 8.93 8.53 18.80
C PHE D 21 7.43 8.42 18.50
N ALA D 22 6.61 9.26 19.11
CA ALA D 22 5.16 9.25 18.88
C ALA D 22 4.83 10.38 17.90
N VAL D 23 4.51 9.99 16.69
CA VAL D 23 4.21 10.95 15.60
C VAL D 23 2.71 11.09 15.48
N PHE D 24 2.23 12.36 15.49
CA PHE D 24 0.79 12.64 15.42
C PHE D 24 0.46 13.50 14.21
N ARG D 25 -0.77 13.40 13.78
CA ARG D 25 -1.33 14.10 12.63
C ARG D 25 -2.47 14.94 13.17
N ALA D 26 -2.49 16.22 12.73
CA ALA D 26 -3.61 17.07 13.07
C ALA D 26 -4.87 16.69 12.31
N ILE D 27 -6.01 16.92 12.92
CA ILE D 27 -7.31 16.68 12.31
C ILE D 27 -7.92 18.04 11.97
N PRO D 28 -8.00 18.42 10.69
CA PRO D 28 -8.57 19.75 10.38
C PRO D 28 -9.97 19.88 10.96
N GLY D 29 -10.25 21.07 11.51
CA GLY D 29 -11.54 21.37 12.10
C GLY D 29 -11.69 21.03 13.57
N ALA D 30 -10.77 20.24 14.16
CA ALA D 30 -10.96 19.82 15.52
C ALA D 30 -10.40 20.81 16.54
N LEU D 31 -9.29 21.46 16.23
CA LEU D 31 -8.58 22.28 17.21
C LEU D 31 -9.23 23.66 17.36
N GLY D 32 -9.73 24.25 16.28
CA GLY D 32 -10.37 25.57 16.37
C GLY D 32 -9.34 26.68 16.40
N SER D 33 -9.81 27.88 16.80
CA SER D 33 -8.96 29.06 16.80
C SER D 33 -8.72 29.67 18.19
N ASP D 34 -9.41 29.21 19.23
CA ASP D 34 -9.18 29.68 20.60
C ASP D 34 -8.35 28.63 21.31
N ARG D 35 -7.05 28.89 21.46
CA ARG D 35 -6.10 27.87 21.88
C ARG D 35 -5.33 28.19 23.16
N ALA D 36 -5.60 29.32 23.82
CA ALA D 36 -4.84 29.66 25.01
C ALA D 36 -4.99 28.59 26.08
N GLU D 37 -6.24 28.19 26.37
CA GLU D 37 -6.46 27.15 27.37
C GLU D 37 -5.96 25.81 26.90
N ILE D 38 -6.09 25.52 25.60
CA ILE D 38 -5.51 24.29 25.08
C ILE D 38 -4.01 24.27 25.37
N VAL D 39 -3.34 25.41 25.16
CA VAL D 39 -1.90 25.48 25.39
C VAL D 39 -1.61 25.25 26.87
N ALA D 40 -2.22 26.07 27.74
CA ALA D 40 -1.98 25.97 29.17
C ALA D 40 -2.19 24.53 29.66
N GLN D 41 -3.26 23.87 29.20
CA GLN D 41 -3.51 22.51 29.64
C GLN D 41 -2.40 21.55 29.19
N ALA D 42 -1.95 21.68 27.95
CA ALA D 42 -0.90 20.77 27.47
C ALA D 42 0.41 21.01 28.22
N GLN D 43 0.74 22.28 28.49
CA GLN D 43 1.94 22.59 29.26
C GLN D 43 1.88 21.94 30.64
N SER D 44 0.71 21.95 31.26
CA SER D 44 0.56 21.35 32.57
C SER D 44 0.76 19.85 32.51
N PHE D 45 0.24 19.21 31.46
CA PHE D 45 0.40 17.75 31.31
C PHE D 45 1.88 17.37 31.25
N PHE D 46 2.67 18.12 30.48
CA PHE D 46 4.09 17.79 30.35
C PHE D 46 4.85 18.21 31.59
N ASP D 47 4.50 19.35 32.18
CA ASP D 47 5.08 19.75 33.45
C ASP D 47 4.86 18.66 34.50
N GLY D 48 3.64 18.12 34.56
CA GLY D 48 3.37 17.01 35.44
C GLY D 48 4.25 15.81 35.15
N LEU D 49 4.32 15.40 33.88
CA LEU D 49 5.21 14.30 33.49
C LEU D 49 6.60 14.50 34.06
N GLU D 50 7.16 15.70 33.87
CA GLU D 50 8.49 16.02 34.37
C GLU D 50 8.58 15.76 35.86
N THR D 51 7.67 16.32 36.65
CA THR D 51 7.76 16.20 38.10
C THR D 51 7.53 14.77 38.57
N ALA D 52 6.70 13.99 37.88
CA ALA D 52 6.46 12.62 38.34
C ALA D 52 7.73 11.76 38.24
N GLY D 53 8.65 12.10 37.36
CA GLY D 53 9.96 11.51 37.37
C GLY D 53 10.10 10.19 36.67
N LYS D 54 9.08 9.72 35.96
CA LYS D 54 9.11 8.43 35.29
C LYS D 54 9.34 8.53 33.79
N VAL D 55 8.67 9.46 33.10
CA VAL D 55 8.83 9.62 31.66
C VAL D 55 9.60 10.90 31.39
N GLU D 56 10.67 10.80 30.60
CA GLU D 56 11.46 11.94 30.19
C GLU D 56 11.08 12.35 28.78
N VAL D 57 10.62 13.57 28.65
CA VAL D 57 10.29 14.12 27.32
C VAL D 57 11.57 14.79 26.79
N ARG D 58 12.21 14.14 25.81
CA ARG D 58 13.43 14.71 25.26
C ARG D 58 13.13 15.89 24.35
N GLY D 59 12.02 15.85 23.64
CA GLY D 59 11.59 17.03 22.91
C GLY D 59 10.19 16.86 22.33
N ILE D 60 9.63 17.98 21.94
CA ILE D 60 8.43 18.03 21.11
C ILE D 60 8.81 18.77 19.83
N TYR D 61 8.48 18.19 18.70
CA TYR D 61 9.02 18.66 17.41
C TYR D 61 7.91 19.10 16.46
N ASP D 62 8.07 20.25 15.86
CA ASP D 62 7.22 20.73 14.76
C ASP D 62 7.69 20.03 13.48
N LEU D 63 6.89 19.11 12.99
CA LEU D 63 7.14 18.44 11.72
C LEU D 63 6.39 19.14 10.54
N ALA D 64 5.83 20.29 10.77
CA ALA D 64 5.12 21.00 9.69
C ALA D 64 5.94 21.02 8.40
N GLY D 65 5.37 20.46 7.34
CA GLY D 65 6.02 20.53 6.04
C GLY D 65 6.96 19.39 5.70
N CYS D 66 7.21 18.47 6.61
CA CYS D 66 8.09 17.33 6.31
C CYS D 66 7.44 16.35 5.38
N ARG D 67 6.19 15.94 5.68
CA ARG D 67 5.54 14.91 4.87
C ARG D 67 4.03 15.01 5.04
N ALA D 68 3.32 14.52 4.04
CA ALA D 68 1.87 14.38 4.17
C ALA D 68 1.53 13.49 5.34
N GLU D 69 0.52 13.88 6.08
CA GLU D 69 -0.10 13.03 7.11
C GLU D 69 0.68 12.94 8.40
N ALA D 70 1.55 13.87 8.69
CA ALA D 70 2.15 14.04 10.01
C ALA D 70 2.36 15.52 10.28
N ASP D 71 2.23 15.90 11.54
CA ASP D 71 2.36 17.29 11.96
C ASP D 71 3.30 17.48 13.14
N PHE D 72 3.41 16.52 14.05
CA PHE D 72 4.28 16.70 15.18
C PHE D 72 4.65 15.39 15.83
N MET D 73 5.66 15.46 16.70
CA MET D 73 6.24 14.26 17.31
C MET D 73 6.62 14.54 18.75
N ILE D 74 6.36 13.56 19.63
CA ILE D 74 6.84 13.54 20.98
C ILE D 74 7.89 12.46 21.10
N TRP D 75 9.09 12.83 21.56
CA TRP D 75 10.15 11.86 21.87
C TRP D 75 10.24 11.74 23.40
N TRP D 76 9.78 10.60 23.95
CA TRP D 76 9.88 10.42 25.35
C TRP D 76 10.51 9.08 25.68
N ILE D 77 11.04 8.98 26.89
CA ILE D 77 11.92 7.88 27.32
C ILE D 77 11.55 7.46 28.74
N ALA D 78 11.58 6.16 28.99
CA ALA D 78 11.36 5.71 30.36
C ALA D 78 12.05 4.37 30.60
N GLU D 79 12.23 4.06 31.84
CA GLU D 79 12.86 2.77 32.21
C GLU D 79 11.95 1.61 31.90
N GLU D 80 10.64 1.82 31.96
CA GLU D 80 9.67 0.74 31.75
C GLU D 80 8.77 1.16 30.59
N PHE D 81 8.57 0.24 29.65
CA PHE D 81 7.67 0.55 28.53
C PHE D 81 6.28 0.87 29.04
N GLU D 82 5.85 0.22 30.13
CA GLU D 82 4.50 0.51 30.65
C GLU D 82 4.35 1.98 31.05
N GLU D 83 5.48 2.63 31.38
CA GLU D 83 5.42 4.04 31.74
C GLU D 83 5.12 4.91 30.51
N ILE D 84 5.62 4.49 29.35
CA ILE D 84 5.34 5.18 28.12
C ILE D 84 3.90 4.90 27.68
N GLN D 85 3.46 3.64 27.77
CA GLN D 85 2.07 3.32 27.43
C GLN D 85 1.11 4.20 28.21
N ALA D 86 1.34 4.34 29.53
CA ALA D 86 0.49 5.19 30.36
C ALA D 86 0.55 6.66 29.95
N ALA D 87 1.75 7.19 29.65
CA ALA D 87 1.86 8.57 29.26
C ALA D 87 1.26 8.81 27.88
N PHE D 88 1.50 7.91 26.93
CA PHE D 88 0.85 7.97 25.63
C PHE D 88 -0.67 7.90 25.76
N ALA D 89 -1.17 6.92 26.51
CA ALA D 89 -2.62 6.79 26.68
C ALA D 89 -3.20 8.00 27.40
N ARG D 90 -2.50 8.52 28.41
CA ARG D 90 -3.02 9.70 29.13
C ARG D 90 -2.98 10.95 28.24
N PHE D 91 -1.94 11.10 27.40
CA PHE D 91 -1.90 12.24 26.50
C PHE D 91 -3.11 12.25 25.58
N ARG D 92 -3.40 11.09 24.95
CA ARG D 92 -4.48 11.02 23.98
C ARG D 92 -5.82 11.23 24.65
N ARG D 93 -5.97 10.72 25.86
CA ARG D 93 -7.27 10.64 26.52
C ARG D 93 -7.60 11.87 27.37
N GLU D 94 -6.58 12.58 27.88
CA GLU D 94 -6.78 13.58 28.90
C GLU D 94 -6.36 14.99 28.51
N THR D 95 -5.81 15.19 27.31
CA THR D 95 -5.49 16.54 26.87
C THR D 95 -6.25 16.85 25.58
N VAL D 96 -6.69 18.09 25.48
CA VAL D 96 -7.32 18.54 24.22
C VAL D 96 -6.44 18.21 23.03
N LEU D 97 -5.12 18.48 23.17
CA LEU D 97 -4.21 18.27 22.06
C LEU D 97 -4.21 16.83 21.60
N GLY D 98 -4.17 15.88 22.56
CA GLY D 98 -4.18 14.48 22.19
C GLY D 98 -5.50 14.01 21.66
N GLN D 99 -6.61 14.56 22.18
CA GLN D 99 -7.93 14.21 21.67
C GLN D 99 -8.09 14.59 20.20
N VAL D 100 -7.51 15.72 19.77
CA VAL D 100 -7.75 16.23 18.41
C VAL D 100 -6.68 15.79 17.44
N SER D 101 -5.80 14.87 17.87
CA SER D 101 -4.74 14.37 17.02
C SER D 101 -4.98 12.90 16.71
N GLU D 102 -4.50 12.47 15.56
CA GLU D 102 -4.48 11.06 15.21
C GLU D 102 -3.08 10.53 15.37
N VAL D 103 -2.95 9.26 15.81
CA VAL D 103 -1.62 8.64 15.84
C VAL D 103 -1.24 8.28 14.41
N ALA D 104 -0.07 8.68 13.98
CA ALA D 104 0.37 8.44 12.60
C ALA D 104 1.40 7.34 12.50
N TRP D 105 2.33 7.27 13.45
CA TRP D 105 3.39 6.27 13.47
C TRP D 105 4.02 6.29 14.84
N LEU D 106 4.37 5.09 15.36
CA LEU D 106 5.04 4.92 16.62
C LEU D 106 6.37 4.21 16.38
N GLY D 107 7.48 4.87 16.76
CA GLY D 107 8.80 4.29 16.63
C GLY D 107 9.33 3.93 18.02
N ASN D 108 9.33 2.66 18.33
CA ASN D 108 9.70 2.15 19.64
C ASN D 108 11.05 1.46 19.62
N SER D 109 11.83 1.61 20.70
CA SER D 109 13.15 0.96 20.75
C SER D 109 13.59 0.80 22.21
N LEU D 110 14.57 -0.07 22.41
CA LEU D 110 15.05 -0.44 23.72
C LEU D 110 16.55 -0.40 23.67
N HIS D 111 17.15 0.42 24.54
CA HIS D 111 18.59 0.63 24.45
C HIS D 111 19.32 -0.67 24.78
N ARG D 112 20.34 -0.98 23.97
CA ARG D 112 21.23 -2.11 24.26
C ARG D 112 22.68 -1.74 23.91
N PRO D 113 23.65 -2.47 24.45
CA PRO D 113 25.03 -2.25 24.05
C PRO D 113 25.25 -2.56 22.56
N ALA D 114 26.21 -1.85 21.96
CA ALA D 114 26.56 -2.13 20.56
C ALA D 114 27.34 -3.44 20.48
N GLU D 115 27.35 -4.04 19.30
CA GLU D 115 27.96 -5.35 19.14
C GLU D 115 29.47 -5.30 19.30
N PHE D 116 30.12 -4.33 18.63
CA PHE D 116 31.59 -4.31 18.62
C PHE D 116 32.22 -3.07 19.25
N ASN D 117 31.47 -1.99 19.46
CA ASN D 117 32.03 -0.77 20.04
C ASN D 117 31.14 -0.28 21.16
N ARG D 118 31.45 -0.69 22.38
CA ARG D 118 30.64 -0.33 23.54
C ARG D 118 30.81 1.13 23.95
N SER D 119 31.68 1.89 23.29
CA SER D 119 31.72 3.33 23.48
C SER D 119 30.68 4.06 22.61
N HIS D 120 30.02 3.36 21.67
CA HIS D 120 28.98 3.95 20.86
C HIS D 120 27.66 3.85 21.63
N LEU D 121 27.21 4.99 22.14
CA LEU D 121 26.03 5.06 22.99
C LEU D 121 25.10 6.14 22.46
N PRO D 122 23.77 5.95 22.57
CA PRO D 122 22.85 7.00 22.08
C PRO D 122 23.08 8.32 22.78
N SER D 123 22.86 9.39 22.04
CA SER D 123 22.99 10.72 22.65
C SER D 123 22.16 10.81 23.92
N PHE D 124 20.92 10.30 23.88
CA PHE D 124 20.05 10.46 25.03
C PHE D 124 20.52 9.61 26.21
N ILE D 125 21.21 8.51 25.94
CA ILE D 125 21.79 7.73 27.05
C ILE D 125 22.97 8.47 27.67
N MET D 126 23.78 9.14 26.83
CA MET D 126 24.87 9.99 27.32
C MET D 126 24.33 11.13 28.19
N GLY D 127 23.05 11.46 28.09
CA GLY D 127 22.52 12.62 28.78
C GLY D 127 22.89 13.92 28.11
N GLU D 128 23.11 13.89 26.81
CA GLU D 128 23.45 15.10 26.08
C GLU D 128 22.19 15.92 25.82
N ILE D 129 22.36 17.23 25.84
CA ILE D 129 21.27 18.16 25.55
C ILE D 129 20.72 17.86 24.16
N PRO D 130 19.41 17.81 23.98
CA PRO D 130 18.87 17.47 22.65
C PRO D 130 19.18 18.57 21.62
N GLY D 131 19.29 18.14 20.37
CA GLY D 131 19.58 19.09 19.30
C GLY D 131 18.33 19.85 18.88
N ASP D 132 18.58 21.01 18.28
CA ASP D 132 17.44 21.86 17.84
C ASP D 132 16.73 21.28 16.63
N TRP D 133 17.43 20.51 15.80
CA TRP D 133 16.80 19.84 14.66
C TRP D 133 17.01 18.33 14.76
N ILE D 134 16.01 17.57 14.31
CA ILE D 134 16.05 16.11 14.38
C ILE D 134 15.57 15.47 13.08
N THR D 135 16.07 14.27 12.82
CA THR D 135 15.49 13.35 11.85
C THR D 135 15.41 11.98 12.54
N VAL D 136 14.22 11.41 12.59
CA VAL D 136 14.05 10.05 13.09
C VAL D 136 13.55 9.17 11.97
N ALA D 137 13.97 7.90 12.01
CA ALA D 137 13.56 6.94 11.00
C ALA D 137 13.82 5.53 11.50
N PRO D 138 13.07 4.54 11.04
CA PRO D 138 13.39 3.16 11.36
C PRO D 138 14.47 2.62 10.44
N PHE D 139 14.94 1.40 10.75
CA PHE D 139 15.92 0.76 9.91
C PHE D 139 15.74 -0.73 9.95
N VAL D 140 15.89 -1.35 8.77
CA VAL D 140 15.91 -2.82 8.66
C VAL D 140 17.10 -3.19 7.80
N ARG D 141 18.04 -3.95 8.35
CA ARG D 141 19.17 -4.45 7.65
C ARG D 141 18.80 -5.59 6.70
N SER D 142 19.70 -5.86 5.76
CA SER D 142 19.57 -7.01 4.90
C SER D 142 19.48 -8.29 5.70
N TYR D 143 18.98 -9.35 5.03
CA TYR D 143 18.81 -10.61 5.74
C TYR D 143 20.13 -11.23 6.11
N ASP D 144 21.21 -10.91 5.36
CA ASP D 144 22.50 -11.59 5.62
C ASP D 144 23.41 -10.87 6.61
N TRP D 145 22.94 -9.80 7.21
CA TRP D 145 23.83 -8.85 7.88
C TRP D 145 24.37 -9.46 9.16
N TYR D 146 23.47 -10.04 9.98
CA TYR D 146 23.87 -10.49 11.33
C TYR D 146 24.57 -11.84 11.30
N ILE D 147 24.21 -12.73 10.34
CA ILE D 147 24.89 -14.01 10.19
C ILE D 147 26.18 -13.87 9.38
N MET D 148 26.45 -12.71 8.83
CA MET D 148 27.73 -12.46 8.16
C MET D 148 28.90 -12.71 9.11
N ASP D 149 30.05 -13.04 8.53
CA ASP D 149 31.29 -13.17 9.27
C ASP D 149 31.44 -11.97 10.20
N PRO D 150 31.56 -12.19 11.52
CA PRO D 150 31.63 -11.05 12.44
C PRO D 150 32.72 -10.05 12.12
N GLN D 151 33.87 -10.51 11.61
CA GLN D 151 34.97 -9.59 11.35
C GLN D 151 34.66 -8.69 10.17
N LYS D 152 33.92 -9.20 9.17
CA LYS D 152 33.57 -8.36 8.02
C LYS D 152 32.52 -7.34 8.43
N ARG D 153 31.51 -7.76 9.17
CA ARG D 153 30.53 -6.79 9.69
C ARG D 153 31.21 -5.74 10.57
N ARG D 154 32.17 -6.17 11.39
CA ARG D 154 32.89 -5.22 12.24
C ARG D 154 33.62 -4.18 11.41
N LYS D 155 34.35 -4.63 10.39
CA LYS D 155 35.08 -3.71 9.51
C LYS D 155 34.11 -2.76 8.80
N ILE D 156 32.98 -3.27 8.32
CA ILE D 156 31.99 -2.43 7.65
C ILE D 156 31.49 -1.35 8.58
N LEU D 157 31.14 -1.73 9.81
CA LEU D 157 30.64 -0.73 10.76
C LEU D 157 31.74 0.25 11.16
N ALA D 158 32.99 -0.23 11.25
CA ALA D 158 34.10 0.67 11.50
C ALA D 158 34.18 1.75 10.42
N GLU D 159 34.13 1.34 9.15
CA GLU D 159 34.20 2.30 8.05
C GLU D 159 32.99 3.21 8.05
N HIS D 160 31.80 2.63 8.27
CA HIS D 160 30.58 3.43 8.44
C HIS D 160 30.80 4.55 9.45
N GLY D 161 31.35 4.21 10.61
CA GLY D 161 31.61 5.23 11.61
C GLY D 161 32.63 6.26 11.14
N GLN D 162 33.66 5.82 10.43
CA GLN D 162 34.68 6.75 9.96
C GLN D 162 34.11 7.71 8.95
N ALA D 163 33.13 7.29 8.17
CA ALA D 163 32.53 8.17 7.17
C ALA D 163 31.79 9.34 7.80
N ALA D 164 31.37 9.20 9.06
CA ALA D 164 30.72 10.25 9.79
C ALA D 164 31.65 11.17 10.56
N ARG D 165 32.96 10.98 10.47
CA ARG D 165 33.91 11.73 11.28
C ARG D 165 33.70 13.23 11.14
N ASP D 166 33.32 13.68 9.94
CA ASP D 166 33.26 15.15 9.69
C ASP D 166 32.02 15.76 10.30
N PHE D 167 31.22 14.98 11.03
CA PHE D 167 29.93 15.46 11.55
C PHE D 167 29.83 15.25 13.07
N PRO D 168 30.86 15.64 13.82
CA PRO D 168 30.77 15.45 15.29
C PRO D 168 29.70 16.32 15.91
N ASP D 169 29.19 17.32 15.18
CA ASP D 169 28.13 18.16 15.70
C ASP D 169 26.75 17.53 15.52
N VAL D 170 26.67 16.39 14.83
CA VAL D 170 25.42 15.66 14.63
C VAL D 170 25.46 14.44 15.55
N ARG D 171 24.55 14.37 16.51
CA ARG D 171 24.54 13.33 17.53
C ARG D 171 23.63 12.19 17.11
N ALA D 172 24.17 10.97 17.18
CA ALA D 172 23.45 9.79 16.74
C ALA D 172 22.78 9.10 17.90
N ASN D 173 21.64 8.46 17.60
CA ASN D 173 20.97 7.51 18.50
C ASN D 173 20.58 6.30 17.66
N THR D 174 21.22 5.17 17.88
CA THR D 174 20.89 3.93 17.16
C THR D 174 20.46 2.90 18.22
N VAL D 175 19.21 2.45 18.12
CA VAL D 175 18.59 1.70 19.23
C VAL D 175 17.83 0.49 18.70
N PRO D 176 18.03 -0.70 19.27
CA PRO D 176 17.27 -1.86 18.81
C PRO D 176 15.76 -1.67 18.93
N ALA D 177 15.02 -2.19 17.91
CA ALA D 177 13.60 -2.01 17.84
C ALA D 177 12.88 -3.32 17.59
N PHE D 178 13.60 -4.47 17.65
CA PHE D 178 13.02 -5.77 17.39
C PHE D 178 11.80 -6.04 18.27
N ALA D 179 10.71 -6.49 17.63
CA ALA D 179 9.46 -6.91 18.32
C ALA D 179 8.65 -5.73 18.84
N LEU D 180 9.07 -4.50 18.56
CA LEU D 180 8.41 -3.31 19.10
C LEU D 180 7.70 -2.55 17.98
N GLY D 181 7.37 -3.29 16.91
CA GLY D 181 6.87 -2.78 15.69
C GLY D 181 7.48 -3.57 14.58
N ASP D 182 7.58 -2.96 13.39
CA ASP D 182 7.95 -3.71 12.21
C ASP D 182 9.42 -3.60 11.87
N TYR D 183 10.26 -3.03 12.76
CA TYR D 183 11.61 -2.67 12.37
C TYR D 183 12.65 -3.34 13.25
N GLU D 184 13.91 -3.20 12.85
CA GLU D 184 15.07 -3.71 13.59
C GLU D 184 15.76 -2.64 14.42
N TRP D 185 15.79 -1.39 13.97
CA TRP D 185 16.40 -0.32 14.71
C TRP D 185 15.58 0.95 14.57
N MET D 186 15.67 1.79 15.61
CA MET D 186 15.19 3.19 15.55
C MET D 186 16.41 4.06 15.46
N LEU D 187 16.33 5.10 14.62
CA LEU D 187 17.44 6.07 14.50
C LEU D 187 16.93 7.46 14.81
N ALA D 188 17.78 8.27 15.48
CA ALA D 188 17.49 9.67 15.66
C ALA D 188 18.80 10.44 15.55
N PHE D 189 18.84 11.41 14.66
CA PHE D 189 20.01 12.26 14.45
C PHE D 189 19.63 13.69 14.79
N GLU D 190 20.40 14.29 15.71
CA GLU D 190 20.10 15.59 16.30
C GLU D 190 21.24 16.55 15.98
N ALA D 191 20.90 17.76 15.57
CA ALA D 191 21.91 18.70 15.10
C ALA D 191 21.43 20.11 15.36
N PRO D 192 22.35 21.08 15.37
CA PRO D 192 21.93 22.49 15.53
C PRO D 192 21.37 23.11 14.25
N ARG D 193 21.65 22.54 13.07
CA ARG D 193 21.13 23.02 11.82
C ARG D 193 20.75 21.82 10.97
N LEU D 194 19.65 21.97 10.22
CA LEU D 194 19.11 20.88 9.43
C LEU D 194 20.06 20.47 8.32
N ASP D 195 20.77 21.46 7.73
CA ASP D 195 21.67 21.12 6.61
C ASP D 195 22.77 20.14 7.04
N ARG D 196 23.13 20.12 8.30
CA ARG D 196 24.15 19.15 8.77
C ARG D 196 23.64 17.72 8.69
N ILE D 197 22.35 17.54 8.97
CA ILE D 197 21.77 16.21 8.89
C ILE D 197 21.66 15.77 7.44
N VAL D 198 21.20 16.69 6.58
CA VAL D 198 21.06 16.34 5.16
C VAL D 198 22.41 15.92 4.59
N ASP D 199 23.47 16.68 4.91
CA ASP D 199 24.79 16.37 4.36
C ASP D 199 25.41 15.10 5.01
N LEU D 200 25.18 14.90 6.30
CA LEU D 200 25.54 13.58 6.89
C LEU D 200 24.94 12.42 6.11
N MET D 201 23.59 12.40 5.95
CA MET D 201 22.95 11.29 5.23
C MET D 201 23.55 11.08 3.85
N HIS D 202 23.79 12.18 3.12
CA HIS D 202 24.39 12.10 1.79
C HIS D 202 25.79 11.48 1.84
N LYS D 203 26.64 11.95 2.76
CA LYS D 203 27.99 11.36 2.89
C LYS D 203 27.92 9.88 3.27
N MET D 204 27.00 9.51 4.14
CA MET D 204 26.96 8.11 4.60
C MET D 204 26.52 7.16 3.49
N ARG D 205 26.02 7.67 2.35
CA ARG D 205 25.78 6.82 1.22
C ARG D 205 27.06 6.19 0.68
N TYR D 206 28.19 6.79 0.91
CA TYR D 206 29.50 6.38 0.37
C TYR D 206 30.17 5.36 1.28
N THR D 207 29.42 4.32 1.65
CA THR D 207 29.91 3.31 2.60
C THR D 207 29.41 1.92 2.17
N GLU D 208 30.25 0.89 2.45
CA GLU D 208 29.91 -0.45 2.10
C GLU D 208 28.66 -0.94 2.83
N ALA D 209 28.37 -0.37 4.00
CA ALA D 209 27.19 -0.77 4.75
C ALA D 209 25.92 -0.53 3.94
N ARG D 210 25.97 0.35 2.93
CA ARG D 210 24.79 0.60 2.09
C ARG D 210 24.40 -0.62 1.29
N LEU D 211 25.32 -1.57 1.13
CA LEU D 211 25.00 -2.81 0.44
C LEU D 211 24.28 -3.81 1.34
N HIS D 212 23.91 -3.40 2.57
CA HIS D 212 23.26 -4.32 3.50
C HIS D 212 22.05 -3.68 4.17
N VAL D 213 21.19 -3.09 3.36
CA VAL D 213 20.02 -2.33 3.82
C VAL D 213 18.76 -2.82 3.10
N ARG D 214 17.67 -2.98 3.84
CA ARG D 214 16.37 -3.39 3.33
C ARG D 214 15.32 -2.31 3.44
N GLU D 215 15.30 -1.54 4.52
CA GLU D 215 14.24 -0.55 4.76
C GLU D 215 14.77 0.57 5.67
N GLU D 216 14.31 1.79 5.41
CA GLU D 216 14.80 2.93 6.19
C GLU D 216 13.82 4.12 6.16
N THR D 217 12.60 3.88 5.76
CA THR D 217 11.55 4.90 5.70
C THR D 217 10.38 4.43 6.58
N PRO D 218 9.53 5.33 7.08
CA PRO D 218 9.42 6.75 6.85
C PRO D 218 10.40 7.60 7.66
N PHE D 219 10.88 8.70 7.09
CA PHE D 219 11.62 9.70 7.84
C PHE D 219 10.68 10.75 8.40
N PHE D 220 10.98 11.23 9.62
CA PHE D 220 10.28 12.36 10.21
C PHE D 220 11.32 13.36 10.66
N THR D 221 11.19 14.60 10.18
CA THR D 221 12.24 15.62 10.37
C THR D 221 11.58 16.91 10.81
N GLY D 222 12.11 17.51 11.87
CA GLY D 222 11.53 18.78 12.28
C GLY D 222 12.29 19.47 13.39
N ARG D 223 11.64 20.51 13.93
CA ARG D 223 12.28 21.48 14.79
C ARG D 223 11.81 21.30 16.23
N ARG D 224 12.75 21.14 17.13
CA ARG D 224 12.40 21.05 18.56
C ARG D 224 11.88 22.40 19.05
N VAL D 225 10.65 22.40 19.60
CA VAL D 225 10.09 23.63 20.15
C VAL D 225 10.61 23.84 21.56
N SER D 226 10.68 25.11 21.99
CA SER D 226 11.09 25.39 23.37
C SER D 226 9.95 25.21 24.35
N GLU D 227 8.70 25.43 23.91
CA GLU D 227 7.53 25.17 24.74
C GLU D 227 6.35 24.78 23.84
N VAL D 228 5.35 24.13 24.46
CA VAL D 228 4.24 23.55 23.72
C VAL D 228 3.52 24.61 22.89
N SER D 229 3.52 25.86 23.34
CA SER D 229 2.73 26.91 22.67
C SER D 229 3.19 27.05 21.22
N GLU D 230 4.49 26.98 20.98
CA GLU D 230 5.02 27.12 19.62
C GLU D 230 4.39 26.11 18.69
N LEU D 231 4.15 24.90 19.19
CA LEU D 231 3.55 23.86 18.37
C LEU D 231 2.04 24.07 18.22
N VAL D 232 1.33 24.27 19.33
CA VAL D 232 -0.13 24.31 19.31
C VAL D 232 -0.59 25.45 18.42
N ASN D 233 0.14 26.57 18.45
CA ASN D 233 -0.29 27.75 17.68
C ASN D 233 -0.07 27.59 16.18
N VAL D 234 0.74 26.61 15.72
CA VAL D 234 0.95 26.50 14.29
C VAL D 234 -0.01 25.51 13.65
N LEU D 235 -0.52 24.56 14.40
CA LEU D 235 -1.29 23.46 13.83
C LEU D 235 -2.51 23.99 13.08
N PRO D 236 -2.99 23.24 12.10
CA PRO D 236 -4.22 23.62 11.41
C PRO D 236 -5.41 23.54 12.36
N GLY D 237 -6.37 24.44 12.16
CA GLY D 237 -7.52 24.54 13.03
C GLY D 237 -8.60 23.52 12.72
N GLU E 10 29.47 28.85 -8.36
CA GLU E 10 30.52 29.10 -7.36
C GLU E 10 29.90 29.65 -6.07
N GLU E 11 29.71 30.98 -6.01
CA GLU E 11 28.85 31.52 -4.96
C GLU E 11 27.46 30.89 -5.05
N LEU E 12 27.08 30.49 -6.26
CA LEU E 12 25.81 29.80 -6.48
C LEU E 12 25.88 28.35 -5.98
N ASN E 13 27.01 27.66 -6.23
CA ASN E 13 27.20 26.31 -5.70
C ASN E 13 27.15 26.29 -4.17
N SER E 14 27.56 27.38 -3.53
CA SER E 14 27.55 27.47 -2.07
C SER E 14 26.28 28.09 -1.51
N MET E 15 25.38 28.60 -2.38
CA MET E 15 24.12 29.20 -1.95
C MET E 15 23.31 28.22 -1.13
N GLN E 16 22.55 28.74 -0.19
CA GLN E 16 21.63 27.92 0.61
C GLN E 16 20.20 28.29 0.25
N ARG E 17 19.47 27.33 -0.33
CA ARG E 17 18.05 27.43 -0.56
C ARG E 17 17.41 26.08 -0.30
N TYR E 18 16.38 26.09 0.53
CA TYR E 18 15.46 24.94 0.63
C TYR E 18 14.32 25.14 -0.40
N SER E 19 13.90 24.06 -1.02
CA SER E 19 12.80 24.05 -1.96
C SER E 19 11.78 22.97 -1.60
N GLN E 20 10.50 23.31 -1.76
CA GLN E 20 9.38 22.45 -1.42
C GLN E 20 8.35 22.45 -2.52
N PHE E 21 7.98 21.24 -2.98
CA PHE E 21 6.81 21.02 -3.84
C PHE E 21 5.71 20.56 -2.89
N ALA E 22 4.77 21.43 -2.58
CA ALA E 22 3.66 21.12 -1.69
C ALA E 22 2.47 20.79 -2.59
N VAL E 23 2.15 19.51 -2.69
CA VAL E 23 1.06 19.00 -3.53
C VAL E 23 -0.16 18.82 -2.68
N PHE E 24 -1.31 19.32 -3.16
CA PHE E 24 -2.59 19.28 -2.46
C PHE E 24 -3.67 18.62 -3.31
N ARG E 25 -4.69 18.14 -2.62
CA ARG E 25 -5.81 17.43 -3.19
C ARG E 25 -7.05 18.20 -2.77
N ALA E 26 -7.97 18.41 -3.72
CA ALA E 26 -9.24 19.06 -3.42
C ALA E 26 -10.21 18.08 -2.77
N ILE E 27 -10.87 18.51 -1.70
CA ILE E 27 -11.83 17.67 -0.99
C ILE E 27 -13.19 17.85 -1.66
N PRO E 28 -13.70 16.87 -2.39
CA PRO E 28 -14.98 17.04 -3.07
C PRO E 28 -16.07 17.49 -2.09
N GLY E 29 -16.77 18.56 -2.48
CA GLY E 29 -17.84 19.09 -1.69
C GLY E 29 -17.45 20.18 -0.71
N ALA E 30 -16.16 20.42 -0.55
CA ALA E 30 -15.71 21.38 0.47
C ALA E 30 -15.67 22.81 -0.05
N LEU E 31 -15.24 23.03 -1.28
CA LEU E 31 -15.04 24.38 -1.79
C LEU E 31 -16.36 25.06 -2.12
N GLY E 32 -17.32 24.30 -2.61
CA GLY E 32 -18.58 24.91 -3.02
C GLY E 32 -18.41 25.70 -4.32
N SER E 33 -19.45 26.43 -4.66
CA SER E 33 -19.50 27.19 -5.89
C SER E 33 -19.36 28.70 -5.67
N ASP E 34 -19.28 29.16 -4.42
CA ASP E 34 -19.10 30.57 -4.10
C ASP E 34 -17.65 30.75 -3.63
N ARG E 35 -16.77 31.06 -4.57
CA ARG E 35 -15.33 31.04 -4.34
C ARG E 35 -14.67 32.42 -4.40
N ALA E 36 -15.46 33.49 -4.59
CA ALA E 36 -14.87 34.81 -4.73
C ALA E 36 -14.06 35.20 -3.48
N GLU E 37 -14.69 35.14 -2.31
CA GLU E 37 -13.99 35.44 -1.07
C GLU E 37 -12.80 34.50 -0.86
N ILE E 38 -12.96 33.22 -1.22
CA ILE E 38 -11.85 32.27 -1.06
C ILE E 38 -10.67 32.68 -1.93
N VAL E 39 -10.93 33.08 -3.18
CA VAL E 39 -9.84 33.52 -4.05
C VAL E 39 -9.14 34.76 -3.46
N ALA E 40 -9.91 35.82 -3.15
CA ALA E 40 -9.32 37.05 -2.64
C ALA E 40 -8.45 36.78 -1.41
N GLN E 41 -8.92 35.92 -0.51
CA GLN E 41 -8.15 35.64 0.69
C GLN E 41 -6.87 34.89 0.35
N ALA E 42 -6.94 33.94 -0.57
CA ALA E 42 -5.75 33.21 -0.99
C ALA E 42 -4.75 34.14 -1.67
N GLN E 43 -5.23 35.04 -2.52
CA GLN E 43 -4.34 35.99 -3.16
C GLN E 43 -3.68 36.91 -2.15
N SER E 44 -4.42 37.30 -1.11
CA SER E 44 -3.81 38.14 -0.07
C SER E 44 -2.70 37.37 0.66
N PHE E 45 -2.93 36.08 0.94
CA PHE E 45 -1.87 35.27 1.57
C PHE E 45 -0.63 35.28 0.71
N PHE E 46 -0.78 35.04 -0.59
CA PHE E 46 0.39 35.00 -1.46
C PHE E 46 1.03 36.37 -1.59
N ASP E 47 0.23 37.43 -1.68
CA ASP E 47 0.78 38.76 -1.73
C ASP E 47 1.57 39.04 -0.45
N GLY E 48 0.99 38.69 0.70
CA GLY E 48 1.70 38.90 1.96
C GLY E 48 3.03 38.16 2.03
N LEU E 49 3.08 36.95 1.48
CA LEU E 49 4.34 36.22 1.42
C LEU E 49 5.38 36.95 0.60
N GLU E 50 4.96 37.54 -0.53
CA GLU E 50 5.90 38.19 -1.43
C GLU E 50 6.57 39.37 -0.76
N THR E 51 5.79 40.23 -0.08
CA THR E 51 6.36 41.42 0.50
C THR E 51 7.16 41.13 1.76
N ALA E 52 6.86 40.05 2.49
CA ALA E 52 7.72 39.67 3.61
C ALA E 52 9.09 39.23 3.12
N GLY E 53 9.19 38.73 1.88
CA GLY E 53 10.46 38.52 1.25
C GLY E 53 11.27 37.32 1.74
N LYS E 54 10.68 36.43 2.53
CA LYS E 54 11.38 35.24 3.01
C LYS E 54 11.17 34.02 2.09
N VAL E 55 9.97 33.83 1.58
CA VAL E 55 9.62 32.69 0.78
C VAL E 55 9.25 33.14 -0.62
N GLU E 56 9.89 32.53 -1.62
CA GLU E 56 9.65 32.85 -3.03
C GLU E 56 8.77 31.77 -3.62
N VAL E 57 7.69 32.20 -4.28
CA VAL E 57 6.79 31.25 -4.94
C VAL E 57 7.23 31.17 -6.39
N ARG E 58 7.87 30.07 -6.77
CA ARG E 58 8.29 29.91 -8.15
C ARG E 58 7.09 29.69 -9.06
N GLY E 59 6.08 28.95 -8.59
CA GLY E 59 4.90 28.76 -9.39
C GLY E 59 3.81 28.09 -8.57
N ILE E 60 2.58 28.30 -9.01
CA ILE E 60 1.44 27.52 -8.58
C ILE E 60 0.98 26.78 -9.84
N TYR E 61 0.59 25.51 -9.68
CA TYR E 61 0.37 24.64 -10.83
C TYR E 61 -0.95 23.92 -10.75
N ASP E 62 -1.68 23.90 -11.86
CA ASP E 62 -2.91 23.12 -12.03
C ASP E 62 -2.51 21.71 -12.46
N LEU E 63 -2.68 20.73 -11.54
CA LEU E 63 -2.41 19.34 -11.82
C LEU E 63 -3.60 18.53 -12.33
N ALA E 64 -4.70 19.21 -12.66
CA ALA E 64 -5.90 18.51 -13.03
C ALA E 64 -5.62 17.48 -14.13
N GLY E 65 -6.05 16.27 -13.88
CA GLY E 65 -5.95 15.23 -14.92
C GLY E 65 -4.63 14.46 -14.87
N CYS E 66 -3.69 14.88 -14.05
CA CYS E 66 -2.41 14.16 -14.02
C CYS E 66 -2.59 12.81 -13.30
N ARG E 67 -3.15 12.84 -12.09
CA ARG E 67 -3.31 11.62 -11.32
C ARG E 67 -4.48 11.72 -10.36
N ALA E 68 -5.03 10.59 -9.98
CA ALA E 68 -6.02 10.58 -8.90
C ALA E 68 -5.36 11.03 -7.60
N GLU E 69 -6.13 11.72 -6.78
CA GLU E 69 -5.66 12.16 -5.45
C GLU E 69 -4.68 13.33 -5.46
N ALA E 70 -4.57 14.09 -6.55
CA ALA E 70 -3.77 15.29 -6.56
C ALA E 70 -4.45 16.33 -7.46
N ASP E 71 -4.46 17.58 -7.03
CA ASP E 71 -5.14 18.65 -7.80
C ASP E 71 -4.31 19.89 -8.05
N PHE E 72 -3.48 20.31 -7.11
CA PHE E 72 -2.64 21.47 -7.39
C PHE E 72 -1.36 21.44 -6.59
N MET E 73 -0.44 22.34 -6.98
CA MET E 73 0.91 22.32 -6.41
C MET E 73 1.43 23.73 -6.24
N ILE E 74 2.09 23.97 -5.11
CA ILE E 74 2.83 25.19 -4.83
C ILE E 74 4.29 24.82 -4.80
N TRP E 75 5.09 25.54 -5.57
CA TRP E 75 6.56 25.42 -5.53
C TRP E 75 7.07 26.71 -4.90
N TRP E 76 7.60 26.61 -3.67
CA TRP E 76 8.19 27.78 -3.04
C TRP E 76 9.53 27.42 -2.43
N ILE E 77 10.35 28.47 -2.30
CA ILE E 77 11.77 28.38 -1.99
C ILE E 77 12.11 29.37 -0.89
N ALA E 78 13.05 28.99 -0.01
CA ALA E 78 13.45 29.88 1.07
C ALA E 78 14.86 29.54 1.49
N GLU E 79 15.50 30.50 2.15
CA GLU E 79 16.86 30.25 2.65
C GLU E 79 16.86 29.26 3.81
N GLU E 80 15.79 29.29 4.63
CA GLU E 80 15.73 28.46 5.84
C GLU E 80 14.49 27.59 5.81
N PHE E 81 14.62 26.33 6.25
CA PHE E 81 13.50 25.40 6.18
C PHE E 81 12.36 25.83 7.08
N GLU E 82 12.67 26.49 8.22
CA GLU E 82 11.63 26.97 9.12
C GLU E 82 10.75 28.01 8.44
N GLU E 83 11.32 28.78 7.53
CA GLU E 83 10.52 29.76 6.77
C GLU E 83 9.49 29.06 5.88
N ILE E 84 9.86 27.93 5.27
CA ILE E 84 8.89 27.16 4.51
C ILE E 84 7.85 26.53 5.44
N GLN E 85 8.31 25.98 6.55
CA GLN E 85 7.39 25.43 7.56
C GLN E 85 6.32 26.44 7.95
N ALA E 86 6.73 27.65 8.26
CA ALA E 86 5.79 28.70 8.67
C ALA E 86 4.79 29.05 7.57
N ALA E 87 5.28 29.19 6.32
CA ALA E 87 4.39 29.50 5.21
C ALA E 87 3.43 28.37 4.92
N PHE E 88 3.93 27.13 4.91
CA PHE E 88 3.09 25.98 4.70
C PHE E 88 2.02 25.91 5.77
N ALA E 89 2.39 26.03 7.03
CA ALA E 89 1.43 25.95 8.12
C ALA E 89 0.42 27.09 8.04
N ARG E 90 0.91 28.31 7.79
N ARG E 90 0.89 28.30 7.77
CA ARG E 90 0.03 29.47 7.67
CA ARG E 90 -0.04 29.43 7.71
C ARG E 90 -1.01 29.29 6.55
C ARG E 90 -1.02 29.29 6.55
N PHE E 91 -0.59 28.75 5.41
CA PHE E 91 -1.51 28.50 4.30
C PHE E 91 -2.62 27.52 4.71
N ARG E 92 -2.23 26.41 5.37
CA ARG E 92 -3.24 25.47 5.84
C ARG E 92 -4.08 26.06 6.96
N ARG E 93 -3.48 26.89 7.83
CA ARG E 93 -4.17 27.37 9.00
C ARG E 93 -5.10 28.54 8.73
N GLU E 94 -4.66 29.51 7.93
CA GLU E 94 -5.32 30.82 7.87
C GLU E 94 -5.99 31.12 6.54
N THR E 95 -5.93 30.25 5.53
CA THR E 95 -6.66 30.45 4.29
C THR E 95 -7.67 29.34 4.15
N VAL E 96 -8.92 29.72 3.83
CA VAL E 96 -9.96 28.74 3.57
C VAL E 96 -9.49 27.72 2.54
N LEU E 97 -8.80 28.18 1.49
CA LEU E 97 -8.33 27.25 0.46
C LEU E 97 -7.48 26.17 1.10
N GLY E 98 -6.65 26.53 2.08
CA GLY E 98 -5.84 25.51 2.78
C GLY E 98 -6.68 24.66 3.71
N GLN E 99 -7.75 25.24 4.28
CA GLN E 99 -8.60 24.49 5.19
C GLN E 99 -9.42 23.44 4.47
N VAL E 100 -9.80 23.68 3.22
CA VAL E 100 -10.66 22.78 2.47
C VAL E 100 -9.86 21.90 1.52
N SER E 101 -8.54 21.95 1.60
CA SER E 101 -7.65 21.08 0.85
C SER E 101 -6.95 20.08 1.78
N GLU E 102 -6.42 19.02 1.17
CA GLU E 102 -5.63 18.02 1.88
C GLU E 102 -4.23 17.94 1.32
N VAL E 103 -3.26 17.71 2.18
CA VAL E 103 -1.87 17.59 1.77
C VAL E 103 -1.72 16.21 1.16
N ALA E 104 -1.39 16.18 -0.16
CA ALA E 104 -1.20 14.87 -0.79
C ALA E 104 0.23 14.35 -0.65
N TRP E 105 1.20 15.22 -0.81
CA TRP E 105 2.59 14.82 -0.93
C TRP E 105 3.45 16.06 -0.82
N LEU E 106 4.58 15.91 -0.14
CA LEU E 106 5.55 17.02 0.02
C LEU E 106 6.91 16.60 -0.50
N GLY E 107 7.45 17.35 -1.46
CA GLY E 107 8.77 17.05 -1.97
C GLY E 107 9.81 18.08 -1.54
N ASN E 108 10.67 17.74 -0.57
CA ASN E 108 11.58 18.70 0.04
C ASN E 108 13.02 18.44 -0.42
N SER E 109 13.77 19.53 -0.65
CA SER E 109 15.16 19.40 -1.02
C SER E 109 15.97 20.63 -0.56
N LEU E 110 17.29 20.51 -0.67
CA LEU E 110 18.21 21.49 -0.19
C LEU E 110 19.35 21.59 -1.21
N HIS E 111 19.51 22.77 -1.83
CA HIS E 111 20.48 22.89 -2.91
C HIS E 111 21.93 22.64 -2.39
N ARG E 112 22.66 21.79 -3.13
CA ARG E 112 24.07 21.52 -2.92
C ARG E 112 24.78 21.39 -4.25
N PRO E 113 26.10 21.56 -4.27
CA PRO E 113 26.84 21.36 -5.53
C PRO E 113 26.74 19.93 -6.03
N ALA E 114 26.90 19.78 -7.36
CA ALA E 114 27.02 18.45 -7.95
C ALA E 114 28.38 17.84 -7.61
N GLU E 115 28.41 16.51 -7.52
CA GLU E 115 29.62 15.84 -7.06
C GLU E 115 30.79 16.06 -8.01
N PHE E 116 30.50 16.23 -9.32
CA PHE E 116 31.56 16.34 -10.33
C PHE E 116 31.45 17.62 -11.14
N ASN E 117 30.27 17.93 -11.67
CA ASN E 117 30.09 19.08 -12.58
C ASN E 117 29.58 20.28 -11.77
N ARG E 118 30.50 21.19 -11.42
CA ARG E 118 30.12 22.35 -10.62
C ARG E 118 29.31 23.37 -11.42
N SER E 119 29.28 23.25 -12.75
CA SER E 119 28.42 24.13 -13.55
C SER E 119 26.96 23.66 -13.54
N HIS E 120 26.71 22.39 -13.25
CA HIS E 120 25.34 21.89 -13.18
C HIS E 120 24.65 22.50 -11.97
N LEU E 121 23.73 23.44 -12.21
CA LEU E 121 23.04 24.16 -11.15
C LEU E 121 21.54 24.21 -11.45
N PRO E 122 20.71 24.19 -10.41
CA PRO E 122 19.26 24.14 -10.65
C PRO E 122 18.78 25.41 -11.36
N SER E 123 17.74 25.23 -12.18
CA SER E 123 17.18 26.38 -12.89
C SER E 123 16.69 27.46 -11.93
N PHE E 124 16.16 27.08 -10.78
CA PHE E 124 15.67 28.08 -9.83
C PHE E 124 16.81 28.78 -9.10
N ILE E 125 17.97 28.13 -8.96
CA ILE E 125 19.13 28.78 -8.38
C ILE E 125 19.72 29.79 -9.37
N MET E 126 19.71 29.45 -10.67
CA MET E 126 20.16 30.32 -11.72
C MET E 126 19.19 31.45 -12.04
N GLY E 127 18.07 31.56 -11.32
CA GLY E 127 17.13 32.62 -11.58
C GLY E 127 16.42 32.57 -12.90
N GLU E 128 16.37 31.41 -13.55
CA GLU E 128 15.73 31.35 -14.86
C GLU E 128 14.22 31.43 -14.73
N ILE E 129 13.60 32.05 -15.73
CA ILE E 129 12.12 32.16 -15.78
C ILE E 129 11.49 30.78 -15.70
N PRO E 130 10.45 30.58 -14.90
CA PRO E 130 9.86 29.24 -14.79
C PRO E 130 9.11 28.81 -16.06
N GLY E 131 9.04 27.52 -16.27
CA GLY E 131 8.41 27.02 -17.47
C GLY E 131 6.88 26.93 -17.35
N ASP E 132 6.24 27.04 -18.52
CA ASP E 132 4.80 26.90 -18.58
C ASP E 132 4.34 25.55 -18.04
N TRP E 133 5.13 24.50 -18.30
CA TRP E 133 4.79 23.13 -17.90
C TRP E 133 5.89 22.59 -17.00
N ILE E 134 5.51 21.78 -16.02
CA ILE E 134 6.47 21.22 -15.07
C ILE E 134 6.13 19.78 -14.79
N THR E 135 7.17 18.99 -14.55
N THR E 135 7.19 18.99 -14.55
CA THR E 135 7.03 17.65 -13.98
CA THR E 135 7.04 17.64 -13.99
C THR E 135 7.94 17.57 -12.79
C THR E 135 7.94 17.59 -12.78
N VAL E 136 7.40 17.11 -11.66
CA VAL E 136 8.12 16.98 -10.39
C VAL E 136 8.06 15.54 -9.98
N ALA E 137 9.20 15.05 -9.37
CA ALA E 137 9.23 13.69 -8.88
C ALA E 137 10.44 13.50 -7.95
N PRO E 138 10.38 12.54 -7.05
CA PRO E 138 11.54 12.19 -6.23
C PRO E 138 12.42 11.21 -6.97
N PHE E 139 13.59 10.92 -6.36
CA PHE E 139 14.49 9.93 -6.94
C PHE E 139 15.29 9.24 -5.86
N VAL E 140 15.47 7.93 -6.01
CA VAL E 140 16.32 7.13 -5.12
C VAL E 140 17.19 6.26 -6.00
N ARG E 141 18.50 6.40 -5.85
CA ARG E 141 19.47 5.60 -6.56
C ARG E 141 19.58 4.18 -5.97
N SER E 142 20.13 3.27 -6.77
CA SER E 142 20.45 1.94 -6.26
C SER E 142 21.37 2.05 -5.05
N TYR E 143 21.42 0.96 -4.25
CA TYR E 143 22.27 0.94 -3.06
C TYR E 143 23.76 1.07 -3.43
N ASP E 144 24.17 0.50 -4.58
CA ASP E 144 25.56 0.47 -4.99
C ASP E 144 26.06 1.78 -5.66
N TRP E 145 25.20 2.77 -5.83
CA TRP E 145 25.51 3.87 -6.72
C TRP E 145 26.64 4.75 -6.19
N TYR E 146 26.60 5.08 -4.93
CA TYR E 146 27.53 6.05 -4.37
C TYR E 146 28.86 5.40 -3.96
N ILE E 147 28.87 4.08 -3.72
CA ILE E 147 30.11 3.36 -3.49
C ILE E 147 30.73 2.86 -4.78
N MET E 148 30.07 3.09 -5.93
CA MET E 148 30.72 2.85 -7.21
C MET E 148 32.00 3.65 -7.32
N ASP E 149 32.95 3.12 -8.13
CA ASP E 149 34.15 3.88 -8.42
C ASP E 149 33.80 5.29 -8.90
N PRO E 150 34.42 6.34 -8.35
CA PRO E 150 33.94 7.71 -8.67
C PRO E 150 34.05 8.08 -10.13
N GLN E 151 35.13 7.72 -10.85
CA GLN E 151 35.16 8.11 -12.26
C GLN E 151 34.16 7.31 -13.09
N LYS E 152 33.84 6.08 -12.67
CA LYS E 152 32.78 5.34 -13.33
C LYS E 152 31.46 6.05 -13.17
N ARG E 153 31.15 6.51 -11.96
CA ARG E 153 29.94 7.30 -11.75
C ARG E 153 30.01 8.62 -12.52
N ARG E 154 31.15 9.28 -12.48
CA ARG E 154 31.34 10.51 -13.21
C ARG E 154 31.03 10.32 -14.69
N LYS E 155 31.63 9.28 -15.29
CA LYS E 155 31.40 8.99 -16.69
C LYS E 155 29.91 8.69 -16.96
N ILE E 156 29.30 7.87 -16.11
CA ILE E 156 27.88 7.55 -16.30
C ILE E 156 27.04 8.82 -16.30
N LEU E 157 27.26 9.70 -15.32
CA LEU E 157 26.49 10.95 -15.26
C LEU E 157 26.80 11.85 -16.46
N ALA E 158 28.03 11.84 -16.97
CA ALA E 158 28.35 12.66 -18.14
C ALA E 158 27.57 12.16 -19.35
N GLU E 159 27.46 10.84 -19.53
CA GLU E 159 26.72 10.30 -20.66
C GLU E 159 25.23 10.56 -20.49
N HIS E 160 24.75 10.43 -19.25
CA HIS E 160 23.40 10.85 -18.88
C HIS E 160 23.12 12.26 -19.40
N GLY E 161 23.99 13.23 -19.09
CA GLY E 161 23.74 14.58 -19.53
C GLY E 161 23.83 14.74 -21.04
N GLN E 162 24.77 14.04 -21.67
CA GLN E 162 24.89 14.10 -23.12
C GLN E 162 23.59 13.66 -23.79
N ALA E 163 22.93 12.65 -23.25
CA ALA E 163 21.69 12.15 -23.85
C ALA E 163 20.59 13.19 -23.88
N ALA E 164 20.72 14.25 -23.10
CA ALA E 164 19.75 15.35 -23.09
C ALA E 164 20.14 16.53 -23.98
N ARG E 165 21.17 16.38 -24.81
CA ARG E 165 21.65 17.52 -25.61
C ARG E 165 20.54 18.14 -26.44
N ASP E 166 19.63 17.32 -26.97
CA ASP E 166 18.60 17.84 -27.87
C ASP E 166 17.47 18.54 -27.16
N PHE E 167 17.58 18.76 -25.84
CA PHE E 167 16.49 19.35 -25.06
C PHE E 167 16.98 20.57 -24.27
N PRO E 168 17.61 21.54 -24.94
CA PRO E 168 18.06 22.75 -24.22
C PRO E 168 16.93 23.57 -23.67
N ASP E 169 15.70 23.39 -24.19
CA ASP E 169 14.54 24.15 -23.72
C ASP E 169 13.89 23.53 -22.50
N VAL E 170 14.29 22.33 -22.08
CA VAL E 170 13.84 21.73 -20.84
C VAL E 170 14.87 22.09 -19.77
N ARG E 171 14.44 22.82 -18.75
CA ARG E 171 15.32 23.25 -17.67
C ARG E 171 15.21 22.27 -16.48
N ALA E 172 16.36 21.82 -16.01
CA ALA E 172 16.45 20.75 -15.01
C ALA E 172 16.75 21.35 -13.65
N ASN E 173 16.17 20.71 -12.64
CA ASN E 173 16.49 20.99 -11.25
C ASN E 173 16.63 19.63 -10.56
N THR E 174 17.85 19.28 -10.12
CA THR E 174 18.09 18.06 -9.36
C THR E 174 18.74 18.48 -8.05
N VAL E 175 18.06 18.22 -6.94
CA VAL E 175 18.43 18.79 -5.66
C VAL E 175 18.46 17.69 -4.60
N PRO E 176 19.48 17.65 -3.74
CA PRO E 176 19.51 16.62 -2.69
C PRO E 176 18.30 16.70 -1.77
N ALA E 177 17.80 15.53 -1.36
CA ALA E 177 16.60 15.49 -0.50
C ALA E 177 16.76 14.56 0.71
N PHE E 178 17.99 14.10 0.98
CA PHE E 178 18.27 13.22 2.08
C PHE E 178 17.75 13.82 3.36
N ALA E 179 17.08 12.98 4.16
CA ALA E 179 16.49 13.31 5.47
C ALA E 179 15.33 14.31 5.42
N LEU E 180 14.90 14.77 4.22
CA LEU E 180 13.79 15.70 4.17
C LEU E 180 12.51 15.01 3.72
N GLY E 181 12.39 13.75 4.03
CA GLY E 181 11.38 12.82 3.56
C GLY E 181 12.05 11.52 3.18
N ASP E 182 11.37 10.74 2.30
CA ASP E 182 11.76 9.35 2.06
C ASP E 182 12.70 9.20 0.88
N TYR E 183 13.28 10.27 0.38
CA TYR E 183 13.96 10.23 -0.92
C TYR E 183 15.38 10.78 -0.86
N GLU E 184 16.12 10.56 -1.92
CA GLU E 184 17.50 11.03 -2.04
C GLU E 184 17.63 12.33 -2.84
N TRP E 185 16.78 12.52 -3.84
CA TRP E 185 16.83 13.72 -4.68
C TRP E 185 15.40 14.12 -5.00
N MET E 186 15.22 15.44 -5.21
CA MET E 186 14.02 16.03 -5.81
C MET E 186 14.38 16.47 -7.23
N LEU E 187 13.52 16.16 -8.17
CA LEU E 187 13.69 16.56 -9.57
C LEU E 187 12.54 17.45 -9.98
N ALA E 188 12.85 18.47 -10.75
CA ALA E 188 11.80 19.28 -11.42
C ALA E 188 12.31 19.60 -12.81
N PHE E 189 11.50 19.37 -13.82
CA PHE E 189 11.81 19.72 -15.20
C PHE E 189 10.74 20.68 -15.66
N GLU E 190 11.17 21.78 -16.25
CA GLU E 190 10.32 22.90 -16.63
C GLU E 190 10.52 23.14 -18.11
N ALA E 191 9.43 23.30 -18.86
CA ALA E 191 9.55 23.41 -20.30
C ALA E 191 8.41 24.25 -20.83
N PRO E 192 8.52 24.78 -22.06
CA PRO E 192 7.41 25.58 -22.63
C PRO E 192 6.27 24.72 -23.16
N ARG E 193 6.49 23.41 -23.33
CA ARG E 193 5.47 22.53 -23.88
C ARG E 193 5.60 21.21 -23.16
N LEU E 194 4.46 20.59 -22.84
CA LEU E 194 4.50 19.32 -22.11
C LEU E 194 5.23 18.26 -22.91
N ASP E 195 5.06 18.24 -24.24
CA ASP E 195 5.62 17.13 -25.02
C ASP E 195 7.13 17.09 -24.95
N ARG E 196 7.77 18.24 -24.74
CA ARG E 196 9.23 18.25 -24.57
C ARG E 196 9.65 17.45 -23.36
N ILE E 197 8.90 17.59 -22.28
CA ILE E 197 9.26 16.85 -21.06
C ILE E 197 9.07 15.35 -21.24
N VAL E 198 8.01 14.97 -21.91
CA VAL E 198 7.75 13.55 -22.19
C VAL E 198 8.90 13.00 -23.01
N ASP E 199 9.26 13.69 -24.10
CA ASP E 199 10.28 13.16 -24.99
C ASP E 199 11.66 13.13 -24.30
N LEU E 200 11.96 14.09 -23.44
CA LEU E 200 13.21 14.07 -22.70
C LEU E 200 13.30 12.80 -21.83
N MET E 201 12.27 12.53 -21.06
CA MET E 201 12.32 11.32 -20.18
C MET E 201 12.48 10.04 -21.00
N HIS E 202 11.79 9.96 -22.14
CA HIS E 202 11.88 8.80 -23.01
C HIS E 202 13.32 8.64 -23.48
N LYS E 203 13.92 9.73 -24.01
CA LYS E 203 15.31 9.69 -24.47
C LYS E 203 16.26 9.32 -23.34
N MET E 204 16.03 9.87 -22.14
CA MET E 204 16.94 9.64 -21.02
C MET E 204 16.90 8.22 -20.50
N ARG E 205 15.94 7.39 -20.94
CA ARG E 205 15.93 5.97 -20.59
C ARG E 205 17.05 5.22 -21.28
N TYR E 206 17.63 5.81 -22.31
CA TYR E 206 18.67 5.17 -23.10
C TYR E 206 20.05 5.53 -22.54
N THR E 207 20.25 5.20 -21.27
CA THR E 207 21.46 5.60 -20.56
C THR E 207 21.85 4.51 -19.55
N GLU E 208 23.15 4.37 -19.36
CA GLU E 208 23.66 3.42 -18.40
C GLU E 208 23.23 3.76 -16.98
N ALA E 209 23.02 5.05 -16.67
CA ALA E 209 22.57 5.46 -15.36
C ALA E 209 21.28 4.73 -14.94
N ARG E 210 20.46 4.30 -15.90
CA ARG E 210 19.19 3.63 -15.57
C ARG E 210 19.41 2.27 -14.91
N LEU E 211 20.62 1.71 -15.01
CA LEU E 211 20.96 0.47 -14.28
C LEU E 211 21.20 0.72 -12.84
N HIS E 212 20.98 1.93 -12.33
CA HIS E 212 21.32 2.25 -10.95
C HIS E 212 20.24 3.08 -10.33
N VAL E 213 19.01 2.58 -10.41
CA VAL E 213 17.80 3.29 -9.96
C VAL E 213 16.98 2.38 -9.09
N ARG E 214 16.40 2.96 -8.02
CA ARG E 214 15.50 2.18 -7.16
C ARG E 214 14.08 2.70 -7.10
N GLU E 215 13.88 4.02 -7.11
CA GLU E 215 12.53 4.58 -6.99
C GLU E 215 12.51 5.93 -7.71
N GLU E 216 11.40 6.24 -8.32
CA GLU E 216 11.27 7.51 -9.03
C GLU E 216 9.83 8.02 -9.11
N THR E 217 8.91 7.51 -8.33
CA THR E 217 7.52 7.90 -8.28
C THR E 217 7.17 8.34 -6.86
N PRO E 218 6.17 9.18 -6.66
CA PRO E 218 5.16 9.66 -7.61
C PRO E 218 5.61 10.82 -8.53
N PHE E 219 5.06 10.91 -9.71
CA PHE E 219 5.21 12.03 -10.62
C PHE E 219 4.04 12.98 -10.46
N PHE E 220 4.33 14.28 -10.52
CA PHE E 220 3.31 15.33 -10.53
C PHE E 220 3.58 16.26 -11.70
N THR E 221 2.60 16.38 -12.59
CA THR E 221 2.75 17.15 -13.83
C THR E 221 1.58 18.10 -13.98
N GLY E 222 1.89 19.35 -14.39
CA GLY E 222 0.84 20.36 -14.41
C GLY E 222 1.28 21.63 -15.12
N ARG E 223 0.30 22.52 -15.28
CA ARG E 223 0.48 23.78 -16.00
C ARG E 223 0.59 24.93 -15.00
N ARG E 224 1.61 25.79 -15.18
CA ARG E 224 1.75 26.95 -14.31
C ARG E 224 0.65 27.94 -14.61
N VAL E 225 -0.01 28.42 -13.57
CA VAL E 225 -1.04 29.46 -13.71
C VAL E 225 -0.45 30.81 -13.37
N SER E 226 -1.14 31.87 -13.75
CA SER E 226 -0.65 33.23 -13.56
C SER E 226 -1.10 33.83 -12.24
N GLU E 227 -2.22 33.35 -11.70
CA GLU E 227 -2.72 33.86 -10.43
C GLU E 227 -3.64 32.80 -9.84
N VAL E 228 -3.87 32.92 -8.52
CA VAL E 228 -4.56 31.86 -7.78
C VAL E 228 -5.99 31.67 -8.32
N SER E 229 -6.62 32.77 -8.74
CA SER E 229 -7.97 32.68 -9.29
C SER E 229 -8.04 31.63 -10.39
N GLU E 230 -7.06 31.63 -11.29
CA GLU E 230 -7.03 30.66 -12.38
C GLU E 230 -7.18 29.25 -11.85
N LEU E 231 -6.46 28.91 -10.78
CA LEU E 231 -6.46 27.58 -10.22
C LEU E 231 -7.74 27.30 -9.44
N VAL E 232 -8.13 28.20 -8.53
CA VAL E 232 -9.28 27.92 -7.70
C VAL E 232 -10.52 27.66 -8.54
N ASN E 233 -10.69 28.39 -9.64
CA ASN E 233 -11.91 28.26 -10.44
C ASN E 233 -12.01 26.91 -11.17
N VAL E 234 -10.93 26.17 -11.34
CA VAL E 234 -11.02 24.87 -11.98
C VAL E 234 -11.30 23.73 -11.01
N LEU E 235 -11.13 23.93 -9.71
CA LEU E 235 -11.15 22.81 -8.77
C LEU E 235 -12.54 22.20 -8.70
N PRO E 236 -12.64 20.91 -8.35
CA PRO E 236 -13.94 20.23 -8.43
C PRO E 236 -15.02 20.84 -7.61
N GLY E 237 -14.69 21.38 -6.45
CA GLY E 237 -15.77 22.01 -5.67
C GLY E 237 -16.45 21.05 -4.71
O1A FEC F . 0.66 -22.04 -13.36
CGA FEC F . 0.43 -22.67 -14.44
O2A FEC F . 1.06 -22.51 -15.49
CBA FEC F . -0.92 -23.33 -14.39
CAA FEC F . -1.81 -22.79 -13.29
C3A FEC F . -1.68 -23.48 -11.91
C2A FEC F . -1.35 -22.89 -10.71
C1A FEC F . -1.48 -23.95 -9.70
CHA FEC F . -1.20 -23.89 -8.34
C4D FEC F . -1.79 -24.77 -7.46
ND FEC F . -2.32 -26.01 -7.72
C1D FEC F . -2.79 -26.59 -6.52
CHD FEC F . -3.45 -27.82 -6.44
C4C FEC F . -3.37 -28.78 -7.47
C3C FEC F . -3.81 -30.14 -7.29
C2C FEC F . -3.51 -30.81 -8.47
C1C FEC F . -2.90 -29.86 -9.37
CHC FEC F . -2.41 -30.10 -10.64
C4B FEC F . -2.36 -29.07 -11.56
C3B FEC F . -2.40 -29.32 -12.96
C2B FEC F . -2.36 -28.09 -13.63
C1B FEC F . -2.32 -27.11 -12.56
NB FEC F . -2.31 -27.73 -11.30
FE FEC F . -2.16 -26.92 -9.48
NA FEC F . -1.81 -25.16 -10.32
C4A FEC F . -2.03 -24.87 -11.65
CHB FEC F . -2.33 -25.72 -12.70
NC FEC F . -2.83 -28.64 -8.72
CMB FEC F . -2.42 -27.75 -15.17
CAB FEC F . -2.41 -30.67 -13.59
CBB FEC F . -0.96 -31.21 -13.58
CGB FEC F . -0.83 -32.63 -14.13
O1B FEC F . -0.11 -32.85 -15.09
O2B FEC F . -1.20 -33.55 -13.28
CAC FEC F . -3.73 -32.27 -8.77
CBC FEC F . -5.20 -32.58 -9.03
CGC FEC F . -5.79 -31.90 -10.26
O1C FEC F . -6.76 -31.18 -10.23
O2C FEC F . -5.22 -32.24 -11.39
CMC FEC F . -4.47 -30.75 -5.98
C2D FEC F . -2.58 -25.60 -5.45
C3D FEC F . -1.91 -24.52 -6.04
CAD FEC F . -1.47 -23.28 -5.31
CBD FEC F . -0.31 -23.54 -4.37
CGD FEC F . 1.04 -23.68 -5.07
O1D FEC F . 1.92 -24.37 -4.64
O2D FEC F . 1.03 -23.30 -6.31
CMD FEC F . -2.96 -25.79 -3.93
CMA FEC F . -0.95 -21.37 -10.49
H1A FEC F . 0.60 -22.33 -12.55
HBA1 FEC F . -1.36 -23.25 -15.25
HBA2 FEC F . -0.83 -24.29 -14.32
HAA1 FEC F . -2.74 -22.81 -13.57
HAA2 FEC F . -1.68 -21.83 -13.18
HHA FEC F . -0.60 -23.25 -8.02
HHD FEC F . -3.96 -28.03 -5.68
HHC FEC F . -2.13 -30.95 -10.87
HHB FEC F . -2.55 -25.35 -13.52
HMB1 FEC F . -2.70 -26.93 -15.62
HMB2 FEC F . -1.71 -27.74 -15.83
HMB3 FEC F . -2.93 -28.18 -15.88
HAB1 FEC F . -2.78 -30.65 -14.49
HAB2 FEC F . -3.03 -31.27 -13.15
HBB1 FEC F . -0.38 -30.60 -14.06
HBB2 FEC F . -0.59 -31.16 -12.69
H2B FEC F . -0.67 -33.71 -12.65
HAC1 FEC F . -3.37 -32.82 -8.06
HAC2 FEC F . -3.18 -32.54 -9.52
HBC1 FEC F . -5.73 -32.37 -8.24
HBC2 FEC F . -5.34 -33.54 -9.07
H2C FEC F . -4.39 -32.03 -11.48
HMC1 FEC F . -4.67 -31.70 -5.89
HMC2 FEC F . -4.06 -30.70 -5.11
HMC3 FEC F . -5.34 -30.49 -5.66
HAD1 FEC F . -1.26 -22.57 -5.94
HAD2 FEC F . -2.22 -22.87 -4.84
HBD1 FEC F . -0.49 -24.32 -3.82
HBD2 FEC F . -0.27 -22.85 -3.68
H2D FEC F . 1.59 -22.69 -6.55
HMD1 FEC F . -2.51 -26.42 -3.33
HMD2 FEC F . -2.91 -25.08 -3.26
HMD3 FEC F . -3.84 -26.05 -3.61
HMA1 FEC F . -0.90 -20.65 -11.15
HMA2 FEC F . -0.12 -21.01 -10.16
HMA3 FEC F . -1.38 -20.71 -9.92
O1A FEC G . 9.47 -0.70 -25.61
CGA FEC G . 8.32 -1.30 -25.49
O2A FEC G . 7.95 -1.91 -24.49
CBA FEC G . 7.30 -0.75 -26.44
CAA FEC G . 5.92 -0.68 -25.81
C3A FEC G . 5.11 -1.96 -25.84
C2A FEC G . 4.63 -2.69 -24.73
C1A FEC G . 3.85 -3.77 -25.31
CHA FEC G . 3.18 -4.81 -24.67
C4D FEC G . 2.13 -5.46 -25.29
ND FEC G . 1.83 -5.58 -26.62
C1D FEC G . 0.68 -6.35 -26.80
CHD FEC G . 0.05 -6.57 -28.04
C4C FEC G . 0.74 -6.39 -29.23
C3C FEC G . 0.22 -6.93 -30.46
C2C FEC G . 1.17 -6.65 -31.43
C1C FEC G . 2.24 -5.90 -30.82
CHC FEC G . 3.42 -5.45 -31.39
C4B FEC G . 4.12 -4.40 -30.81
C3B FEC G . 5.00 -3.58 -31.55
C2B FEC G . 5.54 -2.60 -30.70
C1B FEC G . 4.89 -2.82 -29.43
NB FEC G . 4.04 -3.93 -29.53
FE FEC G . 3.01 -4.86 -28.08
NA FEC G . 3.90 -3.72 -26.73
C4A FEC G . 4.65 -2.61 -27.05
CHB FEC G . 4.99 -2.09 -28.29
NC FEC G . 1.96 -5.81 -29.46
CMB FEC G . 6.48 -1.40 -31.12
CAB FEC G . 5.34 -3.78 -32.99
CBB FEC G . 6.33 -4.91 -33.10
CGB FEC G . 6.45 -5.47 -34.51
O1B FEC G . 5.69 -6.31 -34.96
O2B FEC G . 7.66 -5.29 -34.95
CAC FEC G . 1.11 -7.07 -32.87
CBC FEC G . 0.19 -6.17 -33.71
CGC FEC G . 0.60 -4.72 -33.74
O1C FEC G . 1.68 -4.34 -34.17
O2C FEC G . -0.44 -3.92 -33.66
CMC FEC G . -1.12 -7.80 -30.56
C2D FEC G . 0.20 -6.72 -25.47
C3D FEC G . 1.13 -6.19 -24.56
CAD FEC G . 1.07 -6.34 -23.05
CBD FEC G . 1.45 -7.74 -22.59
CGD FEC G . 2.94 -7.98 -22.68
O1D FEC G . 3.72 -7.10 -23.01
O2D FEC G . 3.22 -9.26 -22.86
CMD FEC G . -1.08 -7.65 -25.17
CMA FEC G . 4.84 -2.45 -23.18
H1A FEC G . 9.88 -0.55 -26.33
HBA1 FEC G . 7.58 0.10 -26.79
HBA2 FEC G . 7.28 -1.28 -27.26
HAA1 FEC G . 5.99 -0.36 -24.89
HAA2 FEC G . 5.41 0.04 -26.22
HHA FEC G . 3.44 -5.05 -23.82
HHD FEC G . -0.84 -6.84 -28.07
HHC FEC G . 3.73 -5.86 -32.16
HHB FEC G . 5.31 -1.22 -28.34
HMB1 FEC G . 6.29 -0.65 -31.70
HMB2 FEC G . 7.33 -1.41 -31.57
HMB3 FEC G . 6.91 -0.73 -30.56
HAB1 FEC G . 4.54 -3.94 -33.52
HAB2 FEC G . 5.67 -2.97 -33.39
HBB1 FEC G . 6.10 -5.62 -32.48
HBB2 FEC G . 7.20 -4.63 -32.79
H2B FEC G . 7.92 -4.49 -35.04
HAC1 FEC G . 2.01 -7.09 -33.26
HAC2 FEC G . 0.85 -8.00 -32.95
HBC1 FEC G . -0.72 -6.26 -33.39
HBC2 FEC G . 0.11 -6.52 -34.61
H2C FEC G . -0.85 -3.94 -32.90
HMC1 FEC G . -1.26 -8.64 -30.09
HMC2 FEC G . -1.46 -8.18 -31.40
HMC3 FEC G . -2.00 -7.47 -30.31
HAD1 FEC G . 1.63 -5.67 -22.62
HAD2 FEC G . 0.20 -6.09 -22.71
HBD1 FEC G . 0.96 -8.41 -23.09
HBD2 FEC G . 1.14 -7.90 -21.70
H2D FEC G . 3.02 -9.79 -22.21
HMD1 FEC G . -1.12 -8.59 -25.36
HMD2 FEC G . -1.96 -7.51 -25.55
HMD3 FEC G . -1.47 -7.78 -24.29
HMA1 FEC G . 4.55 -3.02 -22.44
HMA2 FEC G . 5.67 -2.36 -22.69
HMA3 FEC G . 4.52 -1.72 -22.63
O1A FEC H . 9.80 -24.24 8.62
CGA FEC H . 9.55 -23.23 9.45
O2A FEC H . 9.94 -22.12 9.31
CBA FEC H . 9.00 -23.66 10.77
CAA FEC H . 8.30 -22.51 11.48
C3A FEC H . 9.13 -21.60 12.34
C2A FEC H . 9.35 -20.23 12.15
C1A FEC H . 10.15 -19.80 13.31
CHA FEC H . 10.69 -18.56 13.58
C4D FEC H . 10.97 -18.18 14.92
ND FEC H . 11.24 -18.97 16.01
C1D FEC H . 11.45 -18.19 17.14
CHD FEC H . 11.70 -18.70 18.42
C4C FEC H . 12.05 -20.05 18.59
C3C FEC H . 12.59 -20.49 19.85
C2C FEC H . 12.91 -21.83 19.68
C1C FEC H . 12.54 -22.21 18.34
CHC FEC H . 12.73 -23.43 17.70
C4B FEC H . 11.91 -23.82 16.67
C3B FEC H . 11.64 -25.19 16.35
C2B FEC H . 10.77 -25.22 15.24
C1B FEC H . 10.52 -23.82 14.94
NB FEC H . 11.21 -23.01 15.82
FE FEC H . 11.38 -20.98 15.87
NA FEC H . 10.40 -20.92 14.13
C4A FEC H . 9.75 -21.98 13.57
CHB FEC H . 9.68 -23.31 13.97
NC FEC H . 12.07 -21.08 17.68
CMB FEC H . 10.12 -26.49 14.58
CAB FEC H . 12.23 -26.38 17.04
CBB FEC H . 13.75 -26.52 16.65
CGB FEC H . 14.52 -27.61 17.39
O1B FEC H . 15.32 -27.34 18.27
O2B FEC H . 14.63 -28.68 16.66
CAC FEC H . 13.51 -22.77 20.73
CBC FEC H . 12.51 -23.27 21.76
CGC FEC H . 11.29 -23.95 21.18
O1C FEC H . 10.16 -23.72 21.57
O2C FEC H . 11.56 -25.01 20.44
CMC FEC H . 12.76 -19.60 21.16
C2D FEC H . 11.36 -16.83 16.76
C3D FEC H . 11.04 -16.82 15.37
CAD FEC H . 10.81 -15.59 14.53
CBD FEC H . 12.10 -14.89 14.18
CGD FEC H . 13.00 -15.70 13.29
O1D FEC H . 12.60 -16.38 12.36
O2D FEC H . 14.26 -15.50 13.54
CMD FEC H . 11.42 -15.59 17.77
CMA FEC H . 8.83 -19.36 10.92
H1A FEC H . 10.42 -24.81 8.69
HBA1 FEC H . 8.42 -24.42 10.68
HBA2 FEC H . 9.70 -24.04 11.33
HAA1 FEC H . 7.83 -21.97 10.82
HAA2 FEC H . 7.56 -22.85 12.01
HHA FEC H . 10.89 -17.98 12.89
HHD FEC H . 11.63 -18.15 19.17
HHC FEC H . 13.41 -24.00 17.98
HHB FEC H . 9.05 -23.88 13.58
HMB1 FEC H . 9.50 -27.14 14.95
HMB2 FEC H . 9.53 -26.55 13.80
HMB3 FEC H . 10.53 -27.28 14.18
HAB1 FEC H . 11.74 -27.19 16.83
HAB2 FEC H . 12.12 -26.32 18.00
HBB1 FEC H . 13.84 -26.65 15.69
HBB2 FEC H . 14.20 -25.66 16.76
H2B FEC H . 14.68 -29.42 17.08
HAC1 FEC H . 13.96 -23.51 20.29
HAC2 FEC H . 14.26 -22.33 21.17
HBC1 FEC H . 12.93 -23.85 22.39
HBC2 FEC H . 12.23 -22.54 22.33
H2C FEC H . 12.38 -25.30 20.49
HMC1 FEC H . 13.10 -19.93 21.99
HMC2 FEC H . 12.01 -19.15 21.59
HMC3 FEC H . 13.32 -18.80 21.19
HAD1 FEC H . 10.19 -14.99 14.97
HAD2 FEC H . 10.31 -15.81 13.73
HBD1 FEC H . 12.56 -14.62 14.98
HBD2 FEC H . 11.92 -14.02 13.78
H2D FEC H . 14.77 -15.23 12.91
HMD1 FEC H . 10.78 -15.44 18.49
HMD2 FEC H . 12.17 -15.41 18.37
HMD3 FEC H . 11.39 -14.66 17.50
HMA1 FEC H . 8.31 -19.65 10.16
HMA2 FEC H . 8.24 -18.59 10.93
HMA3 FEC H . 9.35 -18.86 10.28
C1 PEG I . -11.34 -11.74 30.07
O1 PEG I . -12.62 -11.93 30.66
C2 PEG I . -10.69 -13.04 29.68
O2 PEG I . -9.59 -13.30 30.57
C3 PEG I . -8.34 -13.38 29.90
C4 PEG I . -7.82 -11.99 29.61
O4 PEG I . -6.43 -11.98 29.26
H11 PEG I . -10.77 -11.29 30.71
H12 PEG I . -11.44 -11.19 29.27
HO1 PEG I . -13.16 -12.38 30.17
H21 PEG I . -10.37 -12.98 28.77
H22 PEG I . -11.33 -13.77 29.75
H31 PEG I . -8.44 -13.88 29.07
H32 PEG I . -7.70 -13.84 30.47
H41 PEG I . -7.95 -11.44 30.39
H42 PEG I . -8.34 -11.62 28.88
HO4 PEG I . -5.94 -12.31 29.86
O1A FEC J . 22.96 -1.87 11.71
CGA FEC J . 23.56 -2.34 12.77
O2A FEC J . 23.72 -3.53 12.97
CBA FEC J . 23.74 -1.30 13.80
CAA FEC J . 22.67 -0.22 13.77
C3A FEC J . 23.03 1.05 12.99
C2A FEC J . 22.38 1.53 11.85
C1A FEC J . 23.08 2.77 11.52
CHA FEC J . 22.89 3.63 10.46
C4D FEC J . 23.30 4.97 10.53
ND FEC J . 24.26 5.54 11.31
C1D FEC J . 24.31 6.91 11.07
CHD FEC J . 25.15 7.77 11.73
C4C FEC J . 26.27 7.33 12.44
C3C FEC J . 27.30 8.23 12.84
C2C FEC J . 28.26 7.45 13.46
C1C FEC J . 27.83 6.08 13.44
CHC FEC J . 28.47 4.95 13.93
C4B FEC J . 27.74 3.82 14.28
C3B FEC J . 28.24 2.85 15.23
C2B FEC J . 27.26 1.86 15.43
C1B FEC J . 26.17 2.25 14.54
NB FEC J . 26.49 3.43 13.86
FE FEC J . 25.48 4.47 12.45
NA FEC J . 24.16 2.96 12.41
C4A FEC J . 24.10 1.91 13.32
CHB FEC J . 24.95 1.62 14.40
NC FEC J . 26.62 6.04 12.77
CMB FEC J . 27.35 0.54 16.32
CAB FEC J . 29.59 2.92 15.86
CBB FEC J . 30.65 2.58 14.81
CGB FEC J . 32.08 2.49 15.37
O1B FEC J . 32.55 1.43 15.69
O2B FEC J . 32.79 3.52 15.02
CAC FEC J . 29.56 7.94 14.04
CBC FEC J . 29.43 8.55 15.44
CGC FEC J . 28.84 7.60 16.49
O1C FEC J . 29.36 6.57 16.86
O2C FEC J . 27.81 8.12 17.12
CMC FEC J . 27.34 9.80 12.61
C2D FEC J . 23.31 7.21 10.06
C3D FEC J . 22.67 6.02 9.74
CAD FEC J . 21.57 5.82 8.73
CBD FEC J . 22.07 5.95 7.31
CGD FEC J . 22.78 4.69 6.82
O1D FEC J . 22.71 3.63 7.38
O2D FEC J . 23.65 4.91 5.91
CMD FEC J . 22.93 8.67 9.44
CMA FEC J . 21.12 0.88 11.12
H1A FEC J . 22.93 -1.08 11.44
HBA1 FEC J . 23.80 -1.70 14.68
HBA2 FEC J . 24.62 -0.90 13.73
HAA1 FEC J . 22.41 0.02 14.68
HAA2 FEC J . 21.84 -0.59 13.43
HHA FEC J . 22.49 3.32 9.68
HHD FEC J . 24.97 8.69 11.69
HHC FEC J . 29.40 4.94 14.02
HHB FEC J . 24.68 1.01 15.03
HMB1 FEC J . 27.88 -0.26 16.19
HMB2 FEC J . 27.63 0.44 17.24
HMB3 FEC J . 26.65 -0.07 16.58
HAB1 FEC J . 29.75 3.77 16.28
HAB2 FEC J . 29.65 2.32 16.63
HBB1 FEC J . 30.42 1.77 14.35
HBB2 FEC J . 30.62 3.23 14.10
H2B FEC J . 32.86 3.68 14.19
HAC1 FEC J . 30.22 7.23 14.05
HAC2 FEC J . 29.98 8.58 13.44
HBC1 FEC J . 28.90 9.37 15.40
HBC2 FEC J . 30.28 8.89 15.74
H2C FEC J . 27.13 7.63 17.21
HMC1 FEC J . 28.05 10.37 12.97
HMC2 FEC J . 26.65 10.40 12.92
HMC3 FEC J . 27.38 10.22 11.74
HAD1 FEC J . 21.12 4.97 8.88
HAD2 FEC J . 20.83 6.43 8.90
HBD1 FEC J . 21.34 6.18 6.71
HBD2 FEC J . 22.63 6.72 7.21
H2D FEC J . 24.25 5.51 6.04
HMD1 FEC J . 22.15 8.84 8.89
HMD2 FEC J . 22.75 9.46 9.97
HMD3 FEC J . 23.50 9.16 8.84
HMA1 FEC J . 20.62 0.10 11.38
HMA2 FEC J . 20.26 1.27 10.94
HMA3 FEC J . 21.06 0.52 10.22
O1A FEC K . 21.68 10.72 -9.12
CGA FEC K . 22.78 11.37 -8.89
O2A FEC K . 23.75 10.89 -8.27
CBA FEC K . 22.62 12.85 -9.14
CAA FEC K . 21.15 13.27 -9.18
C3A FEC K . 20.50 13.19 -10.53
C2A FEC K . 19.41 12.39 -10.87
C1A FEC K . 19.12 12.74 -12.28
CHA FEC K . 18.17 12.21 -13.13
C4D FEC K . 17.65 12.95 -14.19
ND FEC K . 18.26 13.95 -14.90
C1D FEC K . 17.39 14.39 -15.90
CHD FEC K . 17.69 15.44 -16.76
C4C FEC K . 19.00 15.85 -16.97
C3C FEC K . 19.39 16.62 -18.11
C2C FEC K . 20.76 16.81 -18.03
C1C FEC K . 21.23 16.16 -16.84
CHC FEC K . 22.52 16.06 -16.35
C4B FEC K . 22.76 15.87 -14.97
C3B FEC K . 23.96 16.29 -14.31
C2B FEC K . 23.84 16.00 -12.93
C1B FEC K . 22.55 15.35 -12.80
NB FEC K . 21.92 15.32 -14.04
FE FEC K . 20.14 14.53 -14.55
NA FEC K . 20.05 13.68 -12.72
C4A FEC K . 20.88 13.99 -11.69
CHB FEC K . 21.93 14.90 -11.66
NC FEC K . 20.14 15.57 -16.23
CMB FEC K . 24.94 16.19 -11.80
CAB FEC K . 25.14 16.94 -14.95
CBB FEC K . 26.00 15.93 -15.69
CGB FEC K . 26.96 16.56 -16.69
O1B FEC K . 26.59 17.10 -17.71
O2B FEC K . 28.19 16.20 -16.48
CAC FEC K . 21.61 17.56 -19.03
CBC FEC K . 22.41 18.69 -18.42
CGC FEC K . 21.55 19.79 -17.85
O1C FEC K . 20.52 20.16 -18.38
O2C FEC K . 21.88 20.11 -16.62
CMC FEC K . 18.42 17.18 -19.28
C2D FEC K . 16.19 13.61 -15.82
C3D FEC K . 16.36 12.70 -14.76
CAD FEC K . 15.38 11.67 -14.30
CBD FEC K . 15.23 10.51 -15.28
CGD FEC K . 16.41 9.56 -15.34
O1D FEC K . 16.72 8.94 -16.33
O2D FEC K . 16.88 9.25 -14.17
CMD FEC K . 14.85 13.77 -16.70
CMA FEC K . 18.58 11.36 -10.01
H1A FEC K . 21.20 10.79 -9.80
HBA1 FEC K . 23.11 13.37 -8.49
HBA2 FEC K . 23.07 13.11 -9.95
HAA1 FEC K . 21.06 14.16 -8.82
HAA2 FEC K . 20.64 12.75 -8.54
HHA FEC K . 17.87 11.34 -12.98
HHD FEC K . 16.99 15.88 -17.20
HHC FEC K . 23.24 16.10 -16.94
HHB FEC K . 22.23 15.21 -10.83
HMB1 FEC K . 25.77 15.71 -11.66
HMB2 FEC K . 24.86 16.12 -10.84
HMB3 FEC K . 25.48 16.97 -11.59
HAB1 FEC K . 25.67 17.43 -14.31
HAB2 FEC K . 24.86 17.65 -15.55
HBB1 FEC K . 26.49 15.38 -15.07
HBB2 FEC K . 25.45 15.27 -16.14
H2B FEC K . 28.50 16.33 -15.69
HAC1 FEC K . 22.21 16.94 -19.49
HAC2 FEC K . 21.06 17.89 -19.75
HBC1 FEC K . 23.04 19.05 -19.06
HBC2 FEC K . 23.01 18.35 -17.74
H2C FEC K . 21.26 20.46 -16.15
HMC1 FEC K . 18.72 17.77 -19.98
HMC2 FEC K . 17.63 17.72 -19.10
HMC3 FEC K . 17.95 16.60 -19.89
HAD1 FEC K . 14.51 12.06 -14.11
HAD2 FEC K . 15.62 11.33 -13.42
HBD1 FEC K . 14.41 10.03 -15.11
HBD2 FEC K . 15.04 10.86 -16.18
H2D FEC K . 16.92 8.44 -13.96
HMD1 FEC K . 13.96 13.86 -16.32
HMD2 FEC K . 14.69 14.50 -17.31
HMD3 FEC K . 14.55 13.12 -17.35
HMA1 FEC K . 17.66 11.08 -10.13
HMA2 FEC K . 18.35 11.41 -9.07
HMA3 FEC K . 18.75 10.42 -9.84
#